data_9BTH
#
_entry.id   9BTH
#
_cell.length_a   1.00
_cell.length_b   1.00
_cell.length_c   1.00
_cell.angle_alpha   90.00
_cell.angle_beta   90.00
_cell.angle_gamma   90.00
#
_symmetry.space_group_name_H-M   'P 1'
#
loop_
_entity.id
_entity.type
_entity.pdbx_description
1 polymer Heavy
2 polymer Light
3 polymer 'Envelope glycoprotein gp120'
4 polymer 'Envelope glycoprotein gp41'
5 branched beta-D-mannopyranose-(1-4)-2-acetamido-2-deoxy-beta-D-glucopyranose-(1-4)-2-acetamido-2-deoxy-beta-D-glucopyranose
6 branched 2-acetamido-2-deoxy-beta-D-glucopyranose-(1-4)-2-acetamido-2-deoxy-beta-D-glucopyranose
7 branched alpha-D-mannopyranose-(1-3)-[alpha-D-mannopyranose-(1-6)]beta-D-mannopyranose-(1-4)-2-acetamido-2-deoxy-beta-D-glucopyranose-(1-4)-2-acetamido-2-deoxy-beta-D-glucopyranose
8 branched alpha-D-mannopyranose-(1-6)-alpha-D-mannopyranose-(1-6)-[alpha-D-mannopyranose-(1-3)]beta-D-mannopyranose-(1-4)-2-acetamido-2-deoxy-beta-D-glucopyranose-(1-4)-2-acetamido-2-deoxy-beta-D-glucopyranose
9 branched alpha-D-mannopyranose-(1-2)-alpha-D-mannopyranose-(1-6)-[alpha-D-mannopyranose-(1-3)]alpha-D-mannopyranose-(1-6)-[alpha-D-mannopyranose-(1-2)-alpha-D-mannopyranose-(1-3)]beta-D-mannopyranose-(1-4)-2-acetamido-2-deoxy-beta-D-glucopyranose-(1-4)-2-acetamido-2-deoxy-beta-D-glucopyranose
10 branched alpha-D-mannopyranose-(1-2)-alpha-D-mannopyranose-(1-3)-[alpha-D-mannopyranose-(1-6)]alpha-D-mannopyranose-(1-6)-beta-D-mannopyranose-(1-4)-2-acetamido-2-deoxy-beta-D-glucopyranose-(1-4)-2-acetamido-2-deoxy-beta-D-glucopyranose
11 non-polymer 2-acetamido-2-deoxy-beta-D-glucopyranose
#
loop_
_entity_poly.entity_id
_entity_poly.type
_entity_poly.pdbx_seq_one_letter_code
_entity_poly.pdbx_strand_id
1 'polypeptide(L)'
;QVQLQESGPGMVKPSETLTLTCAVFGGRVTSGDSFWTWIRQSPTKGLEWLAGISGDADNPTYNPSLKSRLTISKDPSKNQ
VSLKVTSVTATDTAVYYCAREKQYYFDD(TYS)YSVESGRVGMDSWGQGVAVIVSSASTKGPSVFPLAPSSKSTSGGTAA
LGCLVKDYFPEPVTVSWNSGALTSGVHTFPAVLQSSGLYSLSSVVTVPSSSLGTQTYICNVNHKPSNTKVDKKVEPKSCD
KGLEVLFQ
;
H
2 'polypeptide(L)'
;DIVMTQTPISLPVSLGESATISCRSSRSLVDRQDGKTYLEWYFQKPGQSPQLLIYEVANRASGVPDRFRGSGSDTDFTLK
ISRVEADDVAIYYCMQSLDPPHTFGQGTKVEIRRTVAAPSVFIFPPSDEQLKSGTASVVCLLNNFYPREAKVQWKVDNAL
QSGNSQESVTEQDSKDSTYSLSSTLTLSKADYEKHKVYACEVTHQGLSSPVTKSFNRGEC
;
L
3 'polypeptide(L)'
;GLWVTVYYGVPVWREAKTTLFCASDAKSYEKEVHNVWATHACVPTDPNPQELVLENVTENFNMWKNDMVDQMHEDIISLW
DQSLKPCVKLTPLCVTLNCSDAKVNATYKGTREEIKNCSFNATTELRDKKRREYALFYRLDIVPLSGEGNNNSEYRLINC
NTSVITQICPKVTFDPIPIHYCAPAGYAILKCNNKTFNGTGPCNNVSTVQCTHGIKPVVSTQLLLNGSLAEEEIIIRSEN
LTDNVKTIIVHLNESVEITCTRPNNMTRKSVRIGPGQTFYALGDIIGDIRQPHCNISEIKWEKTLQRVSEKLREHFNKTI
IFNQSSGGDLEITTHSFNCGGEFFYCNTSDLFFNKTFNETYSTGSNSTNSTITLPCRIKQIINMWQEVGRAMYAPPIAGN
ITCKSNITGLLLTRDGGGNNSTKETFRPGGGNMRDNWRSELYKYKVVEVKPLGIAPTECNRTVVQRRRRRR
;
G,D,F
4 'polypeptide(L)'
;AVVGLGAVFLGFLGAAGSTMGAASNTLTVQARQLLSGIVQQQSNLLRAPEAQQHMLQLGVWGFKQLQARVLAIERYLEVQ
QLLGMWGCSGKLICCTNVPWNSSWSNKTYNEIWDNMTWMQWDREIGNYTDTIYKLLEVSQFQQEINEKDNLTLD
;
C,E,B
#
# COMPACT_ATOMS: atom_id res chain seq x y z
N GLN A 1 -23.44 31.56 24.81
CA GLN A 1 -24.38 32.42 25.59
C GLN A 1 -25.72 32.53 24.85
N VAL A 2 -26.78 32.84 25.60
CA VAL A 2 -28.13 32.91 25.05
C VAL A 2 -28.86 34.06 25.74
N GLN A 3 -29.14 35.13 25.00
CA GLN A 3 -30.07 36.14 25.48
C GLN A 3 -31.45 35.52 25.62
N LEU A 4 -32.17 35.95 26.64
CA LEU A 4 -33.43 35.30 27.00
C LEU A 4 -34.38 36.33 27.57
N GLN A 5 -35.67 35.99 27.54
CA GLN A 5 -36.72 36.95 27.92
C GLN A 5 -37.99 36.19 28.30
N GLU A 6 -38.54 36.52 29.46
CA GLU A 6 -39.84 35.99 29.86
C GLU A 6 -40.96 36.92 29.40
N SER A 7 -42.10 36.34 29.06
CA SER A 7 -43.27 37.11 28.67
C SER A 7 -44.52 36.38 29.14
N GLY A 8 -45.55 37.16 29.45
CA GLY A 8 -46.81 36.63 29.93
C GLY A 8 -47.52 37.60 30.84
N PRO A 9 -48.81 37.34 31.12
CA PRO A 9 -49.57 38.25 31.97
C PRO A 9 -48.97 38.33 33.37
N GLY A 10 -49.00 39.54 33.95
CA GLY A 10 -48.47 39.76 35.28
C GLY A 10 -49.54 39.82 36.34
N MET A 11 -50.79 40.06 35.93
CA MET A 11 -51.93 40.10 36.83
C MET A 11 -52.74 38.83 36.63
N VAL A 12 -52.94 38.08 37.72
CA VAL A 12 -53.60 36.78 37.66
C VAL A 12 -54.65 36.72 38.76
N LYS A 13 -55.79 36.09 38.45
CA LYS A 13 -56.84 35.93 39.44
C LYS A 13 -56.57 34.74 40.35
N PRO A 14 -57.08 34.74 41.57
CA PRO A 14 -56.86 33.59 42.46
C PRO A 14 -57.49 32.31 41.92
N SER A 15 -56.80 31.19 42.18
CA SER A 15 -57.36 29.86 41.97
C SER A 15 -57.48 29.46 40.52
N GLU A 16 -57.04 30.32 39.60
CA GLU A 16 -57.12 30.00 38.18
C GLU A 16 -55.81 29.38 37.70
N THR A 17 -55.80 28.96 36.43
CA THR A 17 -54.64 28.35 35.81
C THR A 17 -53.90 29.41 35.00
N LEU A 18 -52.59 29.49 35.20
CA LEU A 18 -51.74 30.50 34.58
C LEU A 18 -50.75 29.84 33.63
N THR A 19 -50.60 30.43 32.45
CA THR A 19 -49.62 29.98 31.47
C THR A 19 -48.59 31.09 31.24
N LEU A 20 -47.32 30.73 31.34
CA LEU A 20 -46.21 31.66 31.17
C LEU A 20 -45.29 31.15 30.06
N THR A 21 -44.69 32.09 29.34
CA THR A 21 -43.90 31.76 28.15
C THR A 21 -42.57 32.49 28.22
N CYS A 22 -41.56 31.87 27.61
CA CYS A 22 -40.21 32.43 27.53
C CYS A 22 -39.64 32.12 26.15
N ALA A 23 -39.27 33.16 25.41
CA ALA A 23 -38.79 33.02 24.04
C ALA A 23 -37.27 33.04 24.02
N VAL A 24 -36.68 32.13 23.27
CA VAL A 24 -35.23 31.98 23.20
C VAL A 24 -34.69 32.86 22.08
N PHE A 25 -33.58 33.55 22.36
CA PHE A 25 -32.88 34.35 21.37
C PHE A 25 -31.49 33.76 21.14
N GLY A 26 -31.19 33.42 19.88
CA GLY A 26 -29.87 32.93 19.53
C GLY A 26 -29.64 31.48 19.87
N GLY A 27 -30.52 30.60 19.41
CA GLY A 27 -30.33 29.18 19.65
C GLY A 27 -31.58 28.41 19.33
N ARG A 28 -31.53 27.11 19.62
CA ARG A 28 -32.64 26.20 19.40
C ARG A 28 -33.12 25.65 20.75
N VAL A 29 -34.45 25.53 20.87
CA VAL A 29 -35.03 25.02 22.11
C VAL A 29 -34.70 23.54 22.29
N THR A 30 -34.66 22.78 21.20
CA THR A 30 -34.56 21.33 21.28
C THR A 30 -33.13 20.81 21.31
N SER A 31 -32.13 21.65 20.99
CA SER A 31 -30.75 21.19 20.96
C SER A 31 -30.35 20.58 22.29
N GLY A 32 -29.73 19.40 22.25
CA GLY A 32 -29.47 18.62 23.44
C GLY A 32 -28.53 19.24 24.44
N ASP A 33 -27.61 20.11 24.00
CA ASP A 33 -26.66 20.71 24.92
C ASP A 33 -27.32 21.58 25.98
N SER A 34 -28.56 22.01 25.76
CA SER A 34 -29.26 22.84 26.72
C SER A 34 -30.20 22.00 27.57
N PHE A 35 -30.52 22.52 28.77
CA PHE A 35 -31.54 21.96 29.65
C PHE A 35 -32.34 23.12 30.23
N TRP A 36 -33.41 23.48 29.55
CA TRP A 36 -34.23 24.61 29.99
C TRP A 36 -34.92 24.28 31.30
N THR A 37 -35.03 25.28 32.17
CA THR A 37 -35.68 25.10 33.46
C THR A 37 -36.24 26.43 33.92
N TRP A 38 -37.20 26.37 34.85
CA TRP A 38 -37.88 27.55 35.37
C TRP A 38 -37.74 27.60 36.89
N ILE A 39 -37.52 28.81 37.40
CA ILE A 39 -37.26 29.04 38.82
C ILE A 39 -38.06 30.26 39.26
N ARG A 40 -38.50 30.21 40.53
CA ARG A 40 -39.29 31.29 41.12
C ARG A 40 -38.60 31.79 42.37
N GLN A 41 -38.63 33.11 42.57
CA GLN A 41 -38.01 33.77 43.71
C GLN A 41 -39.12 34.25 44.65
N SER A 42 -39.50 33.40 45.61
CA SER A 42 -40.51 33.74 46.57
C SER A 42 -39.95 34.70 47.62
N PRO A 43 -40.81 35.48 48.29
CA PRO A 43 -40.33 36.42 49.30
C PRO A 43 -39.92 35.74 50.59
N THR A 44 -40.64 34.68 50.96
CA THR A 44 -40.39 33.97 52.23
C THR A 44 -39.37 32.85 52.04
N LYS A 45 -39.67 31.89 51.17
CA LYS A 45 -38.78 30.75 50.97
C LYS A 45 -37.56 31.11 50.14
N GLY A 46 -37.70 32.02 49.17
CA GLY A 46 -36.59 32.41 48.32
C GLY A 46 -36.65 31.73 46.96
N LEU A 47 -35.52 31.25 46.49
CA LEU A 47 -35.45 30.58 45.19
C LEU A 47 -35.90 29.13 45.31
N GLU A 48 -36.53 28.63 44.26
CA GLU A 48 -37.01 27.25 44.24
C GLU A 48 -37.09 26.78 42.80
N TRP A 49 -36.86 25.48 42.62
CA TRP A 49 -36.75 24.86 41.30
C TRP A 49 -38.05 24.12 40.98
N LEU A 50 -38.63 24.41 39.83
CA LEU A 50 -39.93 23.85 39.44
C LEU A 50 -39.80 22.68 38.46
N ALA A 51 -39.22 22.92 37.29
CA ALA A 51 -39.23 21.90 36.25
C ALA A 51 -38.18 22.21 35.20
N GLY A 52 -37.82 21.20 34.42
CA GLY A 52 -36.91 21.37 33.31
C GLY A 52 -37.04 20.21 32.35
N ILE A 53 -36.82 20.51 31.07
CA ILE A 53 -37.00 19.51 30.01
C ILE A 53 -36.18 19.89 28.80
N SER A 54 -35.42 18.92 28.26
CA SER A 54 -34.68 19.11 27.02
C SER A 54 -34.01 17.79 26.65
N GLY A 55 -33.44 17.76 25.45
CA GLY A 55 -32.57 16.68 25.04
C GLY A 55 -33.27 15.46 24.49
N ASP A 56 -33.90 14.67 25.36
CA ASP A 56 -34.55 13.43 24.95
C ASP A 56 -36.03 13.67 24.64
N ALA A 57 -36.27 14.67 23.79
CA ALA A 57 -37.62 15.01 23.36
C ALA A 57 -38.55 15.17 24.56
N ASP A 58 -39.31 14.13 24.88
CA ASP A 58 -40.22 14.14 26.03
C ASP A 58 -39.45 13.73 27.26
N ASN A 59 -38.89 14.71 27.98
CA ASN A 59 -38.14 14.44 29.20
C ASN A 59 -38.46 15.49 30.27
N PRO A 60 -39.69 15.53 30.78
CA PRO A 60 -39.98 16.46 31.88
C PRO A 60 -39.76 15.81 33.24
N THR A 61 -39.40 16.64 34.21
CA THR A 61 -39.29 16.22 35.60
C THR A 61 -39.60 17.42 36.47
N TYR A 62 -40.51 17.23 37.43
CA TYR A 62 -41.03 18.32 38.25
C TYR A 62 -40.67 18.11 39.71
N ASN A 63 -40.61 19.20 40.45
CA ASN A 63 -40.33 19.15 41.88
C ASN A 63 -41.41 18.34 42.57
N PRO A 64 -41.07 17.39 43.44
CA PRO A 64 -42.13 16.59 44.09
C PRO A 64 -43.14 17.43 44.86
N SER A 65 -42.71 18.55 45.45
CA SER A 65 -43.65 19.39 46.20
C SER A 65 -44.74 19.94 45.29
N LEU A 66 -44.39 20.34 44.07
CA LEU A 66 -45.35 20.88 43.11
C LEU A 66 -45.52 19.96 41.90
N LYS A 67 -45.27 18.67 42.06
CA LYS A 67 -45.40 17.72 40.95
C LYS A 67 -46.83 17.68 40.42
N SER A 68 -47.81 18.04 41.24
CA SER A 68 -49.20 17.84 40.88
C SER A 68 -49.67 18.80 39.78
N ARG A 69 -49.16 20.03 39.78
CA ARG A 69 -49.81 21.13 39.09
C ARG A 69 -48.99 21.75 37.97
N LEU A 70 -48.05 21.03 37.37
CA LEU A 70 -47.12 21.63 36.42
C LEU A 70 -47.21 20.95 35.05
N THR A 71 -46.84 21.73 34.03
CA THR A 71 -46.73 21.24 32.66
C THR A 71 -45.82 22.20 31.89
N ILE A 72 -44.94 21.64 31.07
CA ILE A 72 -43.95 22.42 30.35
C ILE A 72 -43.56 21.68 29.07
N SER A 73 -43.41 22.44 27.99
CA SER A 73 -43.03 21.88 26.70
C SER A 73 -42.43 23.00 25.85
N LYS A 74 -42.06 22.65 24.61
CA LYS A 74 -41.36 23.57 23.74
C LYS A 74 -41.64 23.20 22.29
N ASP A 75 -41.33 24.13 21.38
CA ASP A 75 -41.54 23.91 19.96
C ASP A 75 -40.55 24.76 19.15
N PRO A 76 -39.67 24.15 18.32
CA PRO A 76 -38.76 24.96 17.51
C PRO A 76 -39.46 25.89 16.53
N SER A 77 -40.71 25.58 16.19
CA SER A 77 -41.45 26.39 15.23
C SER A 77 -41.51 27.86 15.65
N LYS A 78 -41.65 28.11 16.95
CA LYS A 78 -41.58 29.45 17.51
C LYS A 78 -40.39 29.65 18.44
N ASN A 79 -39.69 28.58 18.82
CA ASN A 79 -38.46 28.69 19.60
C ASN A 79 -38.72 29.28 20.98
N GLN A 80 -39.67 28.69 21.71
CA GLN A 80 -40.01 29.15 23.05
C GLN A 80 -40.35 27.96 23.93
N VAL A 81 -40.26 28.18 25.24
CA VAL A 81 -40.62 27.21 26.26
C VAL A 81 -41.65 27.86 27.17
N SER A 82 -42.77 27.16 27.38
CA SER A 82 -43.90 27.72 28.11
C SER A 82 -44.25 26.82 29.29
N LEU A 83 -44.58 27.46 30.41
CA LEU A 83 -44.88 26.77 31.66
C LEU A 83 -46.31 27.08 32.08
N LYS A 84 -47.05 26.04 32.46
CA LYS A 84 -48.45 26.17 32.87
C LYS A 84 -48.55 25.87 34.36
N VAL A 85 -49.12 26.81 35.10
CA VAL A 85 -49.35 26.65 36.54
C VAL A 85 -50.86 26.51 36.74
N THR A 86 -51.28 25.35 37.22
CA THR A 86 -52.70 25.08 37.43
C THR A 86 -53.08 25.31 38.88
N SER A 87 -54.20 25.99 39.10
CA SER A 87 -54.73 26.28 40.43
C SER A 87 -53.71 27.07 41.26
N VAL A 88 -53.42 28.28 40.78
CA VAL A 88 -52.50 29.15 41.48
C VAL A 88 -53.07 29.54 42.84
N THR A 89 -52.19 29.64 43.83
CA THR A 89 -52.54 30.14 45.15
C THR A 89 -51.92 31.52 45.37
N ALA A 90 -52.43 32.22 46.38
CA ALA A 90 -51.94 33.55 46.68
C ALA A 90 -50.47 33.52 47.09
N THR A 91 -50.01 32.39 47.64
CA THR A 91 -48.62 32.29 48.06
C THR A 91 -47.68 32.18 46.87
N ASP A 92 -48.17 31.75 45.72
CA ASP A 92 -47.33 31.59 44.54
C ASP A 92 -46.88 32.90 43.94
N THR A 93 -47.43 34.04 44.39
CA THR A 93 -47.03 35.34 43.88
C THR A 93 -45.53 35.54 44.05
N ALA A 94 -44.81 35.63 42.94
CA ALA A 94 -43.36 35.76 42.95
C ALA A 94 -42.89 35.96 41.52
N VAL A 95 -41.61 36.30 41.39
CA VAL A 95 -41.00 36.47 40.08
C VAL A 95 -40.55 35.11 39.57
N TYR A 96 -40.99 34.75 38.37
CA TYR A 96 -40.66 33.48 37.74
C TYR A 96 -39.64 33.70 36.63
N TYR A 97 -38.64 32.82 36.57
CA TYR A 97 -37.55 32.92 35.62
C TYR A 97 -37.59 31.75 34.65
N CYS A 98 -36.97 31.96 33.49
CA CYS A 98 -36.62 30.87 32.59
C CYS A 98 -35.10 30.86 32.42
N ALA A 99 -34.49 29.70 32.64
CA ALA A 99 -33.04 29.60 32.66
C ALA A 99 -32.60 28.41 31.80
N ARG A 100 -31.39 28.51 31.25
CA ARG A 100 -30.83 27.51 30.36
C ARG A 100 -29.63 26.87 31.06
N GLU A 101 -29.87 25.74 31.70
CA GLU A 101 -28.78 24.95 32.24
C GLU A 101 -28.01 24.31 31.10
N LYS A 102 -26.74 24.71 30.95
CA LYS A 102 -25.95 24.33 29.79
C LYS A 102 -25.22 23.01 30.04
N GLN A 103 -25.36 22.09 29.09
CA GLN A 103 -24.56 20.88 29.03
C GLN A 103 -23.58 21.00 27.87
N TYR A 104 -22.76 19.96 27.70
CA TYR A 104 -21.83 19.91 26.57
C TYR A 104 -21.38 18.47 26.39
N TYR A 105 -20.88 18.19 25.19
CA TYR A 105 -20.39 16.84 24.86
C TYR A 105 -19.41 16.97 23.72
N PHE A 106 -18.12 16.80 24.00
CA PHE A 106 -17.07 16.87 23.00
C PHE A 106 -16.41 15.51 22.87
N ASP A 107 -16.32 15.01 21.65
CA ASP A 107 -15.77 13.68 21.35
C ASP A 107 -14.51 13.90 20.51
N ASP A 108 -13.36 13.86 21.16
CA ASP A 108 -12.08 13.98 20.47
C ASP A 108 -11.48 12.61 20.22
N TYR A 110 -10.37 9.96 21.20
CA TYR A 110 -9.78 9.16 22.27
C TYR A 110 -10.57 9.22 23.56
N SER A 111 -11.02 10.43 23.94
CA SER A 111 -11.76 10.67 25.21
C SER A 111 -13.06 11.42 24.94
N VAL A 112 -14.14 11.02 25.60
CA VAL A 112 -15.48 11.67 25.41
C VAL A 112 -15.85 12.29 26.75
N GLU A 113 -15.33 13.47 27.04
CA GLU A 113 -15.67 14.20 28.27
C GLU A 113 -17.11 14.66 28.15
N SER A 114 -17.74 15.05 29.25
CA SER A 114 -19.17 15.46 29.25
C SER A 114 -19.48 16.03 30.63
N GLY A 115 -20.34 17.04 30.73
CA GLY A 115 -20.71 17.65 31.99
C GLY A 115 -21.68 18.79 31.82
N ARG A 116 -21.59 19.78 32.71
CA ARG A 116 -22.47 20.93 32.67
C ARG A 116 -21.81 22.09 33.41
N VAL A 117 -22.27 23.30 33.10
CA VAL A 117 -21.72 24.51 33.70
C VAL A 117 -22.82 25.17 34.52
N GLY A 118 -23.72 24.36 35.08
CA GLY A 118 -24.79 24.92 35.87
C GLY A 118 -25.74 25.73 35.01
N MET A 119 -26.35 26.74 35.65
CA MET A 119 -27.31 27.61 34.99
C MET A 119 -26.60 28.89 34.57
N ASP A 120 -26.05 28.86 33.35
CA ASP A 120 -25.22 29.94 32.84
C ASP A 120 -25.99 31.25 32.70
N SER A 121 -26.99 31.27 31.84
CA SER A 121 -27.72 32.48 31.50
C SER A 121 -29.16 32.41 32.00
N TRP A 122 -29.63 33.51 32.58
CA TRP A 122 -30.98 33.62 33.09
C TRP A 122 -31.71 34.74 32.37
N GLY A 123 -33.04 34.63 32.35
CA GLY A 123 -33.86 35.68 31.78
C GLY A 123 -34.06 36.84 32.74
N GLN A 124 -34.71 37.88 32.23
CA GLN A 124 -34.97 39.06 33.05
C GLN A 124 -35.87 38.73 34.24
N GLY A 125 -36.69 37.70 34.15
CA GLY A 125 -37.63 37.37 35.19
C GLY A 125 -38.93 38.13 35.02
N VAL A 126 -40.05 37.43 35.07
CA VAL A 126 -41.36 38.02 34.86
C VAL A 126 -42.14 37.94 36.17
N ALA A 127 -42.67 39.08 36.62
CA ALA A 127 -43.40 39.13 37.87
C ALA A 127 -44.87 38.81 37.63
N VAL A 128 -45.41 37.89 38.44
CA VAL A 128 -46.81 37.51 38.39
C VAL A 128 -47.41 37.70 39.77
N ILE A 129 -48.58 38.34 39.82
CA ILE A 129 -49.26 38.65 41.07
C ILE A 129 -50.63 38.00 41.04
N VAL A 130 -50.97 37.30 42.11
CA VAL A 130 -52.26 36.62 42.24
C VAL A 130 -53.17 37.54 43.06
N SER A 131 -54.05 38.26 42.38
CA SER A 131 -54.95 39.18 43.04
C SER A 131 -56.14 39.45 42.13
N SER A 132 -57.19 40.02 42.71
CA SER A 132 -58.40 40.36 41.97
C SER A 132 -59.11 41.53 42.62
N ASP B 1 -35.46 18.40 47.60
CA ASP B 1 -35.62 17.59 48.84
C ASP B 1 -34.44 17.79 49.78
N ILE B 2 -33.23 17.51 49.28
CA ILE B 2 -32.03 17.65 50.10
C ILE B 2 -31.82 19.12 50.42
N VAL B 3 -31.52 19.42 51.68
CA VAL B 3 -31.54 20.78 52.21
C VAL B 3 -30.11 21.22 52.49
N MET B 4 -29.80 22.46 52.10
CA MET B 4 -28.50 23.06 52.36
C MET B 4 -28.63 24.09 53.48
N THR B 5 -27.81 23.96 54.51
CA THR B 5 -27.69 24.99 55.52
C THR B 5 -26.68 26.04 55.09
N GLN B 6 -26.79 27.24 55.67
CA GLN B 6 -25.90 28.34 55.32
C GLN B 6 -25.53 29.13 56.57
N THR B 7 -24.28 29.60 56.59
CA THR B 7 -23.78 30.52 57.60
C THR B 7 -22.65 31.30 56.95
N PRO B 8 -22.62 32.64 57.09
CA PRO B 8 -23.57 33.53 57.77
C PRO B 8 -24.79 33.84 56.92
N ILE B 9 -25.91 34.24 57.53
CA ILE B 9 -27.06 34.70 56.77
C ILE B 9 -26.84 36.11 56.24
N SER B 10 -26.06 36.92 56.94
CA SER B 10 -25.73 38.27 56.49
C SER B 10 -24.37 38.66 57.02
N LEU B 11 -23.70 39.57 56.31
CA LEU B 11 -22.37 40.00 56.69
C LEU B 11 -22.08 41.41 56.15
N PRO B 12 -22.08 42.44 57.00
CA PRO B 12 -21.63 43.76 56.54
C PRO B 12 -20.11 43.85 56.50
N VAL B 13 -19.61 44.63 55.55
CA VAL B 13 -18.17 44.75 55.34
C VAL B 13 -17.87 46.03 54.56
N SER B 14 -16.64 46.53 54.71
CA SER B 14 -16.18 47.71 54.00
C SER B 14 -15.24 47.29 52.88
N LEU B 15 -14.76 48.28 52.13
CA LEU B 15 -13.90 48.00 50.98
C LEU B 15 -12.54 47.48 51.42
N GLY B 16 -12.03 46.49 50.69
CA GLY B 16 -10.69 45.97 50.91
C GLY B 16 -10.59 44.76 51.80
N GLU B 17 -11.64 44.44 52.55
CA GLU B 17 -11.59 43.29 53.44
C GLU B 17 -11.95 42.00 52.69
N SER B 18 -11.61 40.87 53.30
CA SER B 18 -11.98 39.57 52.79
C SER B 18 -13.13 38.99 53.61
N ALA B 19 -13.98 38.23 52.93
CA ALA B 19 -15.17 37.65 53.55
C ALA B 19 -15.25 36.17 53.20
N THR B 20 -15.87 35.39 54.09
CA THR B 20 -16.02 33.95 53.92
C THR B 20 -17.47 33.56 54.15
N ILE B 21 -17.97 32.69 53.29
CA ILE B 21 -19.34 32.18 53.37
C ILE B 21 -19.28 30.66 53.26
N SER B 22 -20.19 29.99 53.96
CA SER B 22 -20.18 28.54 54.03
C SER B 22 -21.60 28.00 53.91
N CYS B 23 -21.71 26.84 53.27
CA CYS B 23 -22.96 26.08 53.25
C CYS B 23 -22.60 24.60 53.33
N ARG B 24 -23.51 23.82 53.93
CA ARG B 24 -23.27 22.42 54.21
C ARG B 24 -24.34 21.57 53.55
N SER B 25 -23.96 20.36 53.14
CA SER B 25 -24.89 19.46 52.48
C SER B 25 -25.58 18.54 53.49
N SER B 26 -26.58 17.81 53.00
CA SER B 26 -27.32 16.85 53.82
C SER B 26 -27.13 15.42 53.30
N ARG B 27 -27.41 15.17 52.02
CA ARG B 27 -27.38 13.81 51.48
C ARG B 27 -26.05 13.52 50.78
N SER B 28 -24.98 13.52 51.59
CA SER B 28 -23.68 13.06 51.13
C SER B 28 -23.06 13.99 50.09
N LEU B 29 -23.70 14.07 48.92
CA LEU B 29 -23.18 14.81 47.76
C LEU B 29 -21.91 14.15 47.24
N VAL B 30 -21.59 14.41 45.97
CA VAL B 30 -20.56 13.71 45.20
C VAL B 30 -20.60 12.22 45.54
N ASP B 31 -21.78 11.62 45.38
CA ASP B 31 -21.94 10.19 45.62
C ASP B 31 -21.41 9.39 44.45
N ARG B 32 -20.11 9.51 44.19
CA ARG B 32 -19.48 8.84 43.06
C ARG B 32 -20.15 9.24 41.76
N GLN B 33 -21.07 8.40 41.26
CA GLN B 33 -21.78 8.63 39.99
C GLN B 33 -20.82 8.82 38.82
N ASP B 34 -19.56 8.42 38.96
CA ASP B 34 -18.54 8.64 37.93
C ASP B 34 -18.42 10.11 37.57
N GLY B 35 -18.70 11.00 38.53
CA GLY B 35 -18.73 12.42 38.28
C GLY B 35 -17.77 13.22 39.15
N LYS B 36 -18.31 14.14 39.93
CA LYS B 36 -17.50 15.05 40.73
C LYS B 36 -18.44 15.84 41.64
N THR B 37 -17.85 16.75 42.42
CA THR B 37 -18.61 17.57 43.36
C THR B 37 -19.42 18.63 42.62
N TYR B 38 -20.69 18.34 42.36
CA TYR B 38 -21.58 19.24 41.63
C TYR B 38 -22.19 20.24 42.60
N LEU B 39 -21.37 21.21 43.02
CA LEU B 39 -21.82 22.33 43.84
C LEU B 39 -21.55 23.63 43.11
N GLU B 40 -22.45 24.59 43.28
CA GLU B 40 -22.42 25.83 42.53
C GLU B 40 -22.78 26.99 43.45
N TRP B 41 -22.41 28.20 43.02
CA TRP B 41 -22.68 29.42 43.75
C TRP B 41 -23.23 30.47 42.79
N TYR B 42 -24.19 31.26 43.27
CA TYR B 42 -24.81 32.31 42.49
C TYR B 42 -24.91 33.58 43.33
N PHE B 43 -24.90 34.73 42.66
CA PHE B 43 -25.05 36.01 43.32
C PHE B 43 -26.03 36.86 42.51
N GLN B 44 -26.68 37.79 43.20
CA GLN B 44 -27.77 38.56 42.60
C GLN B 44 -27.85 39.92 43.27
N LYS B 45 -27.67 40.97 42.48
CA LYS B 45 -27.90 42.32 42.98
C LYS B 45 -29.40 42.59 43.04
N PRO B 46 -29.83 43.56 43.85
CA PRO B 46 -31.27 43.87 43.93
C PRO B 46 -31.84 44.23 42.57
N GLY B 47 -33.02 43.66 42.27
CA GLY B 47 -33.72 43.95 41.05
C GLY B 47 -33.34 43.10 39.85
N GLN B 48 -32.08 42.70 39.74
CA GLN B 48 -31.62 41.91 38.60
C GLN B 48 -31.73 40.43 38.89
N SER B 49 -31.71 39.64 37.82
CA SER B 49 -31.86 38.20 37.95
C SER B 49 -30.57 37.58 38.48
N PRO B 50 -30.64 36.37 39.05
CA PRO B 50 -29.41 35.70 39.50
C PRO B 50 -28.50 35.37 38.33
N GLN B 51 -27.21 35.28 38.63
CA GLN B 51 -26.20 34.93 37.62
C GLN B 51 -25.16 34.02 38.26
N LEU B 52 -24.45 33.28 37.42
CA LEU B 52 -23.53 32.26 37.90
C LEU B 52 -22.24 32.89 38.43
N LEU B 53 -21.74 32.32 39.54
CA LEU B 53 -20.45 32.69 40.12
C LEU B 53 -19.44 31.55 40.07
N ILE B 54 -19.78 30.40 40.65
CA ILE B 54 -18.89 29.25 40.71
C ILE B 54 -19.68 28.00 40.35
N TYR B 55 -19.00 27.04 39.73
CA TYR B 55 -19.55 25.72 39.50
C TYR B 55 -18.46 24.69 39.77
N GLU B 56 -18.88 23.49 40.15
CA GLU B 56 -17.96 22.41 40.51
C GLU B 56 -17.00 22.87 41.61
N VAL B 57 -17.55 23.61 42.58
CA VAL B 57 -16.87 23.98 43.82
C VAL B 57 -15.80 25.05 43.62
N ALA B 58 -14.95 24.89 42.60
CA ALA B 58 -13.76 25.74 42.48
C ALA B 58 -13.48 26.24 41.07
N ASN B 59 -14.46 26.27 40.18
CA ASN B 59 -14.27 26.77 38.82
C ASN B 59 -15.07 28.05 38.63
N ARG B 60 -14.40 29.09 38.17
CA ARG B 60 -15.06 30.38 37.99
C ARG B 60 -15.82 30.44 36.68
N ALA B 61 -16.85 31.28 36.65
CA ALA B 61 -17.69 31.40 35.47
C ALA B 61 -16.94 32.15 34.36
N SER B 62 -17.65 32.41 33.27
CA SER B 62 -17.05 33.01 32.08
C SER B 62 -16.57 34.43 32.35
N GLY B 63 -15.25 34.61 32.40
CA GLY B 63 -14.67 35.94 32.41
C GLY B 63 -14.75 36.69 33.72
N VAL B 64 -15.20 36.04 34.79
CA VAL B 64 -15.31 36.71 36.09
C VAL B 64 -13.93 36.78 36.73
N PRO B 65 -13.66 37.74 37.61
CA PRO B 65 -12.29 37.95 38.09
C PRO B 65 -11.93 37.01 39.23
N ASP B 66 -10.72 37.20 39.76
CA ASP B 66 -10.21 36.42 40.87
C ASP B 66 -10.55 37.09 42.20
N ARG B 67 -11.60 37.91 42.23
CA ARG B 67 -12.04 38.52 43.47
C ARG B 67 -12.57 37.50 44.46
N PHE B 68 -12.86 36.28 44.01
CA PHE B 68 -13.52 35.28 44.83
C PHE B 68 -12.99 33.90 44.46
N ARG B 69 -13.19 32.95 45.37
CA ARG B 69 -12.76 31.58 45.15
C ARG B 69 -13.58 30.65 46.04
N GLY B 70 -13.84 29.45 45.54
CA GLY B 70 -14.64 28.47 46.26
C GLY B 70 -13.87 27.20 46.60
N SER B 71 -14.26 26.54 47.68
CA SER B 71 -13.65 25.30 48.10
C SER B 71 -14.66 24.50 48.91
N GLY B 72 -14.43 23.21 49.03
CA GLY B 72 -15.35 22.36 49.78
C GLY B 72 -14.85 20.94 49.89
N SER B 73 -15.29 20.29 50.96
CA SER B 73 -15.00 18.89 51.23
C SER B 73 -16.11 18.03 50.66
N ASP B 74 -16.16 16.75 51.04
CA ASP B 74 -17.20 15.84 50.56
C ASP B 74 -18.59 16.37 50.84
N THR B 75 -18.81 16.97 52.01
CA THR B 75 -20.14 17.42 52.40
C THR B 75 -20.14 18.88 52.83
N ASP B 76 -18.97 19.41 53.21
CA ASP B 76 -18.83 20.79 53.63
C ASP B 76 -18.28 21.62 52.47
N PHE B 77 -18.86 22.80 52.27
CA PHE B 77 -18.49 23.66 51.16
C PHE B 77 -18.41 25.11 51.64
N THR B 78 -17.43 25.83 51.11
CA THR B 78 -17.12 27.17 51.58
C THR B 78 -16.86 28.08 50.38
N LEU B 79 -17.05 29.38 50.60
CA LEU B 79 -16.81 30.41 49.60
C LEU B 79 -16.11 31.57 50.27
N LYS B 80 -15.10 32.12 49.61
CA LYS B 80 -14.32 33.22 50.15
C LYS B 80 -14.12 34.29 49.08
N ILE B 81 -14.22 35.56 49.50
CA ILE B 81 -13.98 36.70 48.63
C ILE B 81 -12.61 37.26 48.99
N SER B 82 -11.68 37.22 48.02
CA SER B 82 -10.31 37.64 48.30
C SER B 82 -10.23 39.11 48.69
N ARG B 83 -10.95 39.97 47.98
CA ARG B 83 -10.92 41.41 48.27
C ARG B 83 -12.26 42.00 47.83
N VAL B 84 -13.11 42.34 48.80
CA VAL B 84 -14.41 42.90 48.49
C VAL B 84 -14.26 44.29 47.90
N GLU B 85 -15.26 44.71 47.12
CA GLU B 85 -15.32 46.06 46.58
C GLU B 85 -16.78 46.47 46.46
N ALA B 86 -17.00 47.68 45.93
CA ALA B 86 -18.32 48.29 45.99
C ALA B 86 -19.37 47.46 45.26
N ASP B 87 -19.07 46.97 44.06
CA ASP B 87 -20.07 46.27 43.27
C ASP B 87 -20.35 44.85 43.78
N ASP B 88 -19.59 44.36 44.75
CA ASP B 88 -19.81 43.01 45.26
C ASP B 88 -21.04 42.89 46.13
N VAL B 89 -21.68 44.00 46.49
CA VAL B 89 -22.88 43.93 47.33
C VAL B 89 -23.97 43.19 46.57
N ALA B 90 -24.45 42.09 47.13
CA ALA B 90 -25.46 41.25 46.49
C ALA B 90 -25.87 40.16 47.48
N ILE B 91 -26.84 39.34 47.07
CA ILE B 91 -27.25 38.16 47.82
C ILE B 91 -26.63 36.94 47.15
N TYR B 92 -25.84 36.19 47.90
CA TYR B 92 -25.13 35.02 47.39
C TYR B 92 -25.90 33.76 47.78
N TYR B 93 -26.08 32.87 46.81
CA TYR B 93 -26.89 31.66 46.97
C TYR B 93 -26.00 30.44 46.84
N CYS B 94 -26.11 29.52 47.81
CA CYS B 94 -25.49 28.22 47.68
C CYS B 94 -26.46 27.25 47.01
N MET B 95 -26.03 26.66 45.89
CA MET B 95 -26.89 25.80 45.09
C MET B 95 -26.18 24.48 44.83
N GLN B 96 -26.86 23.38 45.10
CA GLN B 96 -26.40 22.06 44.71
C GLN B 96 -27.12 21.61 43.44
N SER B 97 -26.41 20.83 42.63
CA SER B 97 -26.94 20.36 41.35
C SER B 97 -26.60 18.89 41.13
N LEU B 98 -26.73 18.08 42.17
CA LEU B 98 -26.44 16.65 42.05
C LEU B 98 -27.65 15.90 41.49
N ASP B 99 -28.76 15.94 42.21
CA ASP B 99 -29.95 15.20 41.80
C ASP B 99 -31.15 16.14 41.75
N PRO B 100 -32.12 15.89 40.87
CA PRO B 100 -33.26 16.79 40.78
C PRO B 100 -34.23 16.58 41.93
N PRO B 101 -34.98 17.61 42.33
CA PRO B 101 -34.95 19.00 41.85
C PRO B 101 -33.79 19.77 42.46
N HIS B 102 -33.17 20.70 41.73
CA HIS B 102 -32.11 21.51 42.30
C HIS B 102 -32.68 22.37 43.42
N THR B 103 -31.90 22.55 44.48
CA THR B 103 -32.35 23.27 45.66
C THR B 103 -31.34 24.34 46.04
N PHE B 104 -31.82 25.57 46.15
CA PHE B 104 -31.00 26.67 46.62
C PHE B 104 -31.01 26.71 48.15
N GLY B 105 -30.24 27.67 48.68
CA GLY B 105 -30.35 28.08 50.07
C GLY B 105 -31.06 29.42 50.15
N GLN B 106 -31.41 29.81 51.37
CA GLN B 106 -32.14 31.06 51.56
C GLN B 106 -31.21 32.25 51.66
N GLY B 107 -30.33 32.41 50.66
CA GLY B 107 -29.61 33.65 50.47
C GLY B 107 -28.45 33.83 51.42
N THR B 108 -27.57 34.77 51.05
CA THR B 108 -26.51 35.23 51.93
C THR B 108 -26.28 36.70 51.59
N LYS B 109 -26.81 37.59 52.44
CA LYS B 109 -26.89 39.01 52.13
C LYS B 109 -25.67 39.73 52.68
N VAL B 110 -24.77 40.11 51.77
CA VAL B 110 -23.51 40.77 52.14
C VAL B 110 -23.55 42.21 51.65
N GLU B 111 -23.11 43.13 52.50
CA GLU B 111 -23.06 44.55 52.16
C GLU B 111 -21.63 45.07 52.32
N GLY C 1 41.57 -8.42 -46.16
CA GLY C 1 40.63 -8.63 -45.01
C GLY C 1 39.97 -7.34 -44.56
N LEU C 2 40.20 -6.97 -43.30
CA LEU C 2 39.65 -5.75 -42.71
C LEU C 2 38.12 -5.75 -42.78
N TRP C 3 37.54 -6.72 -42.08
CA TRP C 3 36.10 -6.79 -41.86
C TRP C 3 35.84 -6.76 -40.36
N VAL C 4 34.68 -6.24 -39.99
CA VAL C 4 34.32 -6.12 -38.58
C VAL C 4 33.83 -7.46 -38.06
N THR C 5 34.08 -7.70 -36.77
CA THR C 5 33.63 -8.92 -36.10
C THR C 5 33.14 -8.55 -34.71
N VAL C 6 32.38 -9.47 -34.11
CA VAL C 6 31.75 -9.26 -32.82
C VAL C 6 32.20 -10.34 -31.87
N TYR C 7 32.27 -10.01 -30.58
CA TYR C 7 32.70 -10.93 -29.53
C TYR C 7 31.66 -10.87 -28.42
N TYR C 8 31.02 -12.01 -28.13
CA TYR C 8 30.07 -12.08 -27.01
C TYR C 8 30.78 -12.57 -25.75
N GLY C 9 31.94 -11.98 -25.52
CA GLY C 9 32.52 -11.93 -24.19
C GLY C 9 33.76 -11.07 -24.20
N VAL C 10 33.79 -10.05 -23.36
CA VAL C 10 34.85 -9.04 -23.37
C VAL C 10 34.74 -8.25 -22.07
N PRO C 11 35.85 -7.91 -21.41
CA PRO C 11 35.75 -7.02 -20.24
C PRO C 11 35.55 -5.57 -20.62
N VAL C 12 34.33 -5.05 -20.43
CA VAL C 12 34.02 -3.64 -20.62
C VAL C 12 33.00 -3.25 -19.57
N TRP C 13 33.07 -2.00 -19.12
CA TRP C 13 32.14 -1.50 -18.11
C TRP C 13 31.95 0.01 -18.28
N ARG C 14 30.88 0.51 -17.67
CA ARG C 14 30.64 1.94 -17.56
C ARG C 14 30.03 2.21 -16.20
N GLU C 15 30.24 3.43 -15.70
CA GLU C 15 29.68 3.83 -14.41
C GLU C 15 28.19 4.09 -14.57
N ALA C 16 27.37 3.34 -13.83
CA ALA C 16 25.92 3.39 -14.01
C ALA C 16 25.25 3.22 -12.65
N LYS C 17 24.38 4.16 -12.31
CA LYS C 17 23.55 4.01 -11.12
C LYS C 17 22.53 2.90 -11.33
N THR C 18 22.35 2.06 -10.33
CA THR C 18 21.47 0.91 -10.46
C THR C 18 20.95 0.50 -9.10
N THR C 19 19.74 -0.06 -9.09
CA THR C 19 19.15 -0.55 -7.85
C THR C 19 19.92 -1.76 -7.34
N LEU C 20 20.08 -1.84 -6.03
CA LEU C 20 20.73 -2.96 -5.37
C LEU C 20 19.73 -3.68 -4.46
N PHE C 21 20.11 -4.90 -4.04
CA PHE C 21 19.24 -5.71 -3.20
C PHE C 21 20.07 -6.37 -2.12
N CYS C 22 19.37 -6.89 -1.11
CA CYS C 22 20.02 -7.33 0.12
C CYS C 22 20.50 -8.76 0.04
N ALA C 23 21.51 -9.06 0.85
CA ALA C 23 21.93 -10.41 1.18
C ALA C 23 22.40 -10.42 2.62
N SER C 24 22.16 -11.52 3.32
CA SER C 24 22.46 -11.61 4.74
C SER C 24 23.09 -12.96 5.06
N ASP C 25 23.80 -13.00 6.18
CA ASP C 25 24.53 -14.19 6.61
C ASP C 25 23.64 -15.20 7.33
N ALA C 26 22.32 -14.98 7.34
CA ALA C 26 21.38 -15.91 7.97
C ALA C 26 21.67 -16.12 9.45
N LYS C 27 21.93 -15.03 10.17
CA LYS C 27 22.09 -15.12 11.63
C LYS C 27 20.73 -15.31 12.27
N SER C 28 20.35 -16.57 12.49
CA SER C 28 19.03 -16.90 13.04
C SER C 28 17.94 -16.51 12.06
N TYR C 29 16.72 -17.02 12.28
CA TYR C 29 15.59 -16.71 11.42
C TYR C 29 14.31 -16.64 12.25
N GLU C 32 11.46 -16.50 14.41
CA GLU C 32 11.13 -15.11 14.75
C GLU C 32 11.57 -14.18 13.62
N VAL C 33 10.61 -13.46 13.05
CA VAL C 33 10.84 -12.66 11.84
C VAL C 33 10.52 -11.19 12.09
N HIS C 34 10.76 -10.72 13.32
CA HIS C 34 10.51 -9.33 13.70
C HIS C 34 11.83 -8.70 14.14
N ASN C 35 12.60 -8.19 13.16
CA ASN C 35 13.91 -7.63 13.46
C ASN C 35 14.18 -6.33 12.69
N VAL C 36 13.12 -5.63 12.28
CA VAL C 36 13.24 -4.34 11.60
C VAL C 36 14.02 -4.48 10.30
N TRP C 37 15.31 -4.80 10.40
CA TRP C 37 16.18 -4.84 9.23
C TRP C 37 15.82 -6.02 8.32
N ALA C 38 15.93 -7.24 8.86
CA ALA C 38 15.67 -8.42 8.04
C ALA C 38 14.19 -8.75 8.03
N THR C 39 13.60 -8.97 9.20
CA THR C 39 12.19 -9.36 9.34
C THR C 39 12.04 -10.70 8.61
N HIS C 40 11.25 -10.78 7.53
CA HIS C 40 11.20 -12.00 6.74
C HIS C 40 12.52 -12.27 6.02
N ALA C 41 13.43 -11.30 6.01
CA ALA C 41 14.80 -11.47 5.53
C ALA C 41 14.89 -11.37 4.01
N CYS C 42 16.12 -11.36 3.50
CA CYS C 42 16.43 -11.16 2.10
C CYS C 42 17.15 -12.40 1.54
N VAL C 43 17.68 -12.27 0.33
CA VAL C 43 18.25 -13.40 -0.42
C VAL C 43 19.22 -14.16 0.47
N PRO C 44 19.10 -15.50 0.58
CA PRO C 44 19.80 -16.22 1.66
C PRO C 44 21.27 -16.45 1.36
N THR C 45 22.13 -15.71 2.04
CA THR C 45 23.55 -16.04 2.19
C THR C 45 24.26 -16.26 0.86
N ASP C 46 25.49 -16.76 0.93
CA ASP C 46 26.29 -17.12 -0.22
C ASP C 46 27.61 -17.70 0.28
N PRO C 47 28.32 -18.46 -0.57
CA PRO C 47 29.73 -18.74 -0.28
C PRO C 47 30.56 -17.50 -0.55
N ASN C 48 30.64 -16.61 0.45
CA ASN C 48 31.01 -15.21 0.25
C ASN C 48 32.36 -14.99 -0.43
N PRO C 49 33.45 -15.76 -0.15
CA PRO C 49 34.72 -15.40 -0.79
C PRO C 49 34.65 -15.53 -2.30
N GLN C 50 34.73 -14.39 -3.00
CA GLN C 50 34.60 -14.37 -4.44
C GLN C 50 35.52 -13.34 -5.09
N GLU C 51 36.54 -12.85 -4.38
CA GLU C 51 37.38 -11.79 -4.92
C GLU C 51 38.14 -12.28 -6.15
N LEU C 52 38.45 -11.33 -7.04
CA LEU C 52 39.04 -11.65 -8.33
C LEU C 52 40.25 -10.75 -8.53
N VAL C 53 41.27 -11.25 -9.23
CA VAL C 53 42.57 -10.58 -9.25
C VAL C 53 42.45 -9.21 -9.90
N LEU C 54 41.86 -9.12 -11.10
CA LEU C 54 41.71 -7.86 -11.81
C LEU C 54 43.03 -7.08 -11.85
N GLU C 55 44.02 -7.67 -12.52
CA GLU C 55 45.40 -7.22 -12.35
C GLU C 55 45.68 -5.92 -13.09
N ASN C 56 46.36 -5.00 -12.40
CA ASN C 56 46.93 -3.77 -12.95
C ASN C 56 45.96 -3.01 -13.86
N VAL C 57 44.68 -2.98 -13.52
CA VAL C 57 43.72 -2.16 -14.25
C VAL C 57 43.70 -0.78 -13.62
N THR C 58 44.17 0.23 -14.35
CA THR C 58 44.14 1.59 -13.85
C THR C 58 42.70 2.09 -13.84
N GLU C 59 42.23 2.46 -12.65
CA GLU C 59 40.84 2.89 -12.47
C GLU C 59 40.79 3.95 -11.38
N ASN C 60 39.90 4.91 -11.56
CA ASN C 60 39.75 6.01 -10.61
C ASN C 60 38.27 6.26 -10.38
N PHE C 61 37.95 6.76 -9.19
CA PHE C 61 36.57 7.10 -8.83
C PHE C 61 36.59 7.95 -7.58
N ASN C 62 35.47 8.62 -7.33
CA ASN C 62 35.30 9.50 -6.17
C ASN C 62 34.11 9.02 -5.35
N MET C 63 34.30 8.97 -4.03
CA MET C 63 33.30 8.36 -3.16
C MET C 63 32.10 9.27 -2.95
N TRP C 64 32.32 10.57 -2.88
CA TRP C 64 31.26 11.49 -2.44
C TRP C 64 30.10 11.57 -3.43
N LYS C 65 30.25 11.03 -4.64
CA LYS C 65 29.18 11.07 -5.64
C LYS C 65 28.55 9.71 -5.91
N ASN C 66 29.03 8.64 -5.27
CA ASN C 66 28.53 7.30 -5.58
C ASN C 66 27.05 7.19 -5.20
N ASP C 67 26.29 6.48 -6.04
CA ASP C 67 24.85 6.35 -5.79
C ASP C 67 24.55 5.26 -4.78
N MET C 68 25.52 4.39 -4.49
CA MET C 68 25.25 3.27 -3.59
C MET C 68 24.92 3.76 -2.19
N VAL C 69 25.61 4.79 -1.70
CA VAL C 69 25.32 5.32 -0.37
C VAL C 69 23.93 5.92 -0.33
N ASP C 70 23.54 6.63 -1.39
CA ASP C 70 22.20 7.23 -1.41
C ASP C 70 21.11 6.18 -1.32
N GLN C 71 21.27 5.05 -2.02
CA GLN C 71 20.28 3.99 -1.90
C GLN C 71 20.21 3.45 -0.49
N MET C 72 21.32 3.51 0.25
CA MET C 72 21.29 3.12 1.66
C MET C 72 20.76 4.21 2.53
N HIS C 73 20.26 5.30 1.95
CA HIS C 73 19.41 6.22 2.69
C HIS C 73 18.00 6.23 2.11
N GLU C 74 17.80 5.64 0.93
CA GLU C 74 16.47 5.29 0.46
C GLU C 74 15.93 4.12 1.27
N ASP C 75 16.77 3.12 1.52
CA ASP C 75 16.48 2.11 2.51
C ASP C 75 16.60 2.72 3.91
N ILE C 76 16.45 1.88 4.92
CA ILE C 76 16.51 2.30 6.32
C ILE C 76 15.33 3.22 6.59
N ILE C 77 15.42 4.48 6.14
CA ILE C 77 14.37 5.45 6.43
C ILE C 77 13.04 4.96 5.87
N SER C 78 13.06 4.36 4.67
CA SER C 78 11.89 3.68 4.15
C SER C 78 11.67 2.34 4.84
N LEU C 79 12.74 1.68 5.28
CA LEU C 79 12.61 0.40 5.98
C LEU C 79 12.06 0.59 7.38
N TRP C 80 12.41 1.69 8.06
CA TRP C 80 11.81 1.98 9.36
C TRP C 80 10.32 2.25 9.23
N ASP C 81 9.92 2.99 8.20
CA ASP C 81 8.50 3.25 7.99
C ASP C 81 7.73 1.95 7.79
N GLN C 82 8.33 0.99 7.08
CA GLN C 82 7.70 -0.30 6.90
C GLN C 82 7.54 -1.06 8.21
N SER C 83 8.23 -0.66 9.27
CA SER C 83 8.12 -1.30 10.58
C SER C 83 7.30 -0.49 11.57
N LEU C 84 7.31 0.84 11.47
CA LEU C 84 6.60 1.67 12.45
C LEU C 84 5.12 1.81 12.14
N LYS C 85 4.71 1.55 10.90
CA LYS C 85 3.33 1.80 10.50
C LYS C 85 2.31 1.01 11.31
N PRO C 86 2.47 -0.30 11.55
CA PRO C 86 1.44 -1.02 12.31
C PRO C 86 1.35 -0.61 13.76
N CYS C 87 2.37 0.04 14.31
CA CYS C 87 2.48 0.21 15.75
C CYS C 87 1.56 1.31 16.27
N VAL C 88 1.57 1.47 17.59
CA VAL C 88 0.61 2.36 18.25
C VAL C 88 1.00 3.82 18.05
N LYS C 89 0.00 4.69 18.17
CA LYS C 89 0.21 6.13 18.21
C LYS C 89 0.09 6.61 19.66
N LEU C 90 1.04 7.43 20.09
CA LEU C 90 1.00 8.00 21.43
C LEU C 90 0.24 9.31 21.49
N THR C 91 -0.59 9.62 20.49
CA THR C 91 -1.38 10.86 20.49
C THR C 91 -2.23 11.05 21.74
N PRO C 92 -2.97 10.05 22.24
CA PRO C 92 -3.84 10.30 23.41
C PRO C 92 -3.09 10.62 24.69
N LEU C 93 -1.76 10.52 24.70
CA LEU C 93 -0.98 10.77 25.91
C LEU C 93 -0.54 12.22 26.07
N CYS C 94 -0.89 13.10 25.14
CA CYS C 94 -0.45 14.49 25.17
C CYS C 94 -1.40 15.32 26.04
N VAL C 95 -1.39 15.03 27.34
CA VAL C 95 -2.23 15.74 28.31
C VAL C 95 -1.32 16.33 29.38
N THR C 96 -1.82 17.39 30.04
CA THR C 96 -1.06 18.07 31.07
C THR C 96 -0.61 17.09 32.14
N LEU C 97 0.68 17.11 32.45
CA LEU C 97 1.27 16.09 33.34
C LEU C 97 1.54 16.71 34.71
N ASN C 98 0.83 16.24 35.73
CA ASN C 98 1.30 16.44 37.09
C ASN C 98 2.52 15.55 37.30
N CYS C 99 3.60 16.13 37.82
CA CYS C 99 4.85 15.39 37.89
C CYS C 99 5.71 15.89 39.03
N SER C 100 6.56 15.00 39.54
CA SER C 100 7.45 15.30 40.65
C SER C 100 8.72 14.45 40.50
N ASP C 101 9.50 14.35 41.57
CA ASP C 101 10.76 13.60 41.54
C ASP C 101 10.55 12.26 42.23
N ALA C 102 11.53 11.37 42.05
CA ALA C 102 11.48 10.02 42.59
C ALA C 102 12.61 9.68 43.55
N LYS C 103 13.66 10.50 43.63
CA LYS C 103 14.78 10.19 44.50
C LYS C 103 14.34 10.13 45.96
N VAL C 104 14.95 9.22 46.71
CA VAL C 104 14.67 9.06 48.13
C VAL C 104 14.86 10.38 48.87
N GLU C 113 19.61 12.99 40.06
CA GLU C 113 19.51 12.89 38.61
C GLU C 113 18.07 13.15 38.17
N GLU C 114 17.92 13.64 36.94
CA GLU C 114 16.60 14.01 36.42
C GLU C 114 15.93 12.78 35.79
N ILE C 115 15.35 11.97 36.67
CA ILE C 115 14.48 10.86 36.27
C ILE C 115 13.17 11.04 37.01
N LYS C 116 12.21 11.72 36.39
CA LYS C 116 11.05 12.23 37.08
C LYS C 116 9.93 11.20 37.11
N ASN C 117 8.86 11.56 37.81
CA ASN C 117 7.70 10.70 38.05
C ASN C 117 6.46 11.52 37.78
N CYS C 118 5.73 11.16 36.72
CA CYS C 118 4.64 11.97 36.21
C CYS C 118 3.33 11.20 36.29
N SER C 119 2.22 11.94 36.26
CA SER C 119 0.89 11.35 36.29
C SER C 119 -0.03 12.18 35.41
N PHE C 120 -1.13 11.56 34.98
CA PHE C 120 -2.00 12.16 33.99
C PHE C 120 -3.37 11.48 34.01
N ASN C 121 -4.33 12.13 33.36
CA ASN C 121 -5.55 11.43 32.98
C ASN C 121 -5.23 10.37 31.95
N ALA C 122 -6.07 9.34 31.88
CA ALA C 122 -5.91 8.31 30.85
C ALA C 122 -7.21 7.52 30.75
N THR C 123 -7.73 7.43 29.53
CA THR C 123 -8.97 6.70 29.30
C THR C 123 -8.75 5.21 29.50
N THR C 124 -9.67 4.57 30.23
CA THR C 124 -9.61 3.13 30.45
C THR C 124 -10.27 2.41 29.29
N GLU C 125 -10.50 1.10 29.44
CA GLU C 125 -11.03 0.25 28.38
C GLU C 125 -12.27 0.85 27.72
N LEU C 126 -12.98 1.71 28.44
CA LEU C 126 -14.13 2.43 27.90
C LEU C 126 -13.69 3.83 27.52
N ARG C 127 -14.26 4.36 26.44
CA ARG C 127 -13.95 5.72 26.00
C ARG C 127 -14.42 6.78 26.99
N ASP C 128 -15.34 6.45 27.90
CA ASP C 128 -15.94 7.46 28.78
C ASP C 128 -15.13 7.62 30.06
N LYS C 129 -14.95 6.54 30.81
CA LYS C 129 -14.31 6.64 32.11
C LYS C 129 -12.83 6.93 31.98
N LYS C 130 -12.29 7.65 32.97
CA LYS C 130 -10.88 7.99 33.03
C LYS C 130 -10.29 7.44 34.33
N ARG C 131 -8.98 7.22 34.31
CA ARG C 131 -8.31 6.54 35.42
C ARG C 131 -6.88 7.06 35.50
N ARG C 132 -6.54 7.70 36.63
CA ARG C 132 -5.21 8.25 36.79
C ARG C 132 -4.16 7.16 36.79
N GLU C 133 -3.07 7.39 36.07
CA GLU C 133 -1.95 6.47 35.98
C GLU C 133 -0.65 7.25 36.07
N TYR C 134 0.34 6.66 36.74
CA TYR C 134 1.64 7.29 36.95
C TYR C 134 2.69 6.60 36.09
N ALA C 135 3.50 7.40 35.42
CA ALA C 135 4.58 6.90 34.57
C ALA C 135 5.79 7.82 34.69
N LEU C 136 6.97 7.22 34.76
CA LEU C 136 8.19 7.99 34.88
C LEU C 136 8.64 8.51 33.51
N PHE C 137 9.46 9.56 33.54
CA PHE C 137 9.98 10.17 32.32
C PHE C 137 11.32 10.80 32.61
N TYR C 138 12.27 10.62 31.68
CA TYR C 138 13.51 11.37 31.72
C TYR C 138 13.26 12.81 31.28
N ARG C 139 14.13 13.72 31.74
CA ARG C 139 13.89 15.14 31.49
C ARG C 139 13.94 15.50 30.02
N LEU C 140 14.61 14.70 29.19
CA LEU C 140 14.73 15.02 27.78
C LEU C 140 13.46 14.72 26.99
N ASP C 141 12.45 14.13 27.62
CA ASP C 141 11.14 13.95 27.00
C ASP C 141 10.19 15.07 27.38
N ILE C 142 9.98 15.28 28.68
CA ILE C 142 9.14 16.38 29.12
C ILE C 142 9.78 17.71 28.73
N VAL C 143 8.95 18.75 28.66
CA VAL C 143 9.43 20.12 28.48
C VAL C 143 8.64 21.03 29.41
N PRO C 144 9.23 22.10 29.94
CA PRO C 144 8.45 23.02 30.76
C PRO C 144 7.32 23.65 29.96
N LEU C 145 6.19 23.89 30.64
CA LEU C 145 5.06 24.55 29.98
C LEU C 145 5.40 25.98 29.58
N SER C 146 6.33 26.62 30.26
CA SER C 146 6.74 27.98 29.94
C SER C 146 8.18 28.22 30.34
N ASN C 151 7.71 27.56 37.22
CA ASN C 151 8.32 26.58 36.32
C ASN C 151 7.93 25.16 36.70
N ASN C 152 7.42 24.98 37.92
CA ASN C 152 7.17 23.66 38.45
C ASN C 152 5.90 23.05 37.86
N SER C 153 5.93 21.72 37.69
CA SER C 153 4.74 20.94 37.38
C SER C 153 4.12 21.28 36.03
N GLU C 154 3.10 20.52 35.65
CA GLU C 154 2.40 20.72 34.37
C GLU C 154 3.36 20.62 33.19
N TYR C 155 4.08 19.51 33.10
CA TYR C 155 4.96 19.28 31.96
C TYR C 155 4.17 18.67 30.80
N ARG C 156 4.85 18.53 29.66
CA ARG C 156 4.22 18.07 28.43
C ARG C 156 5.27 17.39 27.57
N LEU C 157 4.80 16.48 26.71
CA LEU C 157 5.73 15.71 25.87
C LEU C 157 6.30 16.58 24.76
N ILE C 158 7.62 16.48 24.57
CA ILE C 158 8.38 17.42 23.75
C ILE C 158 7.82 17.54 22.34
N ASN C 159 7.81 16.43 21.58
CA ASN C 159 7.57 16.53 20.15
C ASN C 159 6.09 16.57 19.79
N CYS C 160 5.19 16.54 20.76
CA CYS C 160 3.77 16.46 20.44
C CYS C 160 3.25 17.76 19.83
N ASN C 161 4.02 18.85 19.87
CA ASN C 161 3.58 20.11 19.31
C ASN C 161 3.91 20.26 17.84
N THR C 162 4.63 19.31 17.23
CA THR C 162 4.94 19.37 15.82
C THR C 162 4.70 18.05 15.09
N SER C 163 4.68 16.94 15.81
CA SER C 163 4.75 15.62 15.18
C SER C 163 3.74 14.66 15.79
N VAL C 164 3.41 13.62 15.03
CA VAL C 164 2.53 12.54 15.52
C VAL C 164 3.47 11.50 16.11
N ILE C 165 3.52 11.47 17.44
CA ILE C 165 4.43 10.56 18.14
C ILE C 165 3.88 9.13 18.04
N THR C 166 4.75 8.19 17.68
CA THR C 166 4.42 6.78 17.65
C THR C 166 5.49 6.01 18.41
N GLN C 167 5.13 4.80 18.84
CA GLN C 167 6.00 3.99 19.68
C GLN C 167 6.37 2.70 18.96
N ILE C 168 7.66 2.38 18.97
CA ILE C 168 8.15 1.13 18.38
C ILE C 168 7.57 -0.03 19.16
N CYS C 169 7.02 -1.00 18.46
CA CYS C 169 6.44 -2.15 19.14
C CYS C 169 7.54 -2.95 19.84
N PRO C 170 7.29 -3.48 21.04
CA PRO C 170 8.34 -4.27 21.71
C PRO C 170 8.75 -5.52 20.94
N LYS C 171 7.91 -5.99 20.02
CA LYS C 171 8.21 -7.22 19.29
C LYS C 171 9.55 -7.12 18.56
N VAL C 172 9.78 -6.01 17.88
CA VAL C 172 10.96 -5.86 17.04
C VAL C 172 12.15 -5.50 17.91
N THR C 173 13.35 -5.76 17.37
CA THR C 173 14.60 -5.45 18.05
C THR C 173 15.50 -4.68 17.10
N PHE C 174 16.64 -4.24 17.61
CA PHE C 174 17.58 -3.42 16.85
C PHE C 174 19.00 -3.97 16.91
N ASP C 175 19.15 -5.28 16.82
CA ASP C 175 20.47 -5.86 16.69
C ASP C 175 21.07 -5.44 15.34
N PRO C 176 22.18 -4.71 15.32
CA PRO C 176 22.72 -4.28 14.01
C PRO C 176 23.31 -5.46 13.25
N ILE C 177 22.43 -6.29 12.71
CA ILE C 177 22.84 -7.51 12.00
C ILE C 177 23.62 -7.13 10.75
N PRO C 178 24.64 -7.89 10.36
CA PRO C 178 25.34 -7.58 9.11
C PRO C 178 24.40 -7.72 7.92
N ILE C 179 24.58 -6.83 6.95
CA ILE C 179 23.80 -6.85 5.71
C ILE C 179 24.77 -6.72 4.54
N HIS C 180 24.59 -7.57 3.54
CA HIS C 180 25.44 -7.61 2.36
C HIS C 180 24.68 -7.07 1.16
N TYR C 181 25.30 -6.15 0.43
CA TYR C 181 24.70 -5.55 -0.75
C TYR C 181 25.19 -6.26 -2.00
N CYS C 182 24.25 -6.81 -2.77
CA CYS C 182 24.56 -7.41 -4.06
C CYS C 182 23.96 -6.54 -5.17
N ALA C 183 24.57 -6.65 -6.36
CA ALA C 183 24.05 -5.96 -7.53
C ALA C 183 23.34 -6.97 -8.44
N PRO C 184 22.32 -6.53 -9.19
CA PRO C 184 21.63 -7.48 -10.07
C PRO C 184 22.60 -8.08 -11.08
N ALA C 185 22.37 -9.34 -11.42
CA ALA C 185 23.25 -10.04 -12.34
C ALA C 185 23.32 -9.27 -13.66
N GLY C 186 24.54 -9.07 -14.14
CA GLY C 186 24.81 -8.15 -15.23
C GLY C 186 25.56 -6.91 -14.81
N TYR C 187 25.64 -6.65 -13.50
CA TYR C 187 26.48 -5.60 -12.94
C TYR C 187 27.53 -6.24 -12.04
N ALA C 188 28.40 -5.40 -11.48
CA ALA C 188 29.46 -5.86 -10.60
C ALA C 188 29.88 -4.72 -9.71
N ILE C 189 30.64 -5.06 -8.66
CA ILE C 189 31.19 -4.10 -7.72
C ILE C 189 32.70 -4.19 -7.79
N LEU C 190 33.36 -3.05 -8.02
CA LEU C 190 34.81 -3.02 -8.17
C LEU C 190 35.43 -2.62 -6.84
N LYS C 191 35.73 -3.64 -6.03
CA LYS C 191 36.37 -3.42 -4.74
C LYS C 191 37.77 -2.86 -4.93
N CYS C 192 38.14 -1.90 -4.09
CA CYS C 192 39.47 -1.29 -4.10
C CYS C 192 40.25 -1.79 -2.90
N ASN C 193 41.48 -2.26 -3.15
CA ASN C 193 42.28 -2.91 -2.12
C ASN C 193 43.53 -2.13 -1.72
N ASN C 194 43.90 -1.07 -2.44
CA ASN C 194 45.09 -0.31 -2.08
C ASN C 194 44.98 0.16 -0.64
N LYS C 195 45.96 -0.25 0.17
CA LYS C 195 45.86 -0.13 1.62
C LYS C 195 46.06 1.30 2.13
N THR C 196 46.19 2.28 1.23
CA THR C 196 46.20 3.68 1.62
C THR C 196 45.33 4.50 0.67
N PHE C 197 44.19 3.93 0.28
CA PHE C 197 43.24 4.64 -0.58
C PHE C 197 42.75 5.89 0.14
N ASN C 198 43.09 7.06 -0.40
CA ASN C 198 42.85 8.31 0.31
C ASN C 198 41.48 8.90 -0.04
N GLY C 199 40.45 8.05 -0.07
CA GLY C 199 39.10 8.50 -0.28
C GLY C 199 38.70 8.68 -1.74
N THR C 200 39.58 9.28 -2.53
CA THR C 200 39.27 9.56 -3.93
C THR C 200 40.56 9.52 -4.74
N GLY C 201 40.51 8.91 -5.91
CA GLY C 201 41.65 8.83 -6.80
C GLY C 201 41.88 7.44 -7.34
N PRO C 202 43.04 7.23 -7.98
CA PRO C 202 43.33 5.93 -8.58
C PRO C 202 43.37 4.81 -7.54
N CYS C 203 42.89 3.62 -7.96
CA CYS C 203 43.04 2.38 -7.20
C CYS C 203 43.83 1.41 -8.08
N ASN C 204 45.09 1.18 -7.71
CA ASN C 204 46.00 0.42 -8.56
C ASN C 204 45.84 -1.08 -8.38
N ASN C 205 45.00 -1.51 -7.44
CA ASN C 205 44.83 -2.93 -7.13
C ASN C 205 43.34 -3.25 -6.99
N VAL C 206 42.56 -2.82 -7.98
CA VAL C 206 41.11 -3.06 -7.96
C VAL C 206 40.84 -4.55 -8.03
N SER C 207 39.68 -4.95 -7.50
CA SER C 207 39.21 -6.33 -7.58
C SER C 207 37.69 -6.34 -7.59
N THR C 208 37.12 -7.33 -8.27
CA THR C 208 35.67 -7.43 -8.39
C THR C 208 35.11 -8.32 -7.28
N VAL C 209 33.81 -8.17 -7.04
CA VAL C 209 33.08 -9.01 -6.10
C VAL C 209 31.59 -8.85 -6.37
N GLN C 210 30.87 -9.96 -6.32
CA GLN C 210 29.44 -9.93 -6.62
C GLN C 210 28.63 -9.23 -5.52
N CYS C 211 29.06 -9.35 -4.27
CA CYS C 211 28.36 -8.73 -3.15
C CYS C 211 29.37 -8.10 -2.21
N THR C 212 28.93 -7.06 -1.50
CA THR C 212 29.84 -6.26 -0.69
C THR C 212 30.06 -6.90 0.68
N HIS C 213 30.76 -6.19 1.54
CA HIS C 213 31.01 -6.65 2.90
C HIS C 213 29.75 -6.48 3.75
N GLY C 214 29.73 -7.18 4.88
CA GLY C 214 28.58 -7.14 5.77
C GLY C 214 28.54 -5.90 6.65
N ILE C 215 28.11 -4.78 6.06
CA ILE C 215 27.98 -3.55 6.83
C ILE C 215 26.96 -3.72 7.94
N LYS C 216 27.20 -3.04 9.07
CA LYS C 216 26.31 -3.06 10.22
C LYS C 216 25.52 -1.76 10.29
N PRO C 217 24.18 -1.79 10.28
CA PRO C 217 23.43 -0.53 10.45
C PRO C 217 23.57 0.07 11.83
N VAL C 218 24.75 0.61 12.14
CA VAL C 218 24.95 1.33 13.40
C VAL C 218 24.83 2.82 13.11
N VAL C 219 23.82 3.46 13.70
CA VAL C 219 23.58 4.88 13.48
C VAL C 219 24.35 5.68 14.52
N SER C 220 25.63 5.94 14.27
CA SER C 220 26.40 6.83 15.11
C SER C 220 26.27 8.26 14.59
N THR C 221 26.71 9.21 15.43
CA THR C 221 26.66 10.61 15.02
C THR C 221 27.91 11.41 15.33
N GLN C 222 28.79 10.96 16.22
CA GLN C 222 30.04 11.66 16.45
C GLN C 222 31.24 10.71 16.40
N LEU C 223 31.03 9.44 16.73
CA LEU C 223 32.07 8.43 16.66
C LEU C 223 31.47 7.15 16.10
N LEU C 224 32.09 6.63 15.04
CA LEU C 224 31.53 5.52 14.28
C LEU C 224 31.81 4.20 14.99
N LEU C 225 30.76 3.57 15.49
CA LEU C 225 30.92 2.35 16.27
C LEU C 225 30.90 1.11 15.38
N ASN C 226 31.62 0.07 15.83
CA ASN C 226 31.64 -1.23 15.17
C ASN C 226 32.02 -1.16 13.70
N GLY C 227 32.68 -0.09 13.28
CA GLY C 227 33.09 0.04 11.89
C GLY C 227 34.28 -0.85 11.57
N SER C 228 34.48 -1.06 10.27
CA SER C 228 35.59 -1.89 9.82
C SER C 228 36.91 -1.16 10.06
N LEU C 229 37.93 -1.92 10.44
CA LEU C 229 39.24 -1.33 10.69
C LEU C 229 39.99 -1.10 9.39
N ALA C 230 40.71 0.02 9.32
CA ALA C 230 41.54 0.32 8.17
C ALA C 230 42.77 -0.58 8.15
N GLU C 231 43.29 -0.83 6.95
CA GLU C 231 44.38 -1.79 6.79
C GLU C 231 45.73 -1.13 7.00
N GLU C 232 46.33 -1.38 8.16
CA GLU C 232 47.75 -1.10 8.43
C GLU C 232 48.15 0.35 8.20
N GLU C 233 47.19 1.28 8.16
CA GLU C 233 47.54 2.68 8.02
C GLU C 233 46.34 3.54 8.37
N ILE C 234 46.61 4.69 8.97
CA ILE C 234 45.57 5.65 9.31
C ILE C 234 45.13 6.37 8.05
N ILE C 235 43.82 6.50 7.85
CA ILE C 235 43.24 7.10 6.66
C ILE C 235 42.44 8.33 7.08
N ILE C 236 42.47 9.35 6.22
CA ILE C 236 41.69 10.56 6.40
C ILE C 236 41.07 10.93 5.06
N ARG C 237 39.75 11.04 5.02
CA ARG C 237 39.00 11.33 3.81
C ARG C 237 38.22 12.63 3.97
N SER C 238 38.04 13.34 2.87
CA SER C 238 37.22 14.55 2.85
C SER C 238 36.95 14.93 1.41
N GLU C 239 35.83 15.61 1.20
CA GLU C 239 35.57 16.17 -0.12
C GLU C 239 36.62 17.22 -0.48
N ASN C 240 36.96 18.08 0.46
CA ASN C 240 37.90 19.18 0.20
C ASN C 240 38.53 19.56 1.55
N LEU C 241 39.75 19.08 1.78
CA LEU C 241 40.42 19.39 3.04
C LEU C 241 40.67 20.88 3.19
N THR C 242 40.83 21.59 2.07
CA THR C 242 41.07 23.03 2.12
C THR C 242 39.80 23.83 2.38
N ASP C 243 38.63 23.23 2.22
CA ASP C 243 37.39 23.92 2.53
C ASP C 243 37.23 24.06 4.04
N ASN C 244 36.66 25.19 4.46
CA ASN C 244 36.56 25.51 5.88
C ASN C 244 35.38 24.84 6.58
N VAL C 245 34.35 24.43 5.83
CA VAL C 245 33.08 24.05 6.44
C VAL C 245 32.73 22.60 6.16
N LYS C 246 33.22 22.04 5.05
CA LYS C 246 32.81 20.71 4.66
C LYS C 246 33.32 19.66 5.63
N THR C 247 32.57 18.55 5.73
CA THR C 247 32.85 17.53 6.72
C THR C 247 34.14 16.77 6.41
N ILE C 248 34.65 16.08 7.42
CA ILE C 248 35.83 15.24 7.30
C ILE C 248 35.58 13.94 8.06
N ILE C 249 36.08 12.84 7.52
CA ILE C 249 35.94 11.52 8.13
C ILE C 249 37.34 10.95 8.34
N VAL C 250 37.57 10.40 9.53
CA VAL C 250 38.85 9.79 9.90
C VAL C 250 38.59 8.32 10.21
N HIS C 251 39.46 7.44 9.74
CA HIS C 251 39.48 6.05 10.14
C HIS C 251 40.63 5.81 11.10
N LEU C 252 40.69 4.59 11.63
CA LEU C 252 41.69 4.21 12.61
C LEU C 252 42.23 2.82 12.32
N ASN C 253 43.41 2.55 12.84
CA ASN C 253 43.92 1.20 12.97
C ASN C 253 44.16 0.92 14.46
N GLU C 254 44.17 -0.36 14.81
CA GLU C 254 44.15 -0.81 16.22
C GLU C 254 43.14 0.00 17.02
N SER C 255 41.86 -0.16 16.65
CA SER C 255 40.78 0.63 17.23
C SER C 255 40.76 0.51 18.74
N VAL C 256 40.02 1.42 19.37
CA VAL C 256 39.98 1.56 20.83
C VAL C 256 38.62 1.10 21.34
N GLU C 257 38.59 0.67 22.60
CA GLU C 257 37.37 0.13 23.19
C GLU C 257 36.50 1.24 23.74
N ILE C 258 35.19 1.00 23.77
CA ILE C 258 34.23 1.84 24.49
C ILE C 258 33.08 0.97 24.95
N THR C 259 32.67 1.16 26.20
CA THR C 259 31.57 0.40 26.80
C THR C 259 30.65 1.35 27.55
N CYS C 260 29.39 0.94 27.71
CA CYS C 260 28.42 1.72 28.46
C CYS C 260 27.45 0.78 29.16
N THR C 261 27.02 1.18 30.35
CA THR C 261 26.06 0.39 31.13
C THR C 261 25.11 1.33 31.86
N ARG C 262 23.92 0.81 32.15
CA ARG C 262 22.95 1.48 33.00
C ARG C 262 22.67 0.61 34.21
N PRO C 263 23.24 0.91 35.39
CA PRO C 263 23.04 0.02 36.54
C PRO C 263 21.60 -0.08 37.00
N ASN C 264 20.74 0.87 36.61
CA ASN C 264 19.35 0.86 37.08
C ASN C 264 18.63 -0.36 36.52
N ASN C 265 18.13 -1.21 37.43
CA ASN C 265 17.47 -2.47 37.05
C ASN C 265 15.96 -2.20 36.89
N MET C 266 15.64 -1.53 35.79
CA MET C 266 14.25 -1.13 35.55
C MET C 266 13.42 -2.29 35.01
N THR C 267 12.11 -2.15 35.15
CA THR C 267 11.14 -3.09 34.59
C THR C 267 9.95 -2.29 34.08
N ARG C 268 9.40 -2.72 32.95
CA ARG C 268 8.40 -1.91 32.25
C ARG C 268 7.00 -2.18 32.81
N LYS C 269 6.24 -1.11 33.02
CA LYS C 269 4.81 -1.23 33.27
C LYS C 269 4.04 -0.90 32.01
N SER C 270 2.91 -1.58 31.83
CA SER C 270 2.01 -1.35 30.71
C SER C 270 0.77 -0.62 31.19
N VAL C 271 0.47 0.51 30.57
CA VAL C 271 -0.63 1.38 30.98
C VAL C 271 -1.58 1.56 29.81
N ARG C 272 -2.87 1.70 30.13
CA ARG C 272 -3.89 1.79 29.12
C ARG C 272 -3.95 3.18 28.51
N ILE C 273 -4.19 3.24 27.20
CA ILE C 273 -4.51 4.48 26.52
C ILE C 273 -5.67 4.24 25.56
N GLY C 274 -6.90 4.41 26.05
CA GLY C 274 -8.07 4.17 25.25
C GLY C 274 -8.30 2.69 25.01
N PRO C 275 -9.23 2.35 24.12
CA PRO C 275 -9.51 0.94 23.84
C PRO C 275 -8.44 0.33 22.95
N GLY C 276 -8.01 -0.88 23.33
CA GLY C 276 -7.09 -1.65 22.51
C GLY C 276 -5.64 -1.22 22.62
N GLN C 277 -5.37 0.06 22.45
CA GLN C 277 -4.00 0.56 22.42
C GLN C 277 -3.38 0.56 23.80
N THR C 278 -2.11 0.19 23.86
CA THR C 278 -1.33 0.23 25.09
C THR C 278 0.11 0.60 24.77
N PHE C 279 0.77 1.22 25.73
CA PHE C 279 2.18 1.55 25.63
C PHE C 279 2.86 1.28 26.96
N TYR C 280 4.18 1.10 26.90
CA TYR C 280 4.97 0.61 28.02
C TYR C 280 5.88 1.70 28.54
N ALA C 281 6.01 1.78 29.86
CA ALA C 281 6.81 2.81 30.50
C ALA C 281 7.50 2.23 31.73
N LEU C 282 8.38 3.03 32.33
CA LEU C 282 9.17 2.57 33.47
C LEU C 282 8.27 2.34 34.67
N GLY C 283 8.47 1.20 35.34
CA GLY C 283 7.67 0.85 36.49
C GLY C 283 8.22 1.37 37.80
N ASP C 284 9.46 0.97 38.14
CA ASP C 284 10.06 1.37 39.39
C ASP C 284 11.58 1.23 39.28
N ILE C 285 12.29 1.97 40.12
CA ILE C 285 13.75 1.96 40.12
C ILE C 285 14.18 0.94 41.18
N ILE C 286 14.55 -0.26 40.73
CA ILE C 286 15.10 -1.25 41.66
C ILE C 286 16.49 -0.80 42.10
N GLY C 287 16.74 -0.89 43.40
CA GLY C 287 18.00 -0.43 43.95
C GLY C 287 18.01 1.07 44.15
N ASP C 288 18.91 1.77 43.45
CA ASP C 288 18.96 3.22 43.52
C ASP C 288 19.45 3.76 42.18
N ILE C 289 19.13 5.02 41.92
CA ILE C 289 19.51 5.67 40.67
C ILE C 289 21.03 5.89 40.67
N ARG C 290 21.72 5.20 39.76
CA ARG C 290 23.13 5.43 39.49
C ARG C 290 23.25 5.89 38.04
N GLN C 291 23.89 7.02 37.83
CA GLN C 291 23.87 7.66 36.53
C GLN C 291 24.54 6.75 35.49
N PRO C 292 24.09 6.76 34.24
CA PRO C 292 24.73 5.92 33.23
C PRO C 292 26.20 6.29 33.04
N HIS C 293 27.01 5.28 32.75
CA HIS C 293 28.44 5.42 32.63
C HIS C 293 28.93 4.89 31.30
N CYS C 294 30.06 5.43 30.86
CA CYS C 294 30.84 4.84 29.77
C CYS C 294 32.32 5.00 30.10
N ASN C 295 33.06 3.91 29.93
CA ASN C 295 34.47 3.86 30.28
C ASN C 295 35.32 3.64 29.04
N ILE C 296 36.41 4.39 28.93
CA ILE C 296 37.35 4.28 27.81
C ILE C 296 38.76 4.33 28.37
N SER C 297 39.61 3.45 27.86
CA SER C 297 41.00 3.38 28.32
C SER C 297 41.70 4.70 28.01
N GLU C 298 42.25 5.34 29.03
CA GLU C 298 42.85 6.67 28.85
C GLU C 298 44.10 6.60 27.98
N ILE C 299 44.95 5.59 28.20
CA ILE C 299 46.20 5.51 27.45
C ILE C 299 45.92 5.20 25.99
N LYS C 300 44.94 4.34 25.72
CA LYS C 300 44.62 3.99 24.33
C LYS C 300 44.13 5.21 23.56
N TRP C 301 43.24 6.01 24.17
CA TRP C 301 42.75 7.19 23.50
C TRP C 301 43.86 8.20 23.25
N GLU C 302 44.71 8.42 24.26
CA GLU C 302 45.79 9.39 24.11
C GLU C 302 46.77 8.93 23.04
N LYS C 303 47.16 7.66 23.07
CA LYS C 303 48.03 7.12 22.04
C LYS C 303 47.35 7.17 20.67
N THR C 304 46.07 6.79 20.63
CA THR C 304 45.35 6.74 19.36
C THR C 304 45.21 8.14 18.75
N LEU C 305 44.72 9.10 19.53
CA LEU C 305 44.57 10.45 19.02
C LEU C 305 45.91 11.10 18.72
N GLN C 306 46.96 10.72 19.47
CA GLN C 306 48.29 11.23 19.17
C GLN C 306 48.75 10.80 17.78
N ARG C 307 48.51 9.54 17.44
CA ARG C 307 48.86 9.06 16.10
C ARG C 307 48.07 9.81 15.03
N VAL C 308 46.78 10.00 15.26
CA VAL C 308 45.96 10.75 14.31
C VAL C 308 46.42 12.19 14.23
N SER C 309 46.95 12.73 15.34
CA SER C 309 47.42 14.12 15.34
C SER C 309 48.49 14.33 14.29
N GLU C 310 49.45 13.41 14.20
CA GLU C 310 50.49 13.50 13.17
C GLU C 310 49.86 13.41 11.78
N LYS C 311 48.90 12.49 11.60
CA LYS C 311 48.25 12.36 10.30
C LYS C 311 47.47 13.61 9.92
N LEU C 312 46.81 14.24 10.91
CA LEU C 312 46.10 15.48 10.63
C LEU C 312 47.05 16.63 10.37
N ARG C 313 48.21 16.62 11.02
CA ARG C 313 49.19 17.70 10.84
C ARG C 313 49.74 17.71 9.42
N GLU C 314 50.03 16.53 8.86
CA GLU C 314 50.74 16.46 7.59
C GLU C 314 49.89 16.84 6.40
N HIS C 315 48.65 17.30 6.60
CA HIS C 315 47.83 17.86 5.53
C HIS C 315 47.49 19.33 5.77
N PHE C 316 47.96 19.89 6.89
CA PHE C 316 47.86 21.32 7.14
C PHE C 316 49.16 21.97 7.57
N ASN C 317 50.08 21.24 8.19
CA ASN C 317 51.40 21.76 8.55
C ASN C 317 51.28 22.98 9.46
N LYS C 318 50.63 22.77 10.60
CA LYS C 318 50.49 23.80 11.63
C LYS C 318 49.92 23.13 12.88
N THR C 319 49.81 23.90 13.96
CA THR C 319 49.27 23.38 15.21
C THR C 319 47.79 23.08 15.06
N ILE C 320 47.38 21.91 15.57
CA ILE C 320 46.00 21.46 15.51
C ILE C 320 45.46 21.39 16.93
N ILE C 321 44.27 21.95 17.15
CA ILE C 321 43.69 22.09 18.48
C ILE C 321 42.34 21.38 18.47
N PHE C 322 42.12 20.51 19.45
CA PHE C 322 40.81 19.87 19.63
C PHE C 322 39.98 20.71 20.59
N ASN C 323 38.81 21.16 20.12
CA ASN C 323 37.89 21.95 20.92
C ASN C 323 36.54 21.28 20.81
N GLN C 324 35.86 21.10 21.94
CA GLN C 324 34.68 20.25 21.97
C GLN C 324 33.57 20.83 21.08
N SER C 325 32.49 20.06 20.98
CA SER C 325 31.44 20.35 20.00
C SER C 325 30.81 21.71 20.25
N SER C 326 29.99 22.15 19.29
CA SER C 326 29.44 23.49 19.32
C SER C 326 28.30 23.65 20.33
N GLY C 327 27.47 22.64 20.49
CA GLY C 327 26.35 22.73 21.42
C GLY C 327 25.08 23.26 20.75
N GLY C 328 24.14 23.63 21.61
CA GLY C 328 22.85 24.14 21.20
C GLY C 328 21.73 23.12 21.24
N ASP C 329 22.06 21.83 21.24
CA ASP C 329 21.06 20.77 21.37
C ASP C 329 21.74 19.57 22.03
N LEU C 330 21.13 18.39 21.92
CA LEU C 330 21.78 17.14 22.27
C LEU C 330 21.88 16.16 21.10
N GLU C 331 21.16 16.39 20.01
CA GLU C 331 21.27 15.50 18.86
C GLU C 331 22.61 15.67 18.15
N ILE C 332 23.09 16.91 18.05
CA ILE C 332 24.28 17.20 17.25
C ILE C 332 25.54 17.16 18.12
N THR C 333 25.48 17.77 19.30
CA THR C 333 26.67 17.99 20.10
C THR C 333 27.05 16.80 20.98
N THR C 334 26.41 15.64 20.80
CA THR C 334 26.60 14.51 21.68
C THR C 334 26.83 13.24 20.88
N HIS C 335 27.50 12.28 21.51
CA HIS C 335 27.82 10.99 20.88
C HIS C 335 26.64 10.03 21.01
N SER C 336 25.62 10.29 20.19
CA SER C 336 24.44 9.44 20.20
C SER C 336 24.73 8.10 19.55
N PHE C 337 24.19 7.04 20.14
CA PHE C 337 24.29 5.71 19.55
C PHE C 337 23.21 4.83 20.15
N ASN C 338 22.88 3.76 19.43
CA ASN C 338 21.88 2.81 19.89
C ASN C 338 22.53 1.68 20.66
N CYS C 339 21.82 1.17 21.66
CA CYS C 339 22.32 0.07 22.49
C CYS C 339 21.13 -0.69 23.05
N GLY C 340 20.82 -1.83 22.44
CA GLY C 340 19.79 -2.71 22.97
C GLY C 340 18.38 -2.33 22.59
N GLY C 341 18.15 -1.03 22.39
CA GLY C 341 16.81 -0.53 22.13
C GLY C 341 16.48 0.68 22.98
N GLU C 342 17.44 1.12 23.81
CA GLU C 342 17.26 2.32 24.65
C GLU C 342 18.45 3.23 24.34
N PHE C 343 18.18 4.29 23.59
CA PHE C 343 19.24 5.09 23.00
C PHE C 343 19.96 5.93 24.04
N PHE C 344 21.19 6.32 23.72
CA PHE C 344 22.01 7.18 24.55
C PHE C 344 22.35 8.46 23.79
N TYR C 345 22.58 9.54 24.54
CA TYR C 345 23.03 10.81 23.98
C TYR C 345 24.05 11.39 24.94
N CYS C 346 25.32 11.38 24.55
CA CYS C 346 26.37 11.43 25.55
C CYS C 346 27.38 12.54 25.26
N ASN C 347 27.78 13.26 26.32
CA ASN C 347 28.54 14.51 26.30
C ASN C 347 29.92 14.39 25.65
N THR C 348 30.59 13.23 25.69
CA THR C 348 31.79 12.95 24.90
C THR C 348 32.85 14.06 24.94
N SER C 349 32.96 14.80 26.05
CA SER C 349 33.88 15.93 26.09
C SER C 349 34.68 16.10 27.38
N ASP C 350 34.33 15.42 28.48
CA ASP C 350 34.90 15.77 29.78
C ASP C 350 36.43 15.69 29.76
N LEU C 351 36.97 14.50 29.55
CA LEU C 351 38.39 14.31 29.27
C LEU C 351 38.62 13.77 27.87
N PHE C 352 37.61 13.85 27.00
CA PHE C 352 37.71 13.25 25.67
C PHE C 352 38.28 14.24 24.67
N PHE C 353 38.19 15.53 24.96
CA PHE C 353 38.70 16.61 24.12
C PHE C 353 39.09 17.77 25.02
N ASN C 354 39.19 18.98 24.45
CA ASN C 354 39.40 20.23 25.20
C ASN C 354 40.89 20.45 25.51
N LYS C 355 41.75 19.53 25.08
CA LYS C 355 43.19 19.74 25.17
C LYS C 355 43.87 19.03 24.02
N THR C 356 45.06 19.49 23.67
CA THR C 356 45.83 18.95 22.57
C THR C 356 47.23 18.60 23.05
N PHE C 357 48.00 17.99 22.16
CA PHE C 357 49.32 17.45 22.51
C PHE C 357 50.40 18.53 22.35
N ASN C 358 51.54 18.27 22.99
CA ASN C 358 52.69 19.16 22.84
C ASN C 358 53.20 19.16 21.40
N GLU C 359 53.25 17.99 20.77
CA GLU C 359 53.66 17.88 19.37
C GLU C 359 52.75 16.92 18.62
N THR C 368 49.35 6.31 33.71
CA THR C 368 48.36 5.74 34.62
C THR C 368 47.49 4.74 33.87
N ASN C 369 46.95 3.76 34.59
CA ASN C 369 46.17 2.67 34.00
C ASN C 369 44.67 2.84 34.25
N SER C 370 44.21 4.07 34.49
CA SER C 370 42.81 4.32 34.75
C SER C 370 42.06 4.48 33.42
N THR C 371 40.81 4.92 33.48
CA THR C 371 39.97 5.03 32.30
C THR C 371 39.19 6.34 32.34
N ILE C 372 38.80 6.81 31.15
CA ILE C 372 38.01 8.03 31.05
C ILE C 372 36.55 7.73 31.37
N THR C 373 35.81 8.77 31.75
CA THR C 373 34.41 8.66 32.11
C THR C 373 33.57 9.61 31.27
N LEU C 374 32.40 9.13 30.84
CA LEU C 374 31.46 9.96 30.09
C LEU C 374 30.17 10.09 30.87
N PRO C 375 29.84 11.26 31.43
CA PRO C 375 28.55 11.39 32.13
C PRO C 375 27.43 11.67 31.14
N CYS C 376 26.43 10.80 31.13
CA CYS C 376 25.39 10.94 30.12
C CYS C 376 24.17 10.08 30.45
N ARG C 377 23.13 10.23 29.61
CA ARG C 377 21.75 10.01 30.01
C ARG C 377 20.97 9.26 28.93
N ILE C 378 19.67 9.07 29.20
CA ILE C 378 18.79 8.30 28.34
C ILE C 378 17.73 9.22 27.75
N LYS C 379 17.14 8.80 26.63
CA LYS C 379 16.09 9.57 25.97
C LYS C 379 15.11 8.60 25.33
N GLN C 380 13.82 8.74 25.65
CA GLN C 380 12.80 7.85 25.09
C GLN C 380 12.38 8.32 23.70
N ILE C 381 11.78 9.51 23.61
CA ILE C 381 11.29 10.02 22.34
C ILE C 381 12.46 10.61 21.57
N ILE C 382 12.87 9.93 20.51
CA ILE C 382 14.02 10.36 19.71
C ILE C 382 13.50 10.88 18.37
N ASN C 383 13.90 12.10 18.02
CA ASN C 383 13.69 12.60 16.67
C ASN C 383 14.91 12.26 15.82
N MET C 384 14.66 11.50 14.74
CA MET C 384 15.75 10.95 13.95
C MET C 384 15.50 11.27 12.48
N TRP C 385 16.59 11.31 11.72
CA TRP C 385 16.62 11.66 10.30
C TRP C 385 16.33 13.13 10.05
N GLN C 386 16.15 13.92 11.11
CA GLN C 386 15.93 15.36 10.99
C GLN C 386 14.79 15.68 10.03
N GLU C 387 13.68 14.95 10.14
CA GLU C 387 12.48 15.22 9.38
C GLU C 387 11.37 15.65 10.32
N VAL C 388 10.81 16.84 10.07
CA VAL C 388 9.77 17.38 10.94
C VAL C 388 8.47 16.63 10.70
N GLY C 389 7.77 16.29 11.78
CA GLY C 389 6.47 15.67 11.73
C GLY C 389 6.43 14.22 12.18
N ARG C 390 7.59 13.56 12.28
CA ARG C 390 7.64 12.16 12.70
C ARG C 390 8.62 12.02 13.87
N ALA C 391 8.22 11.21 14.85
CA ALA C 391 9.08 10.87 15.97
C ALA C 391 8.68 9.49 16.47
N MET C 392 9.62 8.81 17.12
CA MET C 392 9.44 7.45 17.58
C MET C 392 9.74 7.35 19.07
N TYR C 393 8.99 6.48 19.75
CA TYR C 393 9.15 6.24 21.18
C TYR C 393 9.68 4.82 21.37
N ALA C 394 10.81 4.71 22.06
CA ALA C 394 11.43 3.40 22.31
C ALA C 394 10.99 2.88 23.68
N PRO C 395 10.32 1.74 23.76
CA PRO C 395 9.92 1.22 25.08
C PRO C 395 11.14 0.94 25.94
N PRO C 396 11.01 1.09 27.26
CA PRO C 396 12.15 0.77 28.13
C PRO C 396 12.49 -0.71 28.07
N ILE C 397 13.77 -1.02 28.22
CA ILE C 397 14.28 -2.39 28.17
C ILE C 397 14.55 -2.84 29.59
N ALA C 398 13.91 -3.93 29.99
CA ALA C 398 14.04 -4.44 31.35
C ALA C 398 15.44 -5.00 31.59
N GLY C 399 15.83 -5.04 32.85
CA GLY C 399 17.13 -5.52 33.24
C GLY C 399 18.23 -4.53 32.89
N ASN C 400 19.30 -4.56 33.68
CA ASN C 400 20.41 -3.67 33.42
C ASN C 400 21.05 -4.03 32.08
N ILE C 401 21.48 -3.00 31.36
CA ILE C 401 21.91 -3.13 29.97
C ILE C 401 23.39 -2.78 29.89
N THR C 402 24.15 -3.57 29.13
CA THR C 402 25.57 -3.36 28.96
C THR C 402 25.95 -3.69 27.52
N CYS C 403 27.05 -3.09 27.06
CA CYS C 403 27.53 -3.33 25.70
C CYS C 403 29.00 -2.93 25.61
N LYS C 404 29.65 -3.43 24.57
CA LYS C 404 31.01 -3.04 24.23
C LYS C 404 31.10 -2.88 22.72
N SER C 405 31.93 -1.94 22.29
CA SER C 405 32.03 -1.60 20.88
C SER C 405 33.40 -1.01 20.61
N ASN C 406 33.75 -0.95 19.32
CA ASN C 406 35.03 -0.41 18.87
C ASN C 406 34.81 0.96 18.24
N ILE C 407 35.55 1.96 18.73
CA ILE C 407 35.58 3.25 18.07
C ILE C 407 36.52 3.14 16.87
N THR C 408 35.96 3.27 15.66
CA THR C 408 36.72 3.06 14.43
C THR C 408 36.61 4.26 13.49
N GLY C 409 36.19 5.40 13.97
CA GLY C 409 36.14 6.58 13.11
C GLY C 409 35.65 7.79 13.88
N LEU C 410 36.19 8.94 13.49
CA LEU C 410 35.85 10.22 14.09
C LEU C 410 35.28 11.14 13.02
N LEU C 411 34.20 11.83 13.38
CA LEU C 411 33.61 12.84 12.50
C LEU C 411 34.14 14.22 12.86
N LEU C 412 35.45 14.41 12.78
CA LEU C 412 36.04 15.71 13.07
C LEU C 412 35.66 16.72 11.98
N THR C 413 35.39 17.95 12.39
CA THR C 413 35.07 19.04 11.49
C THR C 413 36.05 20.18 11.72
N ARG C 414 36.58 20.73 10.63
CA ARG C 414 37.56 21.80 10.74
C ARG C 414 36.86 23.13 10.99
N ASP C 415 37.52 23.97 11.78
CA ASP C 415 36.98 25.28 12.14
C ASP C 415 38.09 26.34 12.12
N THR C 422 48.46 30.24 11.24
CA THR C 422 48.39 30.53 12.67
C THR C 422 48.13 29.26 13.46
N LYS C 423 47.01 28.61 13.17
CA LYS C 423 46.58 27.41 13.90
C LYS C 423 45.44 26.78 13.12
N GLU C 424 44.84 25.76 13.73
CA GLU C 424 43.61 25.17 13.23
C GLU C 424 42.89 24.47 14.36
N THR C 425 41.60 24.77 14.50
CA THR C 425 40.76 24.21 15.55
C THR C 425 39.84 23.17 14.93
N PHE C 426 39.83 21.97 15.49
CA PHE C 426 39.03 20.85 15.00
C PHE C 426 37.91 20.57 16.00
N ARG C 427 36.67 20.71 15.55
CA ARG C 427 35.50 20.55 16.39
C ARG C 427 34.85 19.19 16.11
N PRO C 428 34.72 18.29 17.08
CA PRO C 428 34.08 17.00 16.80
C PRO C 428 32.58 17.18 16.63
N GLY C 429 32.13 17.16 15.38
CA GLY C 429 30.73 17.34 15.07
C GLY C 429 30.32 16.62 13.81
N GLY C 430 29.24 15.84 13.89
CA GLY C 430 28.81 15.06 12.75
C GLY C 430 27.72 15.76 11.96
N GLY C 431 27.88 15.79 10.65
CA GLY C 431 26.85 16.30 9.77
C GLY C 431 25.71 15.30 9.65
N ASN C 432 25.15 15.25 8.44
CA ASN C 432 24.13 14.25 8.16
C ASN C 432 24.71 12.86 8.35
N MET C 433 23.88 11.95 8.88
CA MET C 433 24.37 10.61 9.20
C MET C 433 24.74 9.78 7.98
N ARG C 434 24.55 10.32 6.77
CA ARG C 434 25.06 9.63 5.59
C ARG C 434 26.58 9.50 5.62
N ASP C 435 27.25 10.36 6.40
CA ASP C 435 28.70 10.26 6.55
C ASP C 435 29.11 8.89 7.05
N ASN C 436 28.31 8.29 7.94
CA ASN C 436 28.66 6.99 8.48
C ASN C 436 28.68 5.93 7.38
N TRP C 437 27.68 5.97 6.49
CA TRP C 437 27.62 4.97 5.43
C TRP C 437 28.72 5.18 4.40
N ARG C 438 29.10 6.43 4.15
CA ARG C 438 30.26 6.68 3.30
C ARG C 438 31.55 6.26 3.98
N SER C 439 31.51 5.94 5.28
CA SER C 439 32.71 5.53 6.00
C SER C 439 33.04 4.05 5.83
N GLU C 440 32.17 3.26 5.22
CA GLU C 440 32.48 1.86 4.93
C GLU C 440 32.15 1.43 3.51
N LEU C 441 31.39 2.20 2.74
CA LEU C 441 31.19 1.91 1.33
C LEU C 441 32.17 2.74 0.50
N TYR C 442 33.28 3.13 1.11
CA TYR C 442 34.30 3.93 0.42
C TYR C 442 35.01 3.12 -0.65
N LYS C 443 35.19 1.82 -0.41
CA LYS C 443 36.00 0.98 -1.28
C LYS C 443 35.14 0.19 -2.26
N TYR C 444 34.05 0.79 -2.74
CA TYR C 444 33.15 0.11 -3.65
C TYR C 444 32.68 1.08 -4.73
N LYS C 445 32.41 0.53 -5.91
CA LYS C 445 31.88 1.30 -7.03
C LYS C 445 31.03 0.36 -7.87
N VAL C 446 29.95 0.91 -8.43
CA VAL C 446 28.98 0.13 -9.21
C VAL C 446 29.30 0.30 -10.68
N VAL C 447 29.33 -0.82 -11.42
CA VAL C 447 29.66 -0.83 -12.83
C VAL C 447 28.62 -1.67 -13.58
N GLU C 448 28.39 -1.32 -14.83
CA GLU C 448 27.49 -2.05 -15.71
C GLU C 448 28.29 -2.71 -16.81
N VAL C 449 28.18 -4.03 -16.94
CA VAL C 449 28.95 -4.80 -17.90
C VAL C 449 28.14 -4.94 -19.19
N LYS C 450 28.78 -4.61 -20.32
CA LYS C 450 28.17 -4.70 -21.64
C LYS C 450 29.10 -5.48 -22.55
N PRO C 451 29.07 -6.81 -22.47
CA PRO C 451 30.02 -7.63 -23.26
C PRO C 451 29.56 -7.85 -24.71
N LEU C 452 29.78 -6.82 -25.53
CA LEU C 452 29.44 -6.88 -26.94
C LEU C 452 30.56 -6.28 -27.78
N GLY C 453 31.79 -6.71 -27.53
CA GLY C 453 32.95 -6.07 -28.16
C GLY C 453 32.90 -6.16 -29.68
N ILE C 454 33.40 -5.10 -30.32
CA ILE C 454 33.50 -5.02 -31.77
C ILE C 454 34.96 -4.82 -32.12
N ALA C 455 35.40 -5.40 -33.23
CA ALA C 455 36.79 -5.29 -33.65
C ALA C 455 36.91 -5.61 -35.13
N PRO C 456 37.98 -5.18 -35.78
CA PRO C 456 38.28 -5.69 -37.12
C PRO C 456 38.92 -7.06 -37.07
N THR C 457 39.11 -7.66 -38.24
CA THR C 457 39.76 -8.96 -38.36
C THR C 457 40.01 -9.26 -39.83
N GLU C 458 40.61 -10.42 -40.08
CA GLU C 458 40.97 -10.81 -41.43
C GLU C 458 39.78 -11.42 -42.18
N CYS C 459 38.85 -12.01 -41.43
CA CYS C 459 37.92 -12.97 -42.02
C CYS C 459 36.72 -12.29 -42.66
N ASN C 460 35.93 -13.10 -43.35
CA ASN C 460 34.55 -12.78 -43.71
C ASN C 460 33.82 -14.11 -43.88
N ARG C 461 32.54 -14.11 -43.49
CA ARG C 461 31.79 -15.35 -43.52
C ARG C 461 31.72 -15.93 -44.93
N THR C 462 31.88 -17.25 -45.00
CA THR C 462 31.90 -17.96 -46.27
C THR C 462 30.81 -19.02 -46.30
N VAL D 3 23.81 -21.39 -11.61
CA VAL D 3 24.34 -20.01 -11.80
C VAL D 3 23.29 -19.20 -12.55
N GLY D 4 22.83 -18.09 -11.95
CA GLY D 4 21.78 -17.31 -12.61
C GLY D 4 22.20 -16.78 -13.95
N LEU D 5 23.04 -15.74 -13.97
CA LEU D 5 23.84 -15.44 -15.16
C LEU D 5 25.19 -14.85 -14.77
N GLY D 6 25.51 -14.84 -13.47
CA GLY D 6 26.75 -14.23 -13.03
C GLY D 6 27.98 -14.95 -13.55
N ALA D 7 27.84 -16.24 -13.89
CA ALA D 7 28.98 -17.00 -14.40
C ALA D 7 29.52 -16.42 -15.70
N VAL D 8 28.69 -15.69 -16.44
CA VAL D 8 29.09 -15.14 -17.73
C VAL D 8 29.35 -13.64 -17.61
N PHE D 9 28.38 -12.90 -17.08
CA PHE D 9 28.49 -11.44 -17.07
C PHE D 9 29.40 -10.91 -15.97
N LEU D 10 29.86 -11.76 -15.05
CA LEU D 10 30.96 -11.40 -14.17
C LEU D 10 32.25 -12.10 -14.57
N GLY D 11 32.13 -13.27 -15.19
CA GLY D 11 33.32 -13.98 -15.64
C GLY D 11 34.05 -13.25 -16.75
N PHE D 12 33.34 -12.45 -17.54
CA PHE D 12 33.98 -11.69 -18.61
C PHE D 12 34.86 -10.57 -18.09
N LEU D 13 34.76 -10.23 -16.81
CA LEU D 13 35.73 -9.35 -16.18
C LEU D 13 36.94 -10.12 -15.65
N GLY D 14 36.88 -11.46 -15.65
CA GLY D 14 38.05 -12.23 -15.26
C GLY D 14 39.24 -11.99 -16.18
N ALA D 15 38.98 -11.94 -17.49
CA ALA D 15 40.02 -11.50 -18.41
C ALA D 15 40.48 -10.08 -18.09
N ALA D 16 39.56 -9.22 -17.68
CA ALA D 16 39.90 -7.90 -17.15
C ALA D 16 40.65 -7.07 -18.19
N GLY D 17 41.34 -6.02 -17.75
CA GLY D 17 42.03 -5.14 -18.66
C GLY D 17 43.30 -5.71 -19.26
N SER D 18 43.46 -7.03 -19.23
CA SER D 18 44.57 -7.66 -19.93
C SER D 18 44.48 -7.34 -21.42
N THR D 19 45.64 -7.40 -22.08
CA THR D 19 45.73 -6.99 -23.47
C THR D 19 44.87 -7.90 -24.36
N MET D 20 44.45 -7.34 -25.49
CA MET D 20 43.61 -8.08 -26.44
C MET D 20 44.21 -9.42 -26.80
N GLY D 21 45.53 -9.50 -26.99
CA GLY D 21 46.16 -10.78 -27.26
C GLY D 21 45.88 -11.79 -26.17
N ALA D 22 45.92 -11.35 -24.92
CA ALA D 22 45.57 -12.22 -23.81
C ALA D 22 44.08 -12.52 -23.80
N ALA D 23 43.25 -11.49 -24.03
CA ALA D 23 41.81 -11.66 -23.99
C ALA D 23 41.29 -12.60 -25.06
N SER D 24 42.05 -12.83 -26.13
CA SER D 24 41.61 -13.71 -27.20
C SER D 24 41.84 -15.19 -26.90
N ASN D 25 42.66 -15.51 -25.89
CA ASN D 25 42.99 -16.90 -25.61
C ASN D 25 43.03 -17.23 -24.12
N THR D 26 42.59 -16.32 -23.25
CA THR D 26 42.58 -16.57 -21.80
C THR D 26 41.40 -17.48 -21.49
N LEU D 27 41.66 -18.79 -21.53
CA LEU D 27 40.63 -19.81 -21.35
C LEU D 27 40.87 -20.73 -20.17
N THR D 28 42.13 -20.94 -19.76
CA THR D 28 42.42 -21.88 -18.70
C THR D 28 42.18 -21.30 -17.31
N VAL D 29 41.87 -20.00 -17.20
CA VAL D 29 41.72 -19.36 -15.91
C VAL D 29 40.62 -19.96 -15.06
N GLN D 30 39.58 -20.53 -15.68
CA GLN D 30 38.51 -21.13 -14.90
C GLN D 30 38.99 -22.29 -14.03
N ALA D 31 40.01 -23.02 -14.48
CA ALA D 31 40.58 -24.11 -13.70
C ALA D 31 39.52 -25.15 -13.35
N LEU D 58 6.03 -9.64 -0.38
CA LEU D 58 5.52 -8.50 0.40
C LEU D 58 6.67 -7.82 1.14
N GLY D 59 6.44 -6.57 1.55
CA GLY D 59 7.46 -5.80 2.23
C GLY D 59 8.20 -4.89 1.27
N VAL D 60 9.33 -4.35 1.76
CA VAL D 60 10.15 -3.45 0.97
C VAL D 60 11.31 -4.19 0.32
N TRP D 61 12.00 -5.05 1.06
CA TRP D 61 13.13 -5.77 0.49
C TRP D 61 12.67 -6.68 -0.65
N GLY D 62 11.48 -7.25 -0.54
CA GLY D 62 10.95 -8.05 -1.63
C GLY D 62 10.77 -7.24 -2.90
N PHE D 63 10.25 -6.02 -2.77
CA PHE D 63 10.08 -5.16 -3.94
C PHE D 63 11.44 -4.75 -4.50
N LYS D 64 12.40 -4.45 -3.63
CA LYS D 64 13.75 -4.12 -4.11
C LYS D 64 14.36 -5.31 -4.83
N GLN D 65 14.18 -6.51 -4.29
CA GLN D 65 14.71 -7.70 -4.95
C GLN D 65 13.99 -8.00 -6.26
N LEU D 66 12.67 -7.80 -6.30
CA LEU D 66 11.93 -8.05 -7.54
C LEU D 66 12.41 -7.13 -8.64
N GLN D 67 12.58 -5.84 -8.33
CA GLN D 67 13.10 -4.91 -9.33
C GLN D 67 14.49 -5.31 -9.79
N ALA D 68 15.27 -5.95 -8.92
CA ALA D 68 16.60 -6.40 -9.31
C ALA D 68 16.51 -7.56 -10.30
N ARG D 69 15.66 -8.55 -10.03
CA ARG D 69 15.56 -9.70 -10.91
C ARG D 69 15.04 -9.30 -12.28
N VAL D 70 14.01 -8.46 -12.32
CA VAL D 70 13.47 -8.03 -13.60
C VAL D 70 14.50 -7.20 -14.37
N LEU D 71 15.17 -6.28 -13.68
CA LEU D 71 16.20 -5.48 -14.34
C LEU D 71 17.36 -6.36 -14.80
N ALA D 72 17.73 -7.36 -14.00
CA ALA D 72 18.82 -8.25 -14.39
C ALA D 72 18.48 -8.99 -15.68
N ILE D 73 17.22 -9.42 -15.82
CA ILE D 73 16.81 -10.11 -17.04
C ILE D 73 16.94 -9.19 -18.24
N GLU D 74 16.51 -7.93 -18.09
CA GLU D 74 16.53 -7.00 -19.22
C GLU D 74 17.97 -6.79 -19.71
N ARG D 75 18.91 -6.65 -18.79
CA ARG D 75 20.31 -6.48 -19.18
C ARG D 75 20.84 -7.66 -19.98
N TYR D 76 20.23 -8.84 -19.84
CA TYR D 76 20.63 -10.02 -20.59
C TYR D 76 19.89 -10.15 -21.92
N LEU D 77 18.61 -9.78 -21.96
CA LEU D 77 17.87 -9.82 -23.21
C LEU D 77 18.39 -8.79 -24.20
N GLU D 78 18.94 -7.68 -23.71
CA GLU D 78 19.40 -6.62 -24.60
C GLU D 78 20.52 -7.10 -25.50
N VAL D 79 21.56 -7.70 -24.92
CA VAL D 79 22.70 -8.12 -25.73
C VAL D 79 22.33 -9.31 -26.61
N GLN D 80 21.56 -10.25 -26.06
CA GLN D 80 21.17 -11.41 -26.87
C GLN D 80 20.26 -11.00 -28.02
N GLN D 81 19.48 -9.93 -27.83
CA GLN D 81 18.62 -9.44 -28.91
C GLN D 81 19.46 -8.97 -30.10
N LEU D 82 20.42 -8.08 -29.85
CA LEU D 82 21.28 -7.60 -30.93
C LEU D 82 22.18 -8.71 -31.44
N LEU D 83 22.78 -9.49 -30.54
CA LEU D 83 23.56 -10.64 -30.97
C LEU D 83 22.69 -11.67 -31.68
N GLY D 84 21.39 -11.67 -31.40
CA GLY D 84 20.47 -12.59 -32.02
C GLY D 84 20.04 -12.16 -33.41
N MET D 85 19.65 -10.89 -33.55
CA MET D 85 19.12 -10.42 -34.82
C MET D 85 20.20 -10.18 -35.86
N TRP D 86 21.47 -10.18 -35.47
CA TRP D 86 22.56 -9.99 -36.42
C TRP D 86 22.90 -11.27 -37.19
N GLY D 87 22.24 -12.38 -36.89
CA GLY D 87 22.66 -13.66 -37.43
C GLY D 87 23.78 -14.32 -36.66
N CYS D 88 24.32 -13.64 -35.65
CA CYS D 88 25.33 -14.19 -34.76
C CYS D 88 24.72 -14.88 -33.55
N SER D 89 23.46 -15.30 -33.64
CA SER D 89 22.74 -15.83 -32.50
C SER D 89 23.43 -17.05 -31.93
N GLY D 90 23.56 -17.09 -30.61
CA GLY D 90 24.06 -18.26 -29.93
C GLY D 90 25.56 -18.43 -30.02
N LYS D 91 26.10 -18.47 -31.24
CA LYS D 91 27.51 -18.73 -31.43
C LYS D 91 28.36 -17.71 -30.69
N LEU D 92 29.31 -18.20 -29.90
CA LEU D 92 30.10 -17.34 -29.04
C LEU D 92 30.94 -16.36 -29.85
N ILE D 93 31.57 -16.82 -30.91
CA ILE D 93 32.32 -15.97 -31.84
C ILE D 93 31.74 -16.16 -33.23
N CYS D 94 31.77 -15.11 -34.03
CA CYS D 94 31.31 -15.20 -35.41
C CYS D 94 31.87 -14.04 -36.22
N CYS D 95 32.17 -14.32 -37.48
CA CYS D 95 32.66 -13.29 -38.38
C CYS D 95 31.46 -12.67 -39.10
N THR D 96 31.71 -11.60 -39.85
CA THR D 96 30.64 -10.85 -40.50
C THR D 96 31.02 -10.61 -41.95
N ASN D 97 30.19 -9.87 -42.67
CA ASN D 97 30.34 -9.66 -44.10
C ASN D 97 30.21 -8.19 -44.49
N VAL D 98 30.57 -7.28 -43.59
CA VAL D 98 30.58 -5.85 -43.86
C VAL D 98 32.01 -5.36 -43.68
N PRO D 99 32.60 -4.67 -44.65
CA PRO D 99 34.03 -4.34 -44.54
C PRO D 99 34.30 -3.22 -43.55
N TRP D 100 35.56 -3.12 -43.17
CA TRP D 100 36.01 -2.08 -42.24
C TRP D 100 35.96 -0.72 -42.92
N ASN D 101 35.84 0.33 -42.10
CA ASN D 101 35.88 1.71 -42.54
C ASN D 101 37.07 2.38 -41.88
N SER D 102 38.00 2.88 -42.70
CA SER D 102 39.21 3.48 -42.17
C SER D 102 38.93 4.72 -41.34
N SER D 103 37.77 5.35 -41.53
CA SER D 103 37.43 6.53 -40.73
C SER D 103 37.37 6.20 -39.24
N TRP D 104 37.04 4.95 -38.90
CA TRP D 104 36.96 4.56 -37.50
C TRP D 104 38.33 4.69 -36.83
N SER D 105 39.39 4.26 -37.51
CA SER D 105 40.74 4.43 -37.00
C SER D 105 41.72 4.07 -38.11
N ASN D 106 42.96 4.52 -37.95
CA ASN D 106 44.00 4.26 -38.94
C ASN D 106 44.87 3.08 -38.53
N LYS D 107 45.22 3.01 -37.25
CA LYS D 107 46.02 1.90 -36.75
C LYS D 107 45.36 0.57 -37.10
N THR D 108 46.17 -0.38 -37.56
CA THR D 108 45.69 -1.60 -38.21
C THR D 108 45.84 -2.80 -37.29
N TYR D 109 45.54 -3.98 -37.85
CA TYR D 109 45.33 -5.21 -37.11
C TYR D 109 46.41 -5.52 -36.09
N ASN D 110 47.64 -5.75 -36.53
CA ASN D 110 48.70 -6.18 -35.62
C ASN D 110 49.08 -5.10 -34.62
N GLU D 111 48.68 -3.84 -34.86
CA GLU D 111 48.98 -2.76 -33.94
C GLU D 111 47.95 -2.64 -32.82
N ILE D 112 46.68 -2.90 -33.12
CA ILE D 112 45.63 -2.79 -32.12
C ILE D 112 45.37 -4.12 -31.43
N TRP D 113 45.54 -5.23 -32.14
CA TRP D 113 45.29 -6.53 -31.55
C TRP D 113 46.28 -6.87 -30.44
N ASP D 114 47.37 -6.12 -30.33
CA ASP D 114 48.36 -6.31 -29.28
C ASP D 114 48.78 -4.95 -28.74
N ASN D 115 49.31 -4.96 -27.52
CA ASN D 115 49.79 -3.75 -26.85
C ASN D 115 48.68 -2.72 -26.70
N MET D 116 47.50 -3.18 -26.28
CA MET D 116 46.40 -2.27 -25.97
C MET D 116 45.30 -3.04 -25.23
N THR D 117 44.85 -2.47 -24.11
CA THR D 117 43.73 -3.03 -23.38
C THR D 117 42.42 -2.75 -24.13
N TRP D 118 41.49 -3.70 -24.06
CA TRP D 118 40.24 -3.53 -24.80
C TRP D 118 39.47 -2.31 -24.32
N MET D 119 39.39 -2.10 -23.01
CA MET D 119 38.64 -0.96 -22.49
C MET D 119 39.17 0.33 -23.09
N GLN D 120 40.49 0.43 -23.27
CA GLN D 120 41.05 1.56 -24.00
C GLN D 120 40.58 1.55 -25.45
N TRP D 121 40.48 0.37 -26.05
CA TRP D 121 40.02 0.27 -27.43
C TRP D 121 38.58 0.75 -27.56
N ASP D 122 37.76 0.50 -26.54
CA ASP D 122 36.37 0.93 -26.59
C ASP D 122 36.26 2.46 -26.61
N ARG D 123 37.29 3.16 -26.14
CA ARG D 123 37.21 4.62 -26.08
C ARG D 123 37.13 5.24 -27.47
N GLU D 124 37.95 4.73 -28.41
CA GLU D 124 38.07 5.39 -29.71
C GLU D 124 36.93 5.04 -30.66
N ILE D 125 36.35 3.84 -30.52
CA ILE D 125 35.29 3.39 -31.42
C ILE D 125 33.90 3.60 -30.82
N GLY D 126 33.81 4.03 -29.56
CA GLY D 126 32.52 4.44 -29.03
C GLY D 126 31.91 5.58 -29.82
N ASN D 127 32.75 6.32 -30.56
CA ASN D 127 32.27 7.36 -31.46
C ASN D 127 31.51 6.80 -32.66
N TYR D 128 31.56 5.49 -32.89
CA TYR D 128 30.77 4.86 -33.94
C TYR D 128 29.97 3.65 -33.47
N THR D 129 29.99 3.31 -32.18
CA THR D 129 29.25 2.15 -31.70
C THR D 129 27.76 2.30 -31.94
N ASP D 130 27.25 3.53 -31.88
CA ASP D 130 25.82 3.77 -32.08
C ASP D 130 25.38 3.61 -33.53
N THR D 131 26.31 3.48 -34.47
CA THR D 131 26.00 3.35 -35.89
C THR D 131 26.50 2.05 -36.50
N ILE D 132 27.57 1.47 -35.96
CA ILE D 132 28.10 0.23 -36.51
C ILE D 132 27.08 -0.88 -36.44
N TYR D 133 26.20 -0.85 -35.44
CA TYR D 133 25.19 -1.89 -35.32
C TYR D 133 24.27 -1.91 -36.53
N LYS D 134 23.89 -0.73 -37.04
CA LYS D 134 22.99 -0.68 -38.18
C LYS D 134 23.58 -1.39 -39.38
N LEU D 135 24.90 -1.29 -39.57
CA LEU D 135 25.54 -1.99 -40.67
C LEU D 135 25.39 -3.50 -40.53
N LEU D 136 25.43 -4.00 -39.30
CA LEU D 136 25.20 -5.42 -39.07
C LEU D 136 23.76 -5.79 -39.38
N GLU D 137 22.80 -4.95 -38.96
CA GLU D 137 21.40 -5.26 -39.20
C GLU D 137 21.07 -5.30 -40.69
N VAL D 138 21.56 -4.32 -41.45
CA VAL D 138 21.27 -4.29 -42.87
C VAL D 138 22.03 -5.40 -43.59
N SER D 139 23.30 -5.60 -43.24
CA SER D 139 24.09 -6.65 -43.89
C SER D 139 23.50 -8.02 -43.61
N GLN D 140 23.10 -8.29 -42.37
CA GLN D 140 22.47 -9.57 -42.06
C GLN D 140 21.19 -9.75 -42.85
N PHE D 141 20.36 -8.70 -42.92
CA PHE D 141 19.11 -8.80 -43.65
C PHE D 141 19.35 -9.11 -45.12
N GLN D 142 20.33 -8.44 -45.72
CA GLN D 142 20.67 -8.75 -47.11
C GLN D 142 21.15 -10.19 -47.25
N GLN D 143 21.93 -10.67 -46.29
CA GLN D 143 22.46 -12.02 -46.38
C GLN D 143 21.35 -13.07 -46.36
N GLU D 144 20.38 -12.92 -45.46
CA GLU D 144 19.36 -13.95 -45.30
C GLU D 144 18.34 -13.94 -46.44
N ILE D 145 18.00 -12.77 -46.97
CA ILE D 145 17.13 -12.73 -48.15
C ILE D 145 17.86 -13.31 -49.36
N ASN D 146 19.18 -13.10 -49.43
CA ASN D 146 19.96 -13.67 -50.52
C ASN D 146 19.89 -15.19 -50.52
N GLU D 147 19.77 -15.80 -49.33
CA GLU D 147 19.62 -17.24 -49.26
C GLU D 147 18.28 -17.68 -49.84
N LYS D 148 17.19 -17.01 -49.45
CA LYS D 148 15.87 -17.38 -49.96
C LYS D 148 15.77 -17.12 -51.45
N ASP D 149 16.34 -16.02 -51.93
CA ASP D 149 16.26 -15.68 -53.34
C ASP D 149 17.01 -16.66 -54.23
N ASN D 150 17.90 -17.47 -53.66
CA ASN D 150 18.60 -18.51 -54.40
C ASN D 150 18.05 -19.90 -54.18
N LEU D 151 17.66 -20.22 -52.95
CA LEU D 151 17.10 -21.55 -52.68
C LEU D 151 15.68 -21.67 -53.20
N THR D 152 14.86 -20.64 -53.01
CA THR D 152 13.47 -20.68 -53.48
C THR D 152 13.36 -20.52 -54.98
N LEU D 153 14.35 -19.92 -55.63
CA LEU D 153 14.32 -19.72 -57.07
C LEU D 153 14.42 -21.06 -57.81
N GLY E 1 35.98 -44.09 -24.27
CA GLY E 1 34.76 -44.73 -24.84
C GLY E 1 33.51 -43.89 -24.63
N LEU E 2 32.78 -43.65 -25.72
CA LEU E 2 31.55 -42.87 -25.69
C LEU E 2 31.83 -41.42 -25.26
N TRP E 3 30.87 -40.54 -25.51
CA TRP E 3 31.05 -39.11 -25.31
C TRP E 3 29.77 -38.53 -24.72
N VAL E 4 29.86 -37.30 -24.22
CA VAL E 4 28.74 -36.70 -23.51
C VAL E 4 27.75 -36.13 -24.51
N THR E 5 26.46 -36.30 -24.22
CA THR E 5 25.38 -35.65 -24.95
C THR E 5 24.38 -35.05 -23.97
N VAL E 6 23.82 -33.90 -24.34
CA VAL E 6 22.79 -33.22 -23.55
C VAL E 6 21.47 -33.35 -24.26
N TYR E 7 20.48 -33.93 -23.58
CA TYR E 7 19.14 -34.14 -24.12
C TYR E 7 18.19 -33.12 -23.53
N TYR E 8 17.63 -32.27 -24.39
CA TYR E 8 16.63 -31.31 -23.95
C TYR E 8 15.28 -32.01 -23.80
N GLY E 9 14.46 -31.48 -22.89
CA GLY E 9 13.15 -32.05 -22.65
C GLY E 9 13.17 -33.31 -21.83
N VAL E 10 14.21 -33.53 -21.03
CA VAL E 10 14.24 -34.69 -20.14
C VAL E 10 13.20 -34.50 -19.03
N PRO E 11 12.47 -35.53 -18.61
CA PRO E 11 11.39 -35.34 -17.64
C PRO E 11 11.81 -35.32 -16.18
N VAL E 12 13.09 -35.19 -15.86
CA VAL E 12 13.50 -35.24 -14.46
C VAL E 12 12.91 -34.07 -13.69
N TRP E 13 12.61 -34.30 -12.41
CA TRP E 13 12.07 -33.27 -11.54
C TRP E 13 12.65 -33.43 -10.14
N ARG E 14 12.39 -32.43 -9.29
CA ARG E 14 12.76 -32.48 -7.89
C ARG E 14 11.77 -31.65 -7.09
N GLU E 15 11.70 -31.92 -5.80
CA GLU E 15 10.81 -31.17 -4.92
C GLU E 15 11.26 -29.71 -4.85
N ALA E 16 10.31 -28.83 -4.61
CA ALA E 16 10.58 -27.39 -4.59
C ALA E 16 9.50 -26.69 -3.79
N LYS E 17 9.68 -25.37 -3.63
CA LYS E 17 8.70 -24.50 -3.03
C LYS E 17 8.51 -23.31 -3.96
N THR E 18 7.26 -22.89 -4.15
CA THR E 18 6.94 -21.92 -5.18
C THR E 18 5.82 -21.00 -4.72
N THR E 19 5.84 -19.77 -5.23
CA THR E 19 4.76 -18.82 -5.02
C THR E 19 3.66 -19.04 -6.05
N LEU E 20 2.68 -19.87 -5.71
CA LEU E 20 1.60 -20.16 -6.63
C LEU E 20 0.70 -18.93 -6.80
N PHE E 21 -0.11 -18.95 -7.86
CA PHE E 21 -1.03 -17.85 -8.15
C PHE E 21 -2.40 -18.44 -8.45
N CYS E 22 -3.38 -17.55 -8.65
CA CYS E 22 -4.78 -17.91 -8.63
C CYS E 22 -5.40 -17.92 -10.02
N ALA E 23 -6.54 -18.60 -10.12
CA ALA E 23 -7.37 -18.60 -11.31
C ALA E 23 -8.76 -19.07 -10.90
N SER E 24 -9.75 -18.73 -11.72
CA SER E 24 -11.14 -19.08 -11.42
C SER E 24 -11.92 -19.15 -12.73
N ASP E 25 -13.21 -19.47 -12.59
CA ASP E 25 -14.06 -19.58 -13.76
C ASP E 25 -14.16 -18.26 -14.51
N ALA E 26 -14.29 -17.15 -13.79
CA ALA E 26 -14.36 -15.83 -14.41
C ALA E 26 -14.00 -14.75 -13.40
N LYS E 31 -17.30 -13.05 -12.49
CA LYS E 31 -18.53 -13.12 -11.73
C LYS E 31 -19.00 -11.74 -11.28
N GLU E 32 -18.09 -10.75 -11.38
CA GLU E 32 -18.42 -9.37 -11.11
C GLU E 32 -18.75 -9.22 -9.62
N VAL E 33 -19.03 -7.99 -9.17
CA VAL E 33 -19.42 -7.61 -7.82
C VAL E 33 -18.29 -7.94 -6.84
N HIS E 34 -18.26 -7.25 -5.70
CA HIS E 34 -17.07 -7.30 -4.85
C HIS E 34 -16.99 -8.60 -4.06
N ASN E 35 -16.83 -9.72 -4.75
CA ASN E 35 -16.55 -10.97 -4.06
C ASN E 35 -15.17 -10.90 -3.41
N VAL E 36 -15.09 -11.34 -2.16
CA VAL E 36 -13.86 -11.16 -1.40
C VAL E 36 -12.73 -12.01 -1.97
N TRP E 37 -12.98 -13.28 -2.27
CA TRP E 37 -11.90 -14.20 -2.62
C TRP E 37 -11.40 -13.97 -4.04
N ALA E 38 -12.25 -14.24 -5.04
CA ALA E 38 -11.80 -14.15 -6.42
C ALA E 38 -11.49 -12.71 -6.82
N THR E 39 -12.31 -11.75 -6.41
CA THR E 39 -12.08 -10.35 -6.72
C THR E 39 -12.15 -10.19 -8.24
N HIS E 40 -11.76 -9.02 -8.76
CA HIS E 40 -11.74 -8.81 -10.20
C HIS E 40 -10.33 -9.06 -10.74
N ALA E 41 -9.60 -10.00 -10.13
CA ALA E 41 -8.18 -10.14 -10.37
C ALA E 41 -7.80 -11.50 -10.96
N CYS E 42 -8.36 -12.58 -10.41
CA CYS E 42 -7.89 -13.91 -10.75
C CYS E 42 -8.09 -14.22 -12.23
N VAL E 43 -7.17 -15.02 -12.77
CA VAL E 43 -7.17 -15.31 -14.21
C VAL E 43 -8.38 -16.17 -14.55
N PRO E 44 -9.06 -15.93 -15.67
CA PRO E 44 -10.27 -16.68 -16.00
C PRO E 44 -9.98 -17.95 -16.80
N THR E 45 -11.07 -18.64 -17.17
CA THR E 45 -11.04 -19.77 -18.10
C THR E 45 -10.37 -21.00 -17.50
N ASP E 46 -9.21 -21.39 -18.02
CA ASP E 46 -8.53 -22.65 -17.75
C ASP E 46 -9.50 -23.82 -17.63
N PRO E 47 -10.28 -24.13 -18.68
CA PRO E 47 -10.95 -25.44 -18.72
C PRO E 47 -9.94 -26.54 -18.97
N ASN E 48 -9.76 -27.43 -18.01
CA ASN E 48 -8.57 -28.28 -17.93
C ASN E 48 -8.92 -29.75 -18.16
N PRO E 49 -8.95 -30.21 -19.42
CA PRO E 49 -8.95 -31.65 -19.69
C PRO E 49 -7.56 -32.26 -19.76
N GLN E 50 -6.52 -31.55 -19.31
CA GLN E 50 -5.14 -31.94 -19.53
C GLN E 50 -4.59 -32.86 -18.45
N GLU E 51 -5.42 -33.75 -17.90
CA GLU E 51 -4.95 -34.69 -16.91
C GLU E 51 -4.05 -35.72 -17.59
N LEU E 52 -2.74 -35.46 -17.60
CA LEU E 52 -1.80 -36.36 -18.25
C LEU E 52 -1.62 -37.62 -17.42
N VAL E 53 -1.60 -38.77 -18.09
CA VAL E 53 -1.60 -40.06 -17.39
C VAL E 53 -0.36 -40.20 -16.52
N LEU E 54 0.81 -39.88 -17.05
CA LEU E 54 2.07 -40.08 -16.34
C LEU E 54 2.20 -41.54 -15.92
N GLU E 55 2.30 -42.41 -16.93
CA GLU E 55 2.06 -43.83 -16.76
C GLU E 55 3.02 -44.47 -15.76
N ASN E 56 2.44 -45.01 -14.68
CA ASN E 56 3.08 -45.88 -13.70
C ASN E 56 4.47 -45.44 -13.24
N VAL E 57 4.67 -44.15 -12.99
CA VAL E 57 5.92 -43.70 -12.40
C VAL E 57 5.76 -43.63 -10.88
N THR E 58 6.71 -44.23 -10.16
CA THR E 58 6.65 -44.22 -8.71
C THR E 58 6.96 -42.83 -8.18
N GLU E 59 6.19 -42.39 -7.18
CA GLU E 59 6.43 -41.11 -6.52
C GLU E 59 5.78 -41.15 -5.14
N ASN E 60 6.35 -40.36 -4.23
CA ASN E 60 5.89 -40.32 -2.85
C ASN E 60 5.78 -38.88 -2.39
N PHE E 61 4.73 -38.58 -1.62
CA PHE E 61 4.56 -37.28 -1.02
C PHE E 61 3.64 -37.40 0.18
N ASN E 62 3.79 -36.47 1.12
CA ASN E 62 3.01 -36.46 2.35
C ASN E 62 2.38 -35.08 2.52
N MET E 63 1.09 -35.07 2.86
CA MET E 63 0.36 -33.81 3.01
C MET E 63 0.78 -33.02 4.25
N TRP E 64 1.53 -33.64 5.16
CA TRP E 64 1.79 -33.00 6.45
C TRP E 64 2.96 -32.02 6.36
N LYS E 65 4.09 -32.46 5.85
CA LYS E 65 5.24 -31.58 5.60
C LYS E 65 5.15 -30.88 4.25
N ASN E 66 4.05 -31.09 3.52
CA ASN E 66 3.83 -30.35 2.28
C ASN E 66 3.81 -28.85 2.55
N ASP E 67 4.47 -28.09 1.67
CA ASP E 67 4.59 -26.65 1.82
C ASP E 67 3.72 -25.91 0.81
N MET E 68 2.58 -26.48 0.46
CA MET E 68 1.57 -25.79 -0.34
C MET E 68 0.42 -25.31 0.54
N VAL E 69 0.02 -26.12 1.52
CA VAL E 69 -1.08 -25.74 2.40
C VAL E 69 -0.70 -24.50 3.21
N ASP E 70 0.52 -24.46 3.73
CA ASP E 70 0.96 -23.30 4.47
C ASP E 70 1.04 -22.06 3.59
N GLN E 71 1.26 -22.23 2.29
CA GLN E 71 1.19 -21.09 1.38
C GLN E 71 -0.24 -20.62 1.20
N MET E 72 -1.22 -21.53 1.27
CA MET E 72 -2.62 -21.11 1.21
C MET E 72 -2.98 -20.26 2.42
N HIS E 73 -2.37 -20.55 3.57
CA HIS E 73 -2.62 -19.75 4.76
C HIS E 73 -1.68 -18.54 4.86
N GLU E 74 -0.60 -18.51 4.09
CA GLU E 74 0.21 -17.30 4.01
C GLU E 74 -0.56 -16.17 3.35
N ASP E 75 -1.54 -16.50 2.52
CA ASP E 75 -2.54 -15.58 2.00
C ASP E 75 -3.90 -16.03 2.53
N ILE E 76 -4.98 -15.46 2.00
CA ILE E 76 -6.33 -15.58 2.56
C ILE E 76 -6.37 -14.82 3.88
N ILE E 77 -5.49 -15.18 4.82
CA ILE E 77 -5.28 -14.35 6.00
C ILE E 77 -4.86 -12.94 5.57
N SER E 78 -3.99 -12.86 4.56
CA SER E 78 -3.62 -11.55 4.01
C SER E 78 -4.72 -11.01 3.11
N LEU E 79 -5.49 -11.89 2.48
CA LEU E 79 -6.55 -11.44 1.58
C LEU E 79 -7.57 -10.58 2.30
N TRP E 80 -8.00 -11.01 3.49
CA TRP E 80 -8.97 -10.22 4.25
C TRP E 80 -8.35 -8.90 4.71
N ASP E 81 -7.05 -8.92 5.04
CA ASP E 81 -6.37 -7.69 5.41
C ASP E 81 -6.51 -6.63 4.33
N GLN E 82 -6.49 -7.06 3.06
CA GLN E 82 -6.69 -6.11 1.97
C GLN E 82 -8.07 -5.50 2.00
N SER E 83 -9.05 -6.21 2.56
CA SER E 83 -10.44 -5.76 2.55
C SER E 83 -10.90 -5.14 3.88
N LEU E 84 -10.19 -5.39 4.98
CA LEU E 84 -10.56 -4.77 6.24
C LEU E 84 -10.08 -3.32 6.31
N LYS E 85 -8.89 -3.06 5.81
CA LYS E 85 -8.27 -1.74 5.98
C LYS E 85 -9.09 -0.60 5.41
N PRO E 86 -9.62 -0.68 4.18
CA PRO E 86 -10.41 0.46 3.67
C PRO E 86 -11.67 0.75 4.49
N CYS E 87 -12.29 -0.27 5.06
CA CYS E 87 -13.62 -0.13 5.64
C CYS E 87 -13.58 0.63 6.96
N VAL E 88 -14.77 1.00 7.42
CA VAL E 88 -14.94 1.83 8.62
C VAL E 88 -14.46 1.08 9.85
N LYS E 89 -13.63 1.72 10.66
CA LYS E 89 -13.25 1.17 11.95
C LYS E 89 -14.34 1.47 12.98
N LEU E 90 -14.43 0.61 13.99
CA LEU E 90 -15.53 0.63 14.95
C LEU E 90 -15.04 0.89 16.38
N THR E 91 -13.91 1.57 16.54
CA THR E 91 -13.45 1.89 17.90
C THR E 91 -14.39 2.84 18.66
N PRO E 92 -14.96 3.90 18.07
CA PRO E 92 -15.73 4.85 18.90
C PRO E 92 -16.94 4.23 19.57
N LEU E 93 -17.44 3.10 19.08
CA LEU E 93 -18.60 2.46 19.69
C LEU E 93 -18.30 1.90 21.08
N CYS E 94 -17.03 1.84 21.48
CA CYS E 94 -16.67 1.33 22.79
C CYS E 94 -17.02 2.34 23.89
N VAL E 95 -18.31 2.41 24.23
CA VAL E 95 -18.78 3.35 25.24
C VAL E 95 -19.64 2.58 26.23
N THR E 96 -19.81 3.14 27.43
CA THR E 96 -20.64 2.52 28.45
C THR E 96 -22.02 2.24 27.87
N LEU E 97 -22.37 0.96 27.76
CA LEU E 97 -23.51 0.51 26.98
C LEU E 97 -24.50 -0.18 27.90
N ASN E 98 -25.70 0.37 28.02
CA ASN E 98 -26.68 0.00 29.04
C ASN E 98 -27.81 -0.81 28.41
N CYS E 99 -28.00 -2.04 28.86
CA CYS E 99 -28.94 -2.98 28.26
C CYS E 99 -29.91 -3.47 29.32
N SER E 100 -31.15 -3.76 28.91
CA SER E 100 -32.10 -4.44 29.79
C SER E 100 -32.53 -5.80 29.24
N ASP E 101 -33.19 -5.80 28.08
CA ASP E 101 -33.68 -7.00 27.41
C ASP E 101 -34.38 -6.58 26.12
N ALA E 102 -34.68 -7.58 25.30
CA ALA E 102 -35.38 -7.36 24.03
C ALA E 102 -36.59 -8.28 23.93
N LYS E 103 -37.74 -7.71 23.63
CA LYS E 103 -38.95 -8.46 23.36
C LYS E 103 -39.94 -7.56 22.64
N VAL E 104 -40.88 -8.19 21.93
CA VAL E 104 -41.90 -7.47 21.18
C VAL E 104 -43.28 -7.98 21.55
N GLU E 113 -33.54 -13.53 26.19
CA GLU E 113 -32.56 -14.43 26.82
C GLU E 113 -31.19 -14.29 26.17
N GLU E 114 -31.17 -13.91 24.88
CA GLU E 114 -29.93 -13.82 24.13
C GLU E 114 -29.85 -12.57 23.27
N ILE E 115 -30.82 -11.67 23.35
CA ILE E 115 -30.83 -10.45 22.54
C ILE E 115 -31.19 -9.29 23.45
N LYS E 116 -30.46 -8.18 23.32
CA LYS E 116 -30.61 -7.02 24.18
C LYS E 116 -31.12 -5.83 23.38
N ASN E 117 -32.17 -5.18 23.88
CA ASN E 117 -32.62 -3.91 23.33
C ASN E 117 -31.80 -2.80 23.97
N CYS E 118 -30.54 -2.70 23.58
CA CYS E 118 -29.56 -1.96 24.35
C CYS E 118 -29.39 -0.55 23.79
N SER E 119 -29.14 0.39 24.70
CA SER E 119 -29.02 1.81 24.37
C SER E 119 -27.64 2.33 24.73
N PHE E 120 -27.20 3.35 24.00
CA PHE E 120 -25.89 3.96 24.21
C PHE E 120 -25.91 5.36 23.63
N ASN E 121 -24.93 6.16 24.05
CA ASN E 121 -24.74 7.52 23.56
C ASN E 121 -23.66 7.49 22.48
N ALA E 122 -23.99 8.02 21.30
CA ALA E 122 -23.05 8.13 20.20
C ALA E 122 -23.19 9.52 19.59
N THR E 123 -22.08 10.03 19.06
CA THR E 123 -22.04 11.39 18.54
C THR E 123 -22.67 11.46 17.16
N THR E 124 -23.35 12.58 16.90
CA THR E 124 -24.05 12.79 15.64
C THR E 124 -23.08 13.33 14.59
N GLU E 125 -23.64 13.80 13.47
CA GLU E 125 -22.85 14.27 12.33
C GLU E 125 -21.67 15.15 12.71
N LEU E 126 -21.78 15.91 13.80
CA LEU E 126 -20.68 16.74 14.28
C LEU E 126 -20.33 16.34 15.71
N ARG E 127 -19.08 16.58 16.09
CA ARG E 127 -18.52 16.03 17.32
C ARG E 127 -18.86 16.87 18.54
N ASP E 128 -19.88 17.71 18.45
CA ASP E 128 -20.29 18.56 19.56
C ASP E 128 -21.59 18.16 20.21
N LYS E 129 -22.40 17.31 19.57
CA LYS E 129 -23.72 16.93 20.08
C LYS E 129 -23.80 15.41 20.20
N LYS E 130 -24.21 14.94 21.36
CA LYS E 130 -24.52 13.52 21.53
C LYS E 130 -25.92 13.24 21.01
N ARG E 131 -26.20 11.95 20.79
CA ARG E 131 -27.52 11.52 20.33
C ARG E 131 -27.84 10.15 20.91
N ARG E 132 -28.89 10.08 21.70
CA ARG E 132 -29.33 8.81 22.25
C ARG E 132 -29.73 7.87 21.13
N GLU E 133 -29.36 6.59 21.27
CA GLU E 133 -29.60 5.61 20.23
C GLU E 133 -29.81 4.24 20.85
N TYR E 134 -30.51 3.38 20.12
CA TYR E 134 -30.74 2.00 20.51
C TYR E 134 -30.32 1.08 19.38
N ALA E 135 -29.64 -0.01 19.72
CA ALA E 135 -29.16 -0.96 18.73
C ALA E 135 -29.07 -2.34 19.36
N LEU E 136 -29.56 -3.35 18.64
CA LEU E 136 -29.54 -4.70 19.16
C LEU E 136 -28.15 -5.31 19.06
N PHE E 137 -27.86 -6.22 19.99
CA PHE E 137 -26.65 -7.03 19.97
C PHE E 137 -26.97 -8.40 20.54
N TYR E 138 -26.44 -9.43 19.88
CA TYR E 138 -26.57 -10.77 20.43
C TYR E 138 -25.70 -10.92 21.66
N ARG E 139 -26.13 -11.76 22.59
CA ARG E 139 -25.53 -11.79 23.92
C ARG E 139 -24.03 -12.06 23.87
N LEU E 140 -23.56 -12.81 22.87
CA LEU E 140 -22.14 -13.12 22.80
C LEU E 140 -21.28 -11.88 22.63
N ASP E 141 -21.69 -10.94 21.79
CA ASP E 141 -20.86 -9.77 21.50
C ASP E 141 -20.56 -8.94 22.73
N ILE E 142 -21.56 -8.73 23.59
CA ILE E 142 -21.39 -7.89 24.78
C ILE E 142 -20.87 -8.74 25.92
N VAL E 143 -20.31 -8.09 26.93
CA VAL E 143 -19.91 -8.75 28.17
C VAL E 143 -20.41 -7.88 29.33
N PRO E 144 -21.01 -8.45 30.37
CA PRO E 144 -21.49 -7.61 31.47
C PRO E 144 -20.32 -6.98 32.23
N LEU E 145 -20.38 -5.66 32.38
CA LEU E 145 -19.32 -4.94 33.07
C LEU E 145 -19.28 -5.25 34.57
N SER E 146 -20.38 -5.76 35.13
CA SER E 146 -20.41 -6.08 36.55
C SER E 146 -19.72 -7.41 36.82
N ASN E 151 -28.28 -6.46 39.37
CA ASN E 151 -26.91 -6.96 39.45
C ASN E 151 -26.10 -6.63 38.20
N ASN E 152 -26.76 -6.09 37.19
CA ASN E 152 -26.10 -5.76 35.93
C ASN E 152 -26.95 -4.75 35.17
N SER E 153 -26.30 -3.66 34.77
CA SER E 153 -26.95 -2.65 33.94
C SER E 153 -26.05 -2.18 32.80
N GLU E 154 -24.74 -2.32 32.96
CA GLU E 154 -23.78 -1.83 31.98
C GLU E 154 -23.15 -3.00 31.22
N TYR E 155 -22.80 -2.74 29.95
CA TYR E 155 -22.19 -3.72 29.09
C TYR E 155 -21.15 -3.03 28.20
N ARG E 156 -20.34 -3.85 27.54
CA ARG E 156 -19.40 -3.36 26.54
C ARG E 156 -19.12 -4.48 25.55
N LEU E 157 -18.65 -4.11 24.36
CA LEU E 157 -18.30 -5.10 23.36
C LEU E 157 -17.12 -5.95 23.84
N ILE E 158 -17.17 -7.24 23.51
CA ILE E 158 -16.29 -8.21 24.15
C ILE E 158 -14.82 -7.92 23.85
N ASN E 159 -14.49 -7.73 22.57
CA ASN E 159 -13.09 -7.64 22.17
C ASN E 159 -12.55 -6.22 22.25
N CYS E 160 -13.23 -5.31 22.93
CA CYS E 160 -12.76 -3.94 23.03
C CYS E 160 -11.45 -3.82 23.78
N ASN E 161 -11.30 -4.51 24.91
CA ASN E 161 -10.14 -4.31 25.78
C ASN E 161 -8.88 -4.99 25.25
N THR E 162 -9.02 -5.98 24.37
CA THR E 162 -7.86 -6.68 23.84
C THR E 162 -7.43 -6.20 22.46
N SER E 163 -8.36 -5.70 21.65
CA SER E 163 -8.03 -5.39 20.26
C SER E 163 -8.95 -4.30 19.74
N VAL E 164 -8.41 -3.50 18.81
CA VAL E 164 -9.26 -2.64 18.01
C VAL E 164 -10.06 -3.51 17.05
N ILE E 165 -11.28 -3.04 16.74
CA ILE E 165 -12.23 -3.83 15.96
C ILE E 165 -12.74 -2.99 14.80
N THR E 166 -12.82 -3.61 13.62
CA THR E 166 -13.25 -2.95 12.40
C THR E 166 -14.55 -3.58 11.93
N GLN E 167 -15.12 -3.01 10.87
CA GLN E 167 -16.44 -3.39 10.38
C GLN E 167 -16.33 -3.79 8.91
N ILE E 168 -16.88 -4.95 8.56
CA ILE E 168 -16.89 -5.40 7.17
C ILE E 168 -17.88 -4.55 6.39
N CYS E 169 -17.45 -4.04 5.25
CA CYS E 169 -18.36 -3.30 4.38
C CYS E 169 -19.41 -4.26 3.83
N PRO E 170 -20.70 -3.90 3.85
CA PRO E 170 -21.70 -4.79 3.24
C PRO E 170 -21.49 -4.98 1.74
N LYS E 171 -20.72 -4.08 1.12
CA LYS E 171 -20.47 -4.19 -0.31
C LYS E 171 -19.78 -5.51 -0.65
N VAL E 172 -18.90 -5.99 0.22
CA VAL E 172 -18.23 -7.26 0.03
C VAL E 172 -19.04 -8.36 0.70
N THR E 173 -18.88 -9.59 0.21
CA THR E 173 -19.58 -10.74 0.75
C THR E 173 -18.64 -11.93 0.78
N PHE E 174 -18.87 -12.83 1.74
CA PHE E 174 -17.98 -13.96 1.98
C PHE E 174 -18.36 -15.19 1.17
N ASP E 175 -19.36 -15.10 0.28
CA ASP E 175 -19.83 -16.26 -0.47
C ASP E 175 -18.65 -16.93 -1.16
N PRO E 176 -18.23 -18.14 -0.74
CA PRO E 176 -17.00 -18.72 -1.28
C PRO E 176 -17.12 -19.17 -2.73
N ILE E 177 -16.49 -18.42 -3.63
CA ILE E 177 -16.31 -18.85 -5.02
C ILE E 177 -15.09 -19.76 -5.06
N PRO E 178 -15.12 -20.88 -5.79
CA PRO E 178 -13.93 -21.73 -5.86
C PRO E 178 -12.78 -21.01 -6.56
N ILE E 179 -11.57 -21.33 -6.12
CA ILE E 179 -10.34 -20.74 -6.66
C ILE E 179 -9.39 -21.85 -7.04
N HIS E 180 -8.78 -21.73 -8.21
CA HIS E 180 -7.83 -22.70 -8.73
C HIS E 180 -6.42 -22.15 -8.59
N TYR E 181 -5.55 -22.91 -7.94
CA TYR E 181 -4.13 -22.59 -7.90
C TYR E 181 -3.45 -23.10 -9.16
N CYS E 182 -2.47 -22.36 -9.64
CA CYS E 182 -1.75 -22.68 -10.86
C CYS E 182 -0.26 -22.62 -10.61
N ALA E 183 0.43 -23.67 -11.04
CA ALA E 183 1.88 -23.66 -11.00
C ALA E 183 2.40 -22.61 -11.97
N PRO E 184 3.41 -21.80 -11.60
CA PRO E 184 3.98 -20.88 -12.57
C PRO E 184 4.51 -21.64 -13.78
N ALA E 185 4.39 -21.02 -14.96
CA ALA E 185 4.79 -21.70 -16.19
C ALA E 185 6.24 -22.12 -16.08
N GLY E 186 6.48 -23.42 -16.03
CA GLY E 186 7.80 -23.98 -15.77
C GLY E 186 7.82 -24.99 -14.64
N TYR E 187 6.84 -24.97 -13.74
CA TYR E 187 6.70 -25.99 -12.70
C TYR E 187 5.67 -27.03 -13.15
N ALA E 188 5.33 -27.95 -12.25
CA ALA E 188 4.24 -28.89 -12.47
C ALA E 188 3.69 -29.32 -11.13
N ILE E 189 2.39 -29.60 -11.11
CA ILE E 189 1.69 -30.06 -9.91
C ILE E 189 1.33 -31.52 -10.12
N LEU E 190 1.81 -32.38 -9.23
CA LEU E 190 1.51 -33.80 -9.32
C LEU E 190 0.20 -34.10 -8.60
N LYS E 191 -0.33 -35.30 -8.86
CA LYS E 191 -1.61 -35.73 -8.29
C LYS E 191 -1.59 -37.24 -8.14
N CYS E 192 -2.03 -37.73 -6.99
CA CYS E 192 -2.11 -39.16 -6.71
C CYS E 192 -3.56 -39.61 -6.86
N ASN E 193 -3.75 -40.73 -7.56
CA ASN E 193 -5.07 -41.22 -7.90
C ASN E 193 -5.42 -42.54 -7.23
N ASN E 194 -4.53 -43.11 -6.40
CA ASN E 194 -4.87 -44.30 -5.65
C ASN E 194 -5.88 -43.90 -4.57
N LYS E 195 -7.15 -44.26 -4.79
CA LYS E 195 -8.23 -43.70 -3.98
C LYS E 195 -8.17 -44.17 -2.54
N THR E 196 -7.40 -45.23 -2.26
CA THR E 196 -7.24 -45.73 -0.90
C THR E 196 -5.95 -45.19 -0.31
N PHE E 197 -5.63 -43.94 -0.60
CA PHE E 197 -4.35 -43.36 -0.25
C PHE E 197 -4.10 -43.43 1.25
N ASN E 198 -2.88 -43.83 1.61
CA ASN E 198 -2.48 -43.91 3.01
C ASN E 198 -2.59 -42.56 3.70
N GLY E 199 -2.28 -41.48 2.98
CA GLY E 199 -2.04 -40.19 3.57
C GLY E 199 -0.58 -39.80 3.60
N THR E 200 0.32 -40.75 3.34
CA THR E 200 1.75 -40.51 3.31
C THR E 200 2.44 -41.71 2.68
N GLY E 201 3.46 -41.45 1.86
CA GLY E 201 4.25 -42.50 1.26
C GLY E 201 4.02 -42.64 -0.23
N PRO E 202 4.67 -43.64 -0.84
CA PRO E 202 4.56 -43.81 -2.29
C PRO E 202 3.12 -44.03 -2.74
N CYS E 203 2.80 -43.50 -3.92
CA CYS E 203 1.49 -43.65 -4.55
C CYS E 203 1.71 -44.31 -5.91
N ASN E 204 0.97 -45.39 -6.17
CA ASN E 204 1.20 -46.19 -7.37
C ASN E 204 0.61 -45.58 -8.64
N ASN E 205 -0.27 -44.59 -8.50
CA ASN E 205 -0.92 -43.96 -9.65
C ASN E 205 -0.78 -42.45 -9.52
N VAL E 206 -0.05 -41.84 -10.46
CA VAL E 206 0.27 -40.42 -10.38
C VAL E 206 -0.08 -39.75 -11.70
N SER E 207 -0.40 -38.46 -11.62
CA SER E 207 -0.71 -37.66 -12.80
C SER E 207 -0.26 -36.23 -12.52
N THR E 208 -0.32 -35.39 -13.56
CA THR E 208 0.14 -34.01 -13.46
C THR E 208 -0.84 -33.08 -14.16
N VAL E 209 -0.94 -31.85 -13.65
CA VAL E 209 -1.80 -30.82 -14.21
C VAL E 209 -1.19 -29.46 -13.91
N GLN E 210 -1.46 -28.50 -14.79
CA GLN E 210 -1.02 -27.13 -14.53
C GLN E 210 -1.74 -26.53 -13.33
N CYS E 211 -3.06 -26.72 -13.26
CA CYS E 211 -3.87 -26.12 -12.21
C CYS E 211 -4.88 -27.14 -11.71
N THR E 212 -5.03 -27.21 -10.39
CA THR E 212 -6.06 -28.06 -9.79
C THR E 212 -7.44 -27.53 -10.15
N HIS E 213 -8.42 -28.42 -10.17
CA HIS E 213 -9.73 -28.10 -10.72
C HIS E 213 -10.72 -27.59 -9.68
N GLY E 214 -10.48 -27.77 -8.39
CA GLY E 214 -11.41 -27.22 -7.42
C GLY E 214 -10.96 -27.19 -5.97
N ILE E 215 -11.12 -26.02 -5.35
CA ILE E 215 -10.99 -25.83 -3.91
C ILE E 215 -11.98 -24.74 -3.52
N LYS E 216 -12.53 -24.84 -2.30
CA LYS E 216 -13.41 -23.81 -1.77
C LYS E 216 -12.81 -23.22 -0.50
N PRO E 217 -12.76 -21.88 -0.35
CA PRO E 217 -12.09 -21.30 0.82
C PRO E 217 -12.97 -21.24 2.06
N VAL E 218 -14.08 -21.98 2.07
CA VAL E 218 -15.01 -21.95 3.20
C VAL E 218 -14.26 -22.27 4.48
N VAL E 219 -14.56 -21.52 5.53
CA VAL E 219 -13.90 -21.70 6.81
C VAL E 219 -14.76 -22.57 7.71
N SER E 220 -14.14 -23.58 8.32
CA SER E 220 -14.84 -24.43 9.27
C SER E 220 -13.81 -24.99 10.25
N THR E 221 -14.29 -25.31 11.46
CA THR E 221 -13.38 -25.67 12.55
C THR E 221 -13.74 -27.00 13.20
N GLN E 222 -14.91 -27.57 12.91
CA GLN E 222 -15.28 -28.86 13.49
C GLN E 222 -15.72 -29.84 12.41
N LEU E 223 -16.46 -29.35 11.42
CA LEU E 223 -16.95 -30.17 10.32
C LEU E 223 -16.70 -29.46 9.00
N LEU E 224 -16.28 -30.23 8.00
CA LEU E 224 -16.10 -29.68 6.67
C LEU E 224 -17.47 -29.40 6.04
N LEU E 225 -17.48 -28.50 5.06
CA LEU E 225 -18.70 -28.12 4.37
C LEU E 225 -18.40 -27.90 2.90
N ASN E 226 -19.34 -28.31 2.05
CA ASN E 226 -19.25 -28.16 0.60
C ASN E 226 -18.02 -28.87 0.04
N GLY E 227 -17.37 -29.71 0.84
CA GLY E 227 -16.12 -30.31 0.41
C GLY E 227 -16.34 -31.46 -0.54
N SER E 228 -15.27 -31.79 -1.28
CA SER E 228 -15.30 -32.90 -2.22
C SER E 228 -15.41 -34.22 -1.48
N LEU E 229 -16.51 -34.93 -1.71
CA LEU E 229 -16.69 -36.24 -1.08
C LEU E 229 -15.58 -37.19 -1.53
N ALA E 230 -15.18 -38.06 -0.62
CA ALA E 230 -14.08 -38.98 -0.89
C ALA E 230 -14.38 -39.84 -2.12
N GLU E 231 -13.33 -40.45 -2.66
CA GLU E 231 -13.42 -41.18 -3.92
C GLU E 231 -13.86 -42.62 -3.65
N GLU E 232 -15.15 -42.75 -3.37
CA GLU E 232 -15.86 -44.03 -3.31
C GLU E 232 -15.54 -44.84 -2.06
N GLU E 233 -14.58 -44.42 -1.24
CA GLU E 233 -14.19 -45.19 -0.06
C GLU E 233 -13.87 -44.24 1.09
N ILE E 234 -14.18 -44.70 2.29
CA ILE E 234 -13.85 -43.93 3.49
C ILE E 234 -12.34 -43.85 3.66
N ILE E 235 -11.87 -42.72 4.19
CA ILE E 235 -10.45 -42.47 4.34
C ILE E 235 -10.17 -41.97 5.76
N ILE E 236 -8.98 -42.29 6.26
CA ILE E 236 -8.51 -41.84 7.56
C ILE E 236 -7.10 -41.28 7.38
N ARG E 237 -6.83 -40.14 7.99
CA ARG E 237 -5.57 -39.44 7.81
C ARG E 237 -5.06 -38.94 9.16
N SER E 238 -3.74 -38.92 9.32
CA SER E 238 -3.13 -38.40 10.53
C SER E 238 -1.62 -38.34 10.34
N GLU E 239 -0.97 -37.44 11.10
CA GLU E 239 0.47 -37.49 11.24
C GLU E 239 0.89 -38.78 11.93
N ASN E 240 0.18 -39.15 12.98
CA ASN E 240 0.55 -40.27 13.84
C ASN E 240 -0.73 -40.76 14.51
N LEU E 241 -1.30 -41.85 13.99
CA LEU E 241 -2.53 -42.37 14.56
C LEU E 241 -2.38 -42.64 16.05
N THR E 242 -1.29 -43.28 16.44
CA THR E 242 -1.05 -43.59 17.84
C THR E 242 -0.51 -42.38 18.58
N ASP E 243 -1.30 -41.31 18.65
CA ASP E 243 -0.90 -40.10 19.36
C ASP E 243 -2.16 -39.38 19.84
N ASN E 244 -2.00 -38.55 20.87
CA ASN E 244 -3.12 -37.93 21.57
C ASN E 244 -3.21 -36.43 21.35
N VAL E 245 -2.38 -35.85 20.47
CA VAL E 245 -2.39 -34.40 20.27
C VAL E 245 -2.54 -34.03 18.80
N LYS E 246 -2.16 -34.94 17.90
CA LYS E 246 -2.28 -34.65 16.47
C LYS E 246 -3.70 -34.92 16.00
N THR E 247 -4.21 -34.00 15.18
CA THR E 247 -5.62 -34.01 14.78
C THR E 247 -5.85 -35.11 13.74
N ILE E 248 -6.84 -35.97 14.01
CA ILE E 248 -7.27 -36.94 13.01
C ILE E 248 -8.25 -36.28 12.06
N ILE E 249 -8.18 -36.65 10.78
CA ILE E 249 -9.09 -36.15 9.77
C ILE E 249 -9.81 -37.33 9.14
N VAL E 250 -11.13 -37.27 9.12
CA VAL E 250 -11.98 -38.28 8.49
C VAL E 250 -12.62 -37.64 7.27
N HIS E 251 -12.67 -38.39 6.17
CA HIS E 251 -13.12 -37.87 4.88
C HIS E 251 -14.22 -38.80 4.37
N LEU E 252 -15.47 -38.35 4.46
CA LEU E 252 -16.61 -39.24 4.28
C LEU E 252 -16.85 -39.60 2.82
N ASN E 253 -17.30 -40.83 2.61
CA ASN E 253 -17.88 -41.24 1.34
C ASN E 253 -19.39 -41.39 1.52
N GLU E 254 -20.14 -41.07 0.47
CA GLU E 254 -21.60 -40.93 0.59
C GLU E 254 -21.92 -39.86 1.63
N SER E 255 -21.55 -38.62 1.32
CA SER E 255 -21.68 -37.50 2.26
C SER E 255 -23.08 -37.43 2.85
N VAL E 256 -23.18 -36.73 3.98
CA VAL E 256 -24.42 -36.56 4.73
C VAL E 256 -24.79 -35.09 4.69
N GLU E 257 -26.06 -34.80 4.40
CA GLU E 257 -26.49 -33.42 4.20
C GLU E 257 -26.74 -32.73 5.54
N ILE E 258 -26.56 -31.40 5.53
CA ILE E 258 -26.81 -30.56 6.69
C ILE E 258 -27.54 -29.31 6.22
N THR E 259 -28.32 -28.71 7.11
CA THR E 259 -29.01 -27.46 6.81
C THR E 259 -29.14 -26.66 8.10
N CYS E 260 -28.67 -25.40 8.07
CA CYS E 260 -28.86 -24.45 9.15
C CYS E 260 -29.61 -23.24 8.62
N THR E 261 -30.41 -22.63 9.48
CA THR E 261 -31.30 -21.57 9.04
C THR E 261 -31.55 -20.58 10.18
N ARG E 262 -31.68 -19.31 9.81
CA ARG E 262 -32.11 -18.27 10.74
C ARG E 262 -33.53 -17.88 10.38
N PRO E 263 -34.55 -18.31 11.13
CA PRO E 263 -35.93 -18.03 10.72
C PRO E 263 -36.46 -16.65 11.05
N ASN E 264 -35.66 -15.77 11.66
CA ASN E 264 -36.14 -14.45 11.99
C ASN E 264 -36.16 -13.56 10.75
N ASN E 265 -36.78 -12.39 10.90
CA ASN E 265 -36.93 -11.41 9.83
C ASN E 265 -36.28 -10.07 10.22
N MET E 266 -35.09 -10.13 10.79
CA MET E 266 -34.44 -8.93 11.33
C MET E 266 -34.24 -7.88 10.24
N THR E 267 -34.35 -6.62 10.63
CA THR E 267 -34.23 -5.49 9.71
C THR E 267 -32.96 -4.71 10.05
N ARG E 268 -32.20 -4.35 9.01
CA ARG E 268 -30.96 -3.61 9.20
C ARG E 268 -31.26 -2.14 9.44
N LYS E 269 -30.47 -1.53 10.33
CA LYS E 269 -30.58 -0.11 10.64
C LYS E 269 -29.18 0.49 10.64
N SER E 270 -29.05 1.67 10.05
CA SER E 270 -27.76 2.38 10.01
C SER E 270 -27.72 3.44 11.09
N VAL E 271 -26.64 3.42 11.87
CA VAL E 271 -26.41 4.39 12.93
C VAL E 271 -25.03 5.00 12.74
N ARG E 272 -24.84 6.18 13.31
CA ARG E 272 -23.67 7.00 13.07
C ARG E 272 -22.74 6.99 14.27
N ILE E 273 -21.44 7.04 13.99
CA ILE E 273 -20.42 7.15 15.03
C ILE E 273 -19.44 8.26 14.62
N GLY E 274 -19.71 9.48 15.06
CA GLY E 274 -18.89 10.61 14.71
C GLY E 274 -19.03 10.95 13.24
N PRO E 275 -18.27 11.95 12.78
CA PRO E 275 -18.35 12.31 11.36
C PRO E 275 -17.85 11.18 10.46
N GLY E 276 -18.55 11.01 9.34
CA GLY E 276 -18.12 10.08 8.31
C GLY E 276 -18.32 8.62 8.67
N GLN E 277 -17.72 8.19 9.77
CA GLN E 277 -17.80 6.78 10.17
C GLN E 277 -19.23 6.41 10.55
N THR E 278 -19.68 5.26 10.06
CA THR E 278 -21.00 4.75 10.38
C THR E 278 -21.00 3.25 10.15
N PHE E 279 -21.98 2.57 10.75
CA PHE E 279 -22.09 1.12 10.64
C PHE E 279 -23.56 0.73 10.69
N TYR E 280 -23.81 -0.55 10.43
CA TYR E 280 -25.15 -1.11 10.37
C TYR E 280 -25.38 -2.01 11.57
N ALA E 281 -26.61 -1.99 12.10
CA ALA E 281 -26.96 -2.77 13.28
C ALA E 281 -28.36 -3.36 13.11
N LEU E 282 -28.65 -4.38 13.92
CA LEU E 282 -29.96 -5.01 13.89
C LEU E 282 -30.99 -4.13 14.57
N GLY E 283 -31.99 -3.67 13.80
CA GLY E 283 -32.97 -2.74 14.33
C GLY E 283 -33.99 -3.37 15.25
N ASP E 284 -34.86 -4.22 14.72
CA ASP E 284 -35.97 -4.80 15.46
C ASP E 284 -36.14 -6.27 15.11
N ILE E 285 -36.64 -7.05 16.06
CA ILE E 285 -37.07 -8.40 15.77
C ILE E 285 -38.48 -8.34 15.18
N ILE E 286 -38.64 -8.96 14.01
CA ILE E 286 -39.91 -9.00 13.31
C ILE E 286 -40.37 -10.46 13.24
N GLY E 287 -41.59 -10.71 13.71
CA GLY E 287 -42.08 -12.07 13.83
C GLY E 287 -41.65 -12.72 15.13
N ASP E 288 -42.12 -13.94 15.32
CA ASP E 288 -41.79 -14.71 16.52
C ASP E 288 -40.37 -15.24 16.38
N ILE E 289 -39.50 -14.85 17.31
CA ILE E 289 -38.12 -15.30 17.26
C ILE E 289 -38.04 -16.77 17.66
N ARG E 290 -37.26 -17.54 16.89
CA ARG E 290 -36.94 -18.91 17.21
C ARG E 290 -35.42 -19.08 17.21
N GLN E 291 -34.95 -20.04 18.00
CA GLN E 291 -33.53 -20.31 18.04
C GLN E 291 -33.05 -20.77 16.66
N PRO E 292 -31.94 -20.25 16.14
CA PRO E 292 -31.47 -20.70 14.81
C PRO E 292 -31.32 -22.21 14.72
N HIS E 293 -32.10 -22.82 13.83
CA HIS E 293 -32.11 -24.27 13.72
C HIS E 293 -30.91 -24.77 12.92
N CYS E 294 -30.47 -25.98 13.24
CA CYS E 294 -29.54 -26.74 12.42
C CYS E 294 -29.99 -28.19 12.38
N ASN E 295 -30.52 -28.61 11.24
CA ASN E 295 -31.07 -29.94 11.06
C ASN E 295 -30.10 -30.82 10.28
N ILE E 296 -29.99 -32.07 10.72
CA ILE E 296 -29.18 -33.08 10.05
C ILE E 296 -30.00 -34.36 9.98
N SER E 297 -29.85 -35.09 8.87
CA SER E 297 -30.60 -36.32 8.64
C SER E 297 -30.04 -37.40 9.56
N GLU E 298 -30.72 -37.58 10.71
CA GLU E 298 -30.24 -38.50 11.72
C GLU E 298 -30.21 -39.93 11.21
N ILE E 299 -31.14 -40.28 10.32
CA ILE E 299 -31.19 -41.65 9.81
C ILE E 299 -29.91 -42.00 9.08
N LYS E 300 -29.33 -41.05 8.34
CA LYS E 300 -28.04 -41.27 7.71
C LYS E 300 -26.91 -41.17 8.72
N TRP E 301 -27.04 -40.27 9.70
CA TRP E 301 -25.93 -39.99 10.60
C TRP E 301 -25.59 -41.19 11.47
N GLU E 302 -26.60 -41.96 11.89
CA GLU E 302 -26.38 -43.06 12.81
C GLU E 302 -25.35 -44.05 12.24
N LYS E 303 -25.67 -44.66 11.10
CA LYS E 303 -24.74 -45.60 10.50
C LYS E 303 -23.53 -44.91 9.88
N THR E 304 -23.59 -43.60 9.65
CA THR E 304 -22.44 -42.88 9.12
C THR E 304 -21.28 -42.91 10.11
N LEU E 305 -21.55 -42.61 11.38
CA LEU E 305 -20.51 -42.76 12.39
C LEU E 305 -20.18 -44.21 12.65
N GLN E 306 -21.12 -45.13 12.35
CA GLN E 306 -20.82 -46.55 12.46
C GLN E 306 -19.77 -46.96 11.44
N ARG E 307 -19.84 -46.42 10.22
CA ARG E 307 -18.93 -46.83 9.17
C ARG E 307 -17.52 -46.29 9.43
N VAL E 308 -17.40 -45.03 9.81
CA VAL E 308 -16.08 -44.47 10.10
C VAL E 308 -15.47 -45.16 11.30
N SER E 309 -16.28 -45.51 12.29
CA SER E 309 -15.77 -46.25 13.45
C SER E 309 -15.20 -47.60 13.03
N GLU E 310 -15.90 -48.30 12.13
CA GLU E 310 -15.38 -49.57 11.64
C GLU E 310 -14.03 -49.40 10.97
N LYS E 311 -13.85 -48.31 10.23
CA LYS E 311 -12.53 -48.00 9.68
C LYS E 311 -11.53 -47.73 10.80
N LEU E 312 -11.95 -47.02 11.84
CA LEU E 312 -11.07 -46.79 12.98
C LEU E 312 -10.72 -48.11 13.67
N ARG E 313 -11.69 -49.01 13.80
CA ARG E 313 -11.40 -50.33 14.35
C ARG E 313 -10.39 -51.06 13.47
N GLU E 314 -10.39 -50.78 12.17
CA GLU E 314 -9.43 -51.41 11.26
C GLU E 314 -7.99 -51.09 11.61
N HIS E 315 -7.75 -50.02 12.38
CA HIS E 315 -6.40 -49.63 12.77
C HIS E 315 -6.12 -49.85 14.25
N PHE E 316 -7.13 -50.16 15.07
CA PHE E 316 -6.92 -50.26 16.51
C PHE E 316 -7.59 -51.45 17.19
N ASN E 317 -8.34 -52.29 16.48
CA ASN E 317 -8.67 -53.62 16.96
C ASN E 317 -9.53 -53.62 18.22
N LYS E 318 -10.27 -52.55 18.48
CA LYS E 318 -11.06 -52.47 19.70
C LYS E 318 -12.17 -51.45 19.53
N THR E 319 -13.12 -51.48 20.48
CA THR E 319 -14.25 -50.58 20.46
C THR E 319 -13.81 -49.14 20.71
N ILE E 320 -14.66 -48.20 20.30
CA ILE E 320 -14.38 -46.78 20.45
C ILE E 320 -15.62 -46.10 21.01
N ILE E 321 -15.42 -44.89 21.54
CA ILE E 321 -16.50 -44.08 22.09
C ILE E 321 -16.29 -42.63 21.69
N PHE E 322 -17.39 -41.88 21.62
CA PHE E 322 -17.38 -40.46 21.26
C PHE E 322 -17.95 -39.66 22.42
N ASN E 323 -17.33 -38.53 22.72
CA ASN E 323 -17.82 -37.63 23.75
C ASN E 323 -18.16 -36.28 23.11
N GLN E 324 -18.54 -35.32 23.95
CA GLN E 324 -18.79 -33.96 23.47
C GLN E 324 -17.44 -33.33 23.13
N SER E 325 -17.47 -32.08 22.69
CA SER E 325 -16.23 -31.36 22.46
C SER E 325 -15.49 -31.16 23.78
N SER E 326 -14.32 -30.54 23.69
CA SER E 326 -13.47 -30.37 24.87
C SER E 326 -13.94 -29.20 25.73
N GLY E 327 -15.06 -28.57 25.36
CA GLY E 327 -15.60 -27.50 26.16
C GLY E 327 -14.70 -26.28 26.15
N GLY E 328 -14.81 -25.49 27.21
CA GLY E 328 -13.97 -24.31 27.32
C GLY E 328 -14.53 -23.16 26.52
N ASP E 329 -13.69 -22.60 25.65
CA ASP E 329 -14.09 -21.44 24.86
C ASP E 329 -15.03 -21.85 23.73
N LEU E 330 -15.55 -20.84 23.04
CA LEU E 330 -16.50 -21.02 21.93
C LEU E 330 -15.81 -21.07 20.58
N GLU E 331 -14.54 -21.52 20.55
CA GLU E 331 -13.79 -21.62 19.30
C GLU E 331 -13.37 -23.06 19.05
N ILE E 332 -13.12 -23.80 20.12
CA ILE E 332 -12.74 -25.21 19.98
C ILE E 332 -13.94 -26.13 20.18
N THR E 333 -14.99 -25.64 20.84
CA THR E 333 -16.09 -26.49 21.28
C THR E 333 -17.25 -26.56 20.29
N THR E 334 -17.23 -25.79 19.21
CA THR E 334 -18.45 -25.52 18.48
C THR E 334 -18.22 -25.58 16.97
N HIS E 335 -19.13 -26.23 16.27
CA HIS E 335 -19.26 -26.09 14.82
C HIS E 335 -19.41 -24.62 14.46
N SER E 336 -18.44 -24.10 13.70
CA SER E 336 -18.45 -22.71 13.29
C SER E 336 -18.28 -22.65 11.77
N PHE E 337 -19.19 -21.96 11.11
CA PHE E 337 -19.15 -21.89 9.65
C PHE E 337 -19.95 -20.69 9.18
N ASN E 338 -19.74 -20.31 7.93
CA ASN E 338 -20.47 -19.23 7.30
C ASN E 338 -21.67 -19.76 6.54
N CYS E 339 -22.85 -19.21 6.86
CA CYS E 339 -24.01 -19.30 5.98
C CYS E 339 -24.02 -18.19 4.95
N GLY E 340 -23.00 -17.32 4.97
CA GLY E 340 -22.90 -16.21 4.05
C GLY E 340 -23.42 -14.93 4.65
N GLY E 341 -22.50 -13.99 4.92
CA GLY E 341 -22.88 -12.76 5.58
C GLY E 341 -23.36 -12.96 7.00
N GLU E 342 -22.99 -14.08 7.62
CA GLU E 342 -23.44 -14.38 8.97
C GLU E 342 -22.63 -15.53 9.55
N PHE E 343 -22.28 -15.45 10.83
CA PHE E 343 -21.45 -16.45 11.50
C PHE E 343 -22.29 -17.25 12.48
N PHE E 344 -22.19 -18.56 12.41
CA PHE E 344 -22.92 -19.47 13.28
C PHE E 344 -21.96 -20.14 14.26
N TYR E 345 -22.48 -20.45 15.44
CA TYR E 345 -21.72 -21.15 16.48
C TYR E 345 -22.67 -22.10 17.19
N CYS E 346 -22.54 -23.40 16.92
CA CYS E 346 -23.50 -24.39 17.39
C CYS E 346 -22.86 -25.30 18.44
N ASN E 347 -23.68 -25.73 19.40
CA ASN E 347 -23.22 -26.68 20.40
C ASN E 347 -22.82 -28.00 19.75
N THR E 348 -23.66 -28.53 18.87
CA THR E 348 -23.36 -29.69 18.00
C THR E 348 -22.82 -30.88 18.78
N SER E 349 -23.01 -30.92 20.09
CA SER E 349 -22.57 -32.05 20.91
C SER E 349 -23.68 -32.57 21.79
N ASP E 350 -24.52 -31.67 22.30
CA ASP E 350 -25.46 -32.03 23.36
C ASP E 350 -26.42 -33.13 22.91
N LEU E 351 -27.00 -32.98 21.72
CA LEU E 351 -27.98 -33.92 21.20
C LEU E 351 -27.47 -34.68 19.98
N PHE E 352 -26.14 -34.69 19.75
CA PHE E 352 -25.63 -35.11 18.46
C PHE E 352 -24.64 -36.25 18.47
N PHE E 353 -23.71 -36.36 19.43
CA PHE E 353 -22.82 -37.51 19.42
C PHE E 353 -23.05 -38.44 20.61
N ASN E 354 -22.60 -38.01 21.79
CA ASN E 354 -22.92 -38.57 23.11
C ASN E 354 -22.57 -40.03 23.34
N LYS E 355 -22.25 -40.81 22.30
CA LYS E 355 -22.33 -42.26 22.48
C LYS E 355 -21.78 -43.02 21.27
N THR E 356 -21.93 -44.34 21.35
CA THR E 356 -21.47 -45.27 20.32
C THR E 356 -22.54 -46.35 20.16
N PHE E 357 -22.17 -47.43 19.47
CA PHE E 357 -23.11 -48.47 19.07
C PHE E 357 -22.59 -49.81 19.60
N ASN E 358 -23.25 -50.89 19.18
CA ASN E 358 -22.89 -52.21 19.68
C ASN E 358 -21.81 -52.87 18.82
N GLU E 359 -22.07 -53.01 17.52
CA GLU E 359 -21.14 -53.69 16.62
C GLU E 359 -21.28 -53.17 15.20
N THR E 368 -38.53 -45.15 11.26
CA THR E 368 -38.14 -44.13 12.22
C THR E 368 -37.72 -42.86 11.49
N ASN E 369 -38.69 -42.23 10.82
CA ASN E 369 -38.42 -41.00 10.07
C ASN E 369 -38.29 -39.81 11.01
N SER E 370 -37.10 -39.22 11.08
CA SER E 370 -36.87 -38.07 11.94
C SER E 370 -35.56 -37.41 11.55
N THR E 371 -35.39 -36.16 11.99
CA THR E 371 -34.17 -35.39 11.77
C THR E 371 -33.75 -34.76 13.09
N ILE E 372 -32.47 -34.90 13.42
CA ILE E 372 -31.94 -34.42 14.69
C ILE E 372 -31.63 -32.94 14.56
N THR E 373 -31.82 -32.21 15.66
CA THR E 373 -31.61 -30.77 15.73
C THR E 373 -30.41 -30.46 16.61
N LEU E 374 -29.92 -29.22 16.48
CA LEU E 374 -28.80 -28.74 17.29
C LEU E 374 -29.14 -27.39 17.91
N PRO E 375 -28.70 -27.12 19.14
CA PRO E 375 -28.75 -25.74 19.64
C PRO E 375 -27.65 -24.92 18.98
N CYS E 376 -28.01 -23.72 18.53
CA CYS E 376 -27.05 -22.87 17.86
C CYS E 376 -27.39 -21.41 18.14
N ARG E 377 -26.38 -20.55 18.04
CA ARG E 377 -26.52 -19.15 18.36
C ARG E 377 -25.54 -18.34 17.52
N ILE E 378 -25.91 -17.10 17.22
CA ILE E 378 -25.20 -16.27 16.26
C ILE E 378 -24.26 -15.33 17.01
N LYS E 379 -23.21 -14.86 16.34
CA LYS E 379 -22.22 -13.99 16.97
C LYS E 379 -21.79 -12.95 15.94
N GLN E 380 -22.06 -11.67 16.22
CA GLN E 380 -21.64 -10.61 15.30
C GLN E 380 -20.13 -10.39 15.35
N ILE E 381 -19.56 -10.32 16.54
CA ILE E 381 -18.13 -10.07 16.73
C ILE E 381 -17.42 -11.41 16.74
N ILE E 382 -16.36 -11.53 15.93
CA ILE E 382 -15.64 -12.79 15.81
C ILE E 382 -14.16 -12.55 16.08
N ASN E 383 -13.45 -13.63 16.37
CA ASN E 383 -12.03 -13.62 16.68
C ASN E 383 -11.23 -14.51 15.72
N MET E 384 -11.50 -14.40 14.42
CA MET E 384 -10.94 -15.34 13.45
C MET E 384 -9.42 -15.35 13.52
N TRP E 385 -8.87 -16.55 13.30
CA TRP E 385 -7.43 -16.82 13.39
C TRP E 385 -6.94 -16.80 14.83
N GLN E 386 -7.84 -16.55 15.79
CA GLN E 386 -7.56 -16.58 17.23
C GLN E 386 -6.18 -16.02 17.56
N GLU E 387 -5.98 -14.77 17.15
CA GLU E 387 -4.73 -14.07 17.38
C GLU E 387 -5.02 -12.67 17.93
N VAL E 388 -4.10 -12.18 18.76
CA VAL E 388 -4.30 -10.90 19.42
C VAL E 388 -4.27 -9.77 18.40
N GLY E 389 -5.04 -8.72 18.70
CA GLY E 389 -5.02 -7.53 17.89
C GLY E 389 -5.81 -7.60 16.60
N ARG E 390 -6.67 -8.60 16.44
CA ARG E 390 -7.46 -8.77 15.23
C ARG E 390 -8.89 -9.13 15.59
N ALA E 391 -9.84 -8.45 14.95
CA ALA E 391 -11.26 -8.73 15.12
C ALA E 391 -12.02 -8.01 14.02
N MET E 392 -13.30 -8.34 13.88
CA MET E 392 -14.12 -7.70 12.88
C MET E 392 -15.59 -7.79 13.30
N TYR E 393 -16.39 -6.87 12.75
CA TYR E 393 -17.83 -6.82 12.98
C TYR E 393 -18.52 -7.34 11.72
N ALA E 394 -19.36 -8.35 11.88
CA ALA E 394 -20.08 -8.92 10.74
C ALA E 394 -21.40 -8.17 10.56
N PRO E 395 -21.59 -7.45 9.45
CA PRO E 395 -22.86 -6.74 9.26
C PRO E 395 -24.00 -7.73 9.06
N PRO E 396 -25.05 -7.66 9.88
CA PRO E 396 -26.14 -8.63 9.75
C PRO E 396 -26.83 -8.52 8.39
N ILE E 397 -27.27 -9.66 7.88
CA ILE E 397 -28.05 -9.70 6.66
C ILE E 397 -29.53 -9.68 7.01
N ALA E 398 -30.27 -8.75 6.41
CA ALA E 398 -31.68 -8.60 6.72
C ALA E 398 -32.48 -9.80 6.24
N GLY E 399 -33.51 -10.14 6.99
CA GLY E 399 -34.42 -11.20 6.62
C GLY E 399 -33.86 -12.59 6.91
N ASN E 400 -34.56 -13.58 6.37
CA ASN E 400 -34.21 -14.97 6.60
C ASN E 400 -33.14 -15.43 5.61
N ILE E 401 -32.28 -16.34 6.07
CA ILE E 401 -31.25 -16.92 5.23
C ILE E 401 -31.14 -18.40 5.56
N THR E 402 -31.05 -19.22 4.51
CA THR E 402 -30.89 -20.65 4.67
C THR E 402 -29.79 -21.12 3.73
N CYS E 403 -29.05 -22.15 4.15
CA CYS E 403 -27.93 -22.66 3.36
C CYS E 403 -27.81 -24.16 3.59
N LYS E 404 -28.39 -24.93 2.66
CA LYS E 404 -28.18 -26.37 2.65
C LYS E 404 -26.77 -26.68 2.15
N SER E 405 -26.13 -27.67 2.77
CA SER E 405 -24.75 -28.00 2.44
C SER E 405 -24.48 -29.46 2.79
N ASN E 406 -23.33 -29.94 2.37
CA ASN E 406 -22.91 -31.32 2.57
C ASN E 406 -21.77 -31.37 3.58
N ILE E 407 -21.92 -32.21 4.60
CA ILE E 407 -20.78 -32.55 5.45
C ILE E 407 -19.99 -33.66 4.76
N THR E 408 -18.66 -33.50 4.72
CA THR E 408 -17.81 -34.48 4.07
C THR E 408 -16.61 -34.91 4.91
N GLY E 409 -16.42 -34.33 6.09
CA GLY E 409 -15.31 -34.73 6.92
C GLY E 409 -15.36 -34.24 8.35
N LEU E 410 -15.13 -35.14 9.29
CA LEU E 410 -15.06 -34.78 10.70
C LEU E 410 -13.60 -34.61 11.13
N LEU E 411 -13.39 -33.69 12.05
CA LEU E 411 -12.08 -33.48 12.68
C LEU E 411 -12.15 -33.98 14.12
N LEU E 412 -11.31 -34.97 14.43
CA LEU E 412 -11.36 -35.67 15.71
C LEU E 412 -10.04 -35.53 16.44
N THR E 413 -10.11 -35.21 17.73
CA THR E 413 -8.96 -35.24 18.61
C THR E 413 -9.07 -36.46 19.52
N ARG E 414 -7.91 -37.07 19.80
CA ARG E 414 -7.85 -38.25 20.64
C ARG E 414 -7.61 -37.84 22.08
N ASP E 415 -8.48 -38.29 22.98
CA ASP E 415 -8.38 -37.96 24.39
C ASP E 415 -7.43 -38.93 25.09
N THR E 422 -8.27 -50.72 26.53
CA THR E 422 -9.63 -51.07 26.93
C THR E 422 -10.64 -50.47 25.95
N LYS E 423 -10.51 -49.18 25.69
CA LYS E 423 -11.42 -48.49 24.79
C LYS E 423 -10.72 -47.25 24.25
N GLU E 424 -11.26 -46.72 23.15
CA GLU E 424 -10.73 -45.55 22.47
C GLU E 424 -11.76 -44.43 22.54
N THR E 425 -11.29 -43.23 22.90
CA THR E 425 -12.15 -42.07 23.04
C THR E 425 -11.78 -41.01 22.02
N PHE E 426 -12.78 -40.31 21.49
CA PHE E 426 -12.58 -39.23 20.55
C PHE E 426 -13.49 -38.06 20.92
N ARG E 427 -13.07 -36.86 20.52
CA ARG E 427 -13.86 -35.65 20.72
C ARG E 427 -13.78 -34.84 19.42
N PRO E 428 -14.90 -34.48 18.81
CA PRO E 428 -14.83 -33.65 17.61
C PRO E 428 -14.34 -32.24 17.92
N GLY E 429 -13.77 -31.61 16.90
CA GLY E 429 -13.23 -30.26 17.03
C GLY E 429 -11.74 -30.21 16.85
N GLY E 430 -11.29 -29.69 15.71
CA GLY E 430 -9.87 -29.61 15.43
C GLY E 430 -9.19 -28.56 16.30
N GLY E 431 -7.91 -28.79 16.57
CA GLY E 431 -7.13 -27.87 17.39
C GLY E 431 -6.60 -26.65 16.66
N ASN E 432 -6.74 -26.60 15.34
CA ASN E 432 -6.28 -25.45 14.57
C ASN E 432 -7.00 -25.45 13.24
N MET E 433 -7.45 -24.27 12.80
CA MET E 433 -8.22 -24.17 11.56
C MET E 433 -7.38 -24.46 10.32
N ARG E 434 -6.05 -24.40 10.42
CA ARG E 434 -5.22 -24.72 9.26
C ARG E 434 -5.40 -26.18 8.83
N ASP E 435 -5.71 -27.06 9.78
CA ASP E 435 -5.84 -28.47 9.47
C ASP E 435 -6.97 -28.74 8.50
N ASN E 436 -7.92 -27.81 8.38
CA ASN E 436 -9.05 -28.00 7.49
C ASN E 436 -8.60 -28.15 6.04
N TRP E 437 -7.61 -27.35 5.63
CA TRP E 437 -7.19 -27.35 4.24
C TRP E 437 -6.61 -28.69 3.82
N ARG E 438 -6.05 -29.46 4.76
CA ARG E 438 -5.49 -30.75 4.42
C ARG E 438 -6.54 -31.70 3.84
N SER E 439 -7.81 -31.47 4.12
CA SER E 439 -8.87 -32.34 3.62
C SER E 439 -9.11 -32.17 2.12
N GLU E 440 -8.52 -31.17 1.48
CA GLU E 440 -8.74 -30.92 0.05
C GLU E 440 -7.46 -30.77 -0.77
N LEU E 441 -6.34 -30.38 -0.17
CA LEU E 441 -5.08 -30.22 -0.88
C LEU E 441 -4.06 -31.31 -0.53
N TYR E 442 -4.53 -32.44 -0.01
CA TYR E 442 -3.61 -33.51 0.37
C TYR E 442 -2.89 -34.09 -0.85
N LYS E 443 -3.60 -34.22 -1.95
CA LYS E 443 -3.14 -35.04 -3.07
C LYS E 443 -2.23 -34.27 -4.04
N TYR E 444 -1.62 -33.14 -3.67
CA TYR E 444 -0.77 -32.39 -4.57
C TYR E 444 0.61 -32.15 -3.96
N LYS E 445 1.62 -32.13 -4.82
CA LYS E 445 2.97 -31.74 -4.44
C LYS E 445 3.58 -30.97 -5.60
N VAL E 446 4.16 -29.82 -5.28
CA VAL E 446 4.83 -29.01 -6.30
C VAL E 446 6.20 -29.60 -6.58
N VAL E 447 6.50 -29.77 -7.87
CA VAL E 447 7.80 -30.29 -8.31
C VAL E 447 8.35 -29.39 -9.39
N GLU E 448 9.64 -29.09 -9.28
CA GLU E 448 10.33 -28.23 -10.25
C GLU E 448 10.86 -29.11 -11.38
N VAL E 449 10.11 -29.18 -12.47
CA VAL E 449 10.59 -29.87 -13.65
C VAL E 449 11.80 -29.10 -14.18
N LYS E 450 12.93 -29.81 -14.31
CA LYS E 450 14.21 -29.22 -14.68
C LYS E 450 14.74 -29.98 -15.89
N PRO E 451 14.20 -29.69 -17.08
CA PRO E 451 14.45 -30.59 -18.22
C PRO E 451 15.84 -30.43 -18.84
N LEU E 452 16.88 -30.51 -18.02
CA LEU E 452 18.26 -30.59 -18.48
C LEU E 452 18.89 -31.85 -17.91
N GLY E 453 19.34 -32.74 -18.79
CA GLY E 453 19.94 -33.98 -18.37
C GLY E 453 21.17 -34.28 -19.19
N ILE E 454 22.02 -35.17 -18.65
CA ILE E 454 23.27 -35.54 -19.27
C ILE E 454 23.31 -37.06 -19.42
N ALA E 455 23.87 -37.52 -20.53
CA ALA E 455 23.99 -38.94 -20.80
C ALA E 455 25.17 -39.14 -21.74
N PRO E 456 25.69 -40.36 -21.86
CA PRO E 456 26.74 -40.62 -22.84
C PRO E 456 26.16 -40.71 -24.25
N THR E 457 27.04 -41.02 -25.21
CA THR E 457 26.63 -41.30 -26.57
C THR E 457 27.84 -41.77 -27.36
N GLU E 458 27.58 -42.31 -28.55
CA GLU E 458 28.67 -42.71 -29.43
C GLU E 458 29.17 -41.54 -30.28
N CYS E 459 28.32 -40.54 -30.51
CA CYS E 459 28.68 -39.42 -31.35
C CYS E 459 29.64 -38.48 -30.64
N ASN E 460 30.48 -37.81 -31.41
CA ASN E 460 31.27 -36.70 -30.94
C ASN E 460 31.25 -35.62 -32.02
N ARG E 461 31.47 -34.37 -31.60
CA ARG E 461 31.33 -33.24 -32.50
C ARG E 461 32.30 -33.38 -33.67
N THR E 462 31.75 -33.48 -34.88
CA THR E 462 32.55 -33.59 -36.09
C THR E 462 31.92 -32.77 -37.22
N LEU F 5 5.46 -19.76 -23.20
CA LEU F 5 6.65 -19.94 -22.32
C LEU F 5 6.31 -20.78 -21.10
N GLY F 6 7.16 -21.76 -20.80
CA GLY F 6 7.03 -22.54 -19.58
C GLY F 6 5.99 -23.63 -19.66
N ALA F 7 4.77 -23.29 -20.08
CA ALA F 7 3.67 -24.26 -20.10
C ALA F 7 3.98 -25.46 -20.97
N VAL F 8 4.84 -25.31 -21.97
CA VAL F 8 5.18 -26.44 -22.84
C VAL F 8 6.01 -27.49 -22.10
N PHE F 9 6.60 -27.14 -20.96
CA PHE F 9 7.44 -28.10 -20.24
C PHE F 9 6.66 -29.31 -19.76
N LEU F 10 5.34 -29.20 -19.61
CA LEU F 10 4.54 -30.36 -19.23
C LEU F 10 4.62 -31.46 -20.28
N GLY F 11 4.72 -31.09 -21.55
CA GLY F 11 4.88 -32.09 -22.59
C GLY F 11 6.12 -32.93 -22.40
N PHE F 12 7.22 -32.29 -22.00
CA PHE F 12 8.44 -33.03 -21.69
C PHE F 12 8.25 -33.92 -20.47
N LEU F 13 7.49 -33.45 -19.48
CA LEU F 13 7.23 -34.27 -18.30
C LEU F 13 6.54 -35.58 -18.65
N GLY F 14 5.88 -35.65 -19.80
CA GLY F 14 5.30 -36.91 -20.22
C GLY F 14 6.35 -37.97 -20.45
N ALA F 15 5.93 -39.23 -20.35
CA ALA F 15 6.82 -40.38 -20.51
C ALA F 15 7.89 -40.44 -19.44
N ALA F 16 7.61 -39.87 -18.25
CA ALA F 16 8.56 -39.96 -17.16
C ALA F 16 8.82 -41.42 -16.79
N GLY F 17 7.76 -42.23 -16.71
CA GLY F 17 7.92 -43.64 -16.48
C GLY F 17 8.07 -44.37 -17.80
N SER F 18 9.31 -44.50 -18.26
CA SER F 18 9.59 -45.12 -19.55
C SER F 18 11.09 -45.30 -19.68
N THR F 19 11.48 -46.12 -20.65
CA THR F 19 12.89 -46.27 -20.98
C THR F 19 13.38 -45.03 -21.71
N MET F 20 14.66 -44.71 -21.52
CA MET F 20 15.23 -43.55 -22.19
C MET F 20 15.07 -43.65 -23.70
N GLY F 21 15.21 -44.85 -24.27
CA GLY F 21 14.99 -45.02 -25.69
C GLY F 21 13.53 -44.83 -26.07
N ALA F 22 12.62 -45.32 -25.22
CA ALA F 22 11.19 -45.26 -25.55
C ALA F 22 10.62 -43.85 -25.42
N ALA F 23 11.32 -42.94 -24.74
CA ALA F 23 10.81 -41.58 -24.59
C ALA F 23 10.63 -40.90 -25.94
N SER F 24 11.41 -41.29 -26.95
CA SER F 24 11.27 -40.68 -28.27
C SER F 24 9.91 -40.95 -28.88
N ASN F 25 9.23 -42.03 -28.49
CA ASN F 25 7.94 -42.36 -29.07
C ASN F 25 6.84 -41.43 -28.54
N THR F 26 6.89 -41.08 -27.25
CA THR F 26 5.85 -40.23 -26.69
C THR F 26 5.82 -38.87 -27.35
N LEU F 27 6.99 -38.27 -27.59
CA LEU F 27 7.04 -37.01 -28.31
C LEU F 27 6.52 -37.16 -29.73
N THR F 28 6.69 -38.34 -30.33
CA THR F 28 6.08 -38.60 -31.63
C THR F 28 4.56 -38.69 -31.52
N VAL F 29 4.07 -39.35 -30.47
CA VAL F 29 2.62 -39.44 -30.26
C VAL F 29 2.05 -38.07 -29.93
N GLN F 30 2.80 -37.25 -29.20
CA GLN F 30 2.36 -35.90 -28.84
C GLN F 30 1.99 -35.10 -30.08
N LEU F 58 -2.18 -4.08 -8.67
CA LEU F 58 -2.06 -4.02 -7.22
C LEU F 58 -2.99 -5.05 -6.57
N GLY F 59 -2.76 -5.31 -5.29
CA GLY F 59 -3.51 -6.32 -4.57
C GLY F 59 -2.73 -7.61 -4.43
N VAL F 60 -3.21 -8.46 -3.53
CA VAL F 60 -2.52 -9.72 -3.24
C VAL F 60 -2.50 -10.61 -4.49
N TRP F 61 -3.64 -10.73 -5.17
CA TRP F 61 -3.69 -11.56 -6.37
C TRP F 61 -2.85 -10.97 -7.50
N GLY F 62 -2.74 -9.64 -7.57
CA GLY F 62 -1.93 -9.01 -8.59
C GLY F 62 -0.45 -9.21 -8.38
N PHE F 63 0.05 -8.80 -7.21
CA PHE F 63 1.48 -8.93 -6.93
C PHE F 63 1.90 -10.38 -6.88
N LYS F 64 1.08 -11.24 -6.27
CA LYS F 64 1.43 -12.65 -6.18
C LYS F 64 1.55 -13.29 -7.56
N GLN F 65 0.79 -12.79 -8.53
CA GLN F 65 0.94 -13.28 -9.90
C GLN F 65 2.22 -12.74 -10.54
N LEU F 66 2.53 -11.46 -10.31
CA LEU F 66 3.73 -10.88 -10.88
C LEU F 66 4.98 -11.60 -10.37
N GLN F 67 5.02 -11.89 -9.07
CA GLN F 67 6.14 -12.65 -8.53
C GLN F 67 6.24 -14.01 -9.20
N ALA F 68 5.11 -14.63 -9.50
CA ALA F 68 5.14 -15.91 -10.20
C ALA F 68 5.51 -15.73 -11.67
N ARG F 69 4.98 -14.70 -12.31
CA ARG F 69 5.24 -14.50 -13.74
C ARG F 69 6.72 -14.26 -14.00
N VAL F 70 7.37 -13.44 -13.17
CA VAL F 70 8.80 -13.20 -13.35
C VAL F 70 9.59 -14.48 -13.11
N LEU F 71 9.14 -15.31 -12.17
CA LEU F 71 9.85 -16.55 -11.88
C LEU F 71 9.85 -17.47 -13.10
N ALA F 72 8.74 -17.53 -13.83
CA ALA F 72 8.67 -18.37 -15.02
C ALA F 72 9.73 -17.98 -16.03
N ILE F 73 9.93 -16.68 -16.24
CA ILE F 73 10.92 -16.22 -17.20
C ILE F 73 12.32 -16.60 -16.73
N GLU F 74 12.61 -16.43 -15.44
CA GLU F 74 13.96 -16.62 -14.94
C GLU F 74 14.42 -18.06 -15.14
N ARG F 75 13.60 -19.03 -14.73
CA ARG F 75 13.98 -20.43 -14.81
C ARG F 75 13.93 -20.98 -16.22
N TYR F 76 13.43 -20.20 -17.19
CA TYR F 76 13.59 -20.52 -18.60
C TYR F 76 14.83 -19.89 -19.20
N LEU F 77 15.13 -18.64 -18.85
CA LEU F 77 16.35 -18.01 -19.33
C LEU F 77 17.58 -18.66 -18.72
N GLU F 78 17.45 -19.17 -17.49
CA GLU F 78 18.54 -19.91 -16.86
C GLU F 78 18.69 -21.28 -17.50
N VAL F 79 17.75 -21.65 -18.36
CA VAL F 79 17.83 -22.89 -19.13
C VAL F 79 18.33 -22.55 -20.53
N GLN F 80 17.71 -21.54 -21.16
CA GLN F 80 18.14 -21.15 -22.50
C GLN F 80 19.55 -20.59 -22.49
N GLN F 81 20.00 -20.05 -21.35
CA GLN F 81 21.37 -19.54 -21.27
C GLN F 81 22.38 -20.67 -21.18
N LEU F 82 22.05 -21.74 -20.48
CA LEU F 82 22.97 -22.87 -20.36
C LEU F 82 23.29 -23.45 -21.72
N LEU F 83 22.28 -23.64 -22.56
CA LEU F 83 22.53 -24.13 -23.91
C LEU F 83 23.38 -23.15 -24.70
N GLY F 84 23.08 -21.84 -24.58
CA GLY F 84 23.91 -20.86 -25.24
C GLY F 84 25.35 -20.90 -24.75
N MET F 85 25.54 -20.97 -23.45
CA MET F 85 26.89 -21.15 -22.90
C MET F 85 27.51 -22.48 -23.32
N TRP F 86 26.68 -23.47 -23.69
CA TRP F 86 27.17 -24.74 -24.20
C TRP F 86 27.21 -24.77 -25.72
N GLY F 87 26.85 -23.67 -26.38
CA GLY F 87 27.07 -23.52 -27.81
C GLY F 87 26.00 -24.12 -28.70
N CYS F 88 25.46 -25.27 -28.32
CA CYS F 88 24.45 -25.93 -29.13
C CYS F 88 23.07 -25.33 -28.85
N SER F 89 22.95 -24.02 -29.04
CA SER F 89 21.75 -23.30 -28.62
C SER F 89 20.53 -23.79 -29.38
N GLY F 90 19.44 -24.01 -28.64
CA GLY F 90 18.13 -24.21 -29.23
C GLY F 90 17.81 -25.63 -29.67
N LYS F 91 18.81 -26.31 -30.24
CA LYS F 91 18.54 -27.62 -30.82
C LYS F 91 18.09 -28.61 -29.74
N LEU F 92 17.14 -29.46 -30.12
CA LEU F 92 16.54 -30.38 -29.17
C LEU F 92 17.55 -31.36 -28.57
N ILE F 93 18.62 -31.69 -29.28
CA ILE F 93 19.65 -32.59 -28.79
C ILE F 93 21.02 -31.98 -29.10
N CYS F 94 22.02 -32.36 -28.32
CA CYS F 94 23.37 -31.84 -28.44
C CYS F 94 24.38 -32.98 -28.46
N CYS F 95 25.33 -32.90 -29.38
CA CYS F 95 26.50 -33.76 -29.37
C CYS F 95 27.72 -32.91 -29.00
N THR F 96 28.54 -33.45 -28.11
CA THR F 96 29.62 -32.68 -27.49
C THR F 96 30.96 -33.37 -27.76
N ASN F 97 32.02 -32.85 -27.11
CA ASN F 97 33.37 -33.32 -27.37
C ASN F 97 33.99 -33.98 -26.14
N VAL F 98 33.49 -33.67 -24.96
CA VAL F 98 34.12 -34.19 -23.73
C VAL F 98 33.82 -35.68 -23.61
N PRO F 99 34.74 -36.49 -23.04
CA PRO F 99 34.50 -37.93 -22.97
C PRO F 99 33.67 -38.36 -21.78
N TRP F 100 33.24 -39.62 -21.80
CA TRP F 100 32.50 -40.20 -20.69
C TRP F 100 33.48 -40.88 -19.75
N ASN F 101 33.87 -40.16 -18.70
CA ASN F 101 34.73 -40.73 -17.67
C ASN F 101 34.06 -41.96 -17.06
N SER F 102 34.81 -43.06 -16.96
CA SER F 102 34.25 -44.28 -16.41
C SER F 102 33.87 -44.11 -14.94
N SER F 103 34.48 -43.15 -14.24
CA SER F 103 34.13 -42.90 -12.85
C SER F 103 32.69 -42.43 -12.70
N TRP F 104 32.11 -41.80 -13.72
CA TRP F 104 30.72 -41.38 -13.64
C TRP F 104 29.79 -42.59 -13.69
N SER F 105 29.89 -43.39 -14.75
CA SER F 105 29.18 -44.65 -14.83
C SER F 105 29.78 -45.50 -15.94
N ASN F 106 30.16 -46.74 -15.63
CA ASN F 106 30.79 -47.62 -16.60
C ASN F 106 29.81 -48.58 -17.27
N LYS F 107 28.50 -48.32 -17.16
CA LYS F 107 27.53 -49.05 -17.96
C LYS F 107 27.50 -48.47 -19.37
N THR F 108 27.75 -49.30 -20.37
CA THR F 108 27.81 -48.80 -21.73
C THR F 108 26.40 -48.62 -22.30
N TYR F 109 26.34 -48.38 -23.61
CA TYR F 109 25.08 -48.02 -24.25
C TYR F 109 24.00 -49.07 -24.03
N ASN F 110 24.36 -50.35 -24.15
CA ASN F 110 23.35 -51.40 -24.15
C ASN F 110 22.61 -51.48 -22.81
N GLU F 111 23.22 -51.02 -21.72
CA GLU F 111 22.59 -51.13 -20.41
C GLU F 111 21.79 -49.89 -20.05
N ILE F 112 22.46 -48.73 -20.00
CA ILE F 112 21.88 -47.57 -19.33
C ILE F 112 20.63 -47.07 -20.06
N TRP F 113 20.55 -47.26 -21.38
CA TRP F 113 19.33 -46.93 -22.11
C TRP F 113 18.28 -48.03 -22.06
N ASP F 114 18.58 -49.17 -21.45
CA ASP F 114 17.71 -50.33 -21.57
C ASP F 114 16.34 -50.06 -20.95
N ASN F 115 16.29 -49.94 -19.61
CA ASN F 115 15.01 -49.87 -18.90
C ASN F 115 14.98 -48.79 -17.83
N MET F 116 15.87 -47.80 -17.87
CA MET F 116 15.88 -46.76 -16.84
C MET F 116 15.21 -45.50 -17.34
N THR F 117 14.30 -44.97 -16.54
CA THR F 117 13.88 -43.58 -16.70
C THR F 117 14.96 -42.67 -16.12
N TRP F 118 14.94 -41.41 -16.56
CA TRP F 118 16.00 -40.49 -16.14
C TRP F 118 16.00 -40.24 -14.64
N MET F 119 14.92 -40.58 -13.93
CA MET F 119 14.93 -40.46 -12.48
C MET F 119 16.07 -41.27 -11.88
N GLN F 120 16.20 -42.53 -12.28
CA GLN F 120 17.34 -43.34 -11.84
C GLN F 120 18.64 -42.75 -12.35
N TRP F 121 18.67 -42.31 -13.61
CA TRP F 121 19.90 -41.78 -14.18
C TRP F 121 20.33 -40.51 -13.48
N ASP F 122 19.38 -39.72 -12.99
CA ASP F 122 19.74 -38.52 -12.23
C ASP F 122 20.48 -38.89 -10.95
N ARG F 123 20.07 -39.96 -10.28
CA ARG F 123 20.75 -40.39 -9.06
C ARG F 123 22.19 -40.80 -9.36
N GLU F 124 22.40 -41.51 -10.47
CA GLU F 124 23.76 -41.94 -10.82
C GLU F 124 24.64 -40.74 -11.12
N ILE F 125 24.10 -39.74 -11.82
CA ILE F 125 24.91 -38.63 -12.30
C ILE F 125 24.82 -37.43 -11.36
N GLY F 126 24.08 -37.54 -10.26
CA GLY F 126 23.80 -36.37 -9.44
C GLY F 126 25.05 -35.71 -8.87
N ASN F 127 25.98 -36.52 -8.37
CA ASN F 127 27.15 -35.97 -7.71
C ASN F 127 28.11 -35.29 -8.69
N TYR F 128 28.04 -35.62 -9.97
CA TYR F 128 28.95 -35.11 -10.98
C TYR F 128 28.34 -34.00 -11.84
N THR F 129 27.19 -33.45 -11.43
CA THR F 129 26.47 -32.52 -12.30
C THR F 129 27.28 -31.25 -12.53
N ASP F 130 27.73 -30.61 -11.45
CA ASP F 130 28.37 -29.30 -11.60
C ASP F 130 29.67 -29.39 -12.38
N THR F 131 30.51 -30.39 -12.06
CA THR F 131 31.77 -30.54 -12.79
C THR F 131 31.51 -30.85 -14.26
N ILE F 132 30.42 -31.56 -14.56
CA ILE F 132 30.07 -31.83 -15.95
C ILE F 132 29.76 -30.52 -16.67
N TYR F 133 29.03 -29.63 -16.01
CA TYR F 133 28.64 -28.36 -16.65
C TYR F 133 29.88 -27.55 -17.01
N LYS F 134 30.77 -27.33 -16.05
CA LYS F 134 31.95 -26.52 -16.31
C LYS F 134 32.90 -27.22 -17.28
N LEU F 135 33.01 -28.54 -17.18
CA LEU F 135 33.83 -29.29 -18.14
C LEU F 135 33.31 -29.10 -19.56
N LEU F 136 32.00 -29.15 -19.73
CA LEU F 136 31.42 -28.93 -21.06
C LEU F 136 31.66 -27.50 -21.52
N GLU F 137 31.53 -26.53 -20.61
CA GLU F 137 31.64 -25.12 -20.99
C GLU F 137 33.01 -24.81 -21.59
N VAL F 138 34.07 -25.23 -20.90
CA VAL F 138 35.42 -24.95 -21.40
C VAL F 138 35.66 -25.68 -22.72
N SER F 139 35.10 -26.88 -22.86
CA SER F 139 35.22 -27.60 -24.12
C SER F 139 34.59 -26.83 -25.27
N GLN F 140 33.54 -26.05 -24.99
CA GLN F 140 32.96 -25.21 -26.02
C GLN F 140 33.83 -23.99 -26.28
N PHE F 141 34.37 -23.39 -25.22
CA PHE F 141 35.18 -22.19 -25.38
C PHE F 141 36.45 -22.50 -26.17
N GLN F 142 37.05 -23.67 -25.94
CA GLN F 142 38.31 -24.00 -26.59
C GLN F 142 38.13 -24.33 -28.06
N GLN F 143 36.96 -24.84 -28.47
CA GLN F 143 36.74 -25.13 -29.87
C GLN F 143 36.48 -23.85 -30.67
N GLU F 144 35.95 -22.81 -30.00
CA GLU F 144 35.75 -21.54 -30.69
C GLU F 144 37.08 -20.97 -31.18
N ILE F 145 38.11 -20.99 -30.33
CA ILE F 145 39.42 -20.51 -30.77
C ILE F 145 39.97 -21.42 -31.85
N ASN F 146 39.70 -22.73 -31.77
CA ASN F 146 40.09 -23.63 -32.85
C ASN F 146 39.37 -23.26 -34.14
N GLU F 147 38.07 -22.95 -34.05
CA GLU F 147 37.37 -22.41 -35.21
C GLU F 147 37.94 -21.07 -35.62
N LYS F 148 38.44 -20.29 -34.64
CA LYS F 148 39.03 -19.00 -34.93
C LYS F 148 40.43 -19.13 -35.54
N ASP F 149 41.08 -20.28 -35.38
CA ASP F 149 42.42 -20.45 -35.93
C ASP F 149 42.42 -20.31 -37.44
N ASN F 150 41.45 -20.93 -38.11
CA ASN F 150 41.33 -20.78 -39.56
C ASN F 150 41.09 -19.34 -39.96
N LEU F 151 40.45 -18.54 -39.09
CA LEU F 151 40.19 -17.14 -39.34
C LEU F 151 41.29 -16.21 -38.85
N THR F 152 42.30 -16.75 -38.16
CA THR F 152 43.39 -15.93 -37.62
C THR F 152 44.78 -16.41 -38.04
N LEU F 153 44.91 -17.62 -38.58
CA LEU F 153 46.22 -18.13 -39.00
C LEU F 153 46.76 -17.31 -40.16
N GLY G 1 4.64 -23.81 -54.05
CA GLY G 1 4.37 -23.95 -52.59
C GLY G 1 4.89 -25.26 -52.03
N LEU G 2 3.97 -26.10 -51.55
CA LEU G 2 4.26 -27.45 -51.08
C LEU G 2 4.96 -27.47 -49.72
N TRP G 3 5.37 -26.30 -49.21
CA TRP G 3 6.12 -26.21 -47.96
C TRP G 3 5.83 -24.87 -47.30
N VAL G 4 5.47 -24.90 -46.02
CA VAL G 4 5.30 -23.66 -45.27
C VAL G 4 6.67 -23.09 -44.91
N THR G 5 6.70 -21.82 -44.58
CA THR G 5 7.92 -21.15 -44.14
C THR G 5 7.57 -20.09 -43.11
N VAL G 6 8.35 -20.04 -42.04
CA VAL G 6 8.14 -19.05 -41.00
C VAL G 6 8.78 -17.74 -41.41
N TYR G 7 8.01 -16.67 -41.41
CA TYR G 7 8.49 -15.34 -41.76
C TYR G 7 8.46 -14.45 -40.52
N TYR G 8 9.60 -14.34 -39.85
CA TYR G 8 9.73 -13.46 -38.70
C TYR G 8 9.72 -12.00 -39.16
N GLY G 9 9.16 -11.14 -38.31
CA GLY G 9 9.10 -9.72 -38.61
C GLY G 9 7.92 -9.31 -39.46
N VAL G 10 6.87 -10.12 -39.49
CA VAL G 10 5.71 -9.86 -40.34
C VAL G 10 4.86 -8.75 -39.74
N PRO G 11 4.33 -7.80 -40.55
CA PRO G 11 3.35 -6.86 -40.02
C PRO G 11 1.96 -7.47 -39.87
N VAL G 12 1.56 -7.74 -38.64
CA VAL G 12 0.20 -8.17 -38.32
C VAL G 12 -0.15 -7.60 -36.96
N TRP G 13 -1.34 -7.04 -36.83
CA TRP G 13 -1.73 -6.36 -35.60
C TRP G 13 -3.16 -6.74 -35.23
N ARG G 14 -3.41 -6.72 -33.93
CA ARG G 14 -4.72 -7.05 -33.37
C ARG G 14 -4.91 -6.23 -32.09
N GLU G 15 -6.17 -5.97 -31.76
CA GLU G 15 -6.47 -5.17 -30.58
C GLU G 15 -6.05 -5.90 -29.31
N ALA G 16 -5.65 -5.12 -28.31
CA ALA G 16 -5.17 -5.68 -27.05
C ALA G 16 -5.25 -4.62 -25.97
N LYS G 17 -5.89 -4.96 -24.84
CA LYS G 17 -5.95 -4.07 -23.69
C LYS G 17 -4.76 -4.36 -22.79
N THR G 18 -3.86 -3.39 -22.64
CA THR G 18 -2.65 -3.62 -21.85
C THR G 18 -2.20 -2.30 -21.24
N THR G 19 -1.32 -2.41 -20.24
CA THR G 19 -0.95 -1.29 -19.40
C THR G 19 -0.09 -0.26 -20.14
N LEU G 20 -0.08 0.97 -19.61
CA LEU G 20 0.74 2.06 -20.12
C LEU G 20 1.41 2.74 -18.92
N PHE G 21 2.45 3.52 -19.18
CA PHE G 21 3.37 3.96 -18.12
C PHE G 21 3.83 5.39 -18.38
N CYS G 22 4.92 5.79 -17.70
CA CYS G 22 5.35 7.18 -17.57
C CYS G 22 5.68 7.91 -18.86
N ALA G 23 5.82 9.23 -18.75
CA ALA G 23 6.59 10.06 -19.69
C ALA G 23 6.62 11.48 -19.13
N SER G 24 7.79 12.12 -19.23
CA SER G 24 7.97 13.45 -18.67
C SER G 24 9.31 14.01 -19.13
N ASP G 25 9.51 15.30 -18.85
CA ASP G 25 10.74 16.00 -19.19
C ASP G 25 10.69 17.37 -18.52
N ALA G 26 11.88 17.94 -18.29
CA ALA G 26 11.99 19.27 -17.71
C ALA G 26 11.28 19.34 -16.35
N GLU G 32 12.48 21.93 -6.45
CA GLU G 32 11.27 21.12 -6.65
C GLU G 32 11.00 20.27 -5.43
N VAL G 33 9.72 19.98 -5.18
CA VAL G 33 9.31 19.21 -4.01
C VAL G 33 8.52 17.98 -4.45
N HIS G 34 7.42 18.18 -5.17
CA HIS G 34 6.54 17.09 -5.55
C HIS G 34 5.43 17.65 -6.42
N ASN G 35 4.78 16.75 -7.17
CA ASN G 35 3.62 17.11 -7.97
C ASN G 35 2.61 15.98 -7.89
N VAL G 36 1.33 16.33 -7.90
CA VAL G 36 0.28 15.33 -7.70
C VAL G 36 0.28 14.31 -8.82
N TRP G 37 0.58 14.75 -10.06
CA TRP G 37 0.61 13.84 -11.20
C TRP G 37 1.93 13.08 -11.31
N ALA G 38 2.38 12.46 -10.21
CA ALA G 38 3.68 11.81 -10.16
C ALA G 38 4.74 12.74 -10.76
N THR G 39 5.45 12.28 -11.80
CA THR G 39 6.34 13.13 -12.59
C THR G 39 7.62 13.49 -11.83
N HIS G 40 7.73 13.11 -10.55
CA HIS G 40 8.94 13.38 -9.81
C HIS G 40 10.06 12.42 -10.20
N ALA G 41 9.73 11.28 -10.78
CA ALA G 41 10.71 10.33 -11.28
C ALA G 41 10.03 9.47 -12.34
N CYS G 42 10.45 9.60 -13.59
CA CYS G 42 9.83 8.91 -14.71
C CYS G 42 10.78 8.91 -15.90
N VAL G 43 10.37 8.18 -16.94
CA VAL G 43 11.21 8.04 -18.15
C VAL G 43 11.26 9.37 -18.88
N PRO G 44 12.37 9.76 -19.51
CA PRO G 44 12.49 11.11 -20.07
C PRO G 44 12.17 11.22 -21.55
N THR G 45 11.72 12.43 -21.92
CA THR G 45 11.77 12.97 -23.28
C THR G 45 10.99 12.16 -24.32
N ASP G 46 11.40 10.91 -24.58
CA ASP G 46 10.89 10.03 -25.64
C ASP G 46 10.49 10.83 -26.88
N PRO G 47 11.47 11.38 -27.61
CA PRO G 47 11.19 12.36 -28.67
C PRO G 47 10.07 11.95 -29.63
N ASN G 48 9.48 12.95 -30.28
CA ASN G 48 8.26 12.83 -31.07
C ASN G 48 8.45 12.24 -32.48
N PRO G 49 9.55 12.53 -33.21
CA PRO G 49 9.55 12.24 -34.66
C PRO G 49 9.74 10.77 -35.02
N GLN G 50 9.47 9.86 -34.07
CA GLN G 50 9.69 8.44 -34.29
C GLN G 50 8.52 7.74 -34.98
N GLU G 51 7.61 8.48 -35.60
CA GLU G 51 6.44 7.88 -36.23
C GLU G 51 6.83 7.15 -37.51
N LEU G 52 5.99 6.18 -37.89
CA LEU G 52 6.02 5.58 -39.22
C LEU G 52 4.70 5.89 -39.90
N VAL G 53 4.77 6.56 -41.06
CA VAL G 53 3.56 7.04 -41.72
C VAL G 53 2.65 5.92 -42.18
N LEU G 54 3.17 4.70 -42.32
CA LEU G 54 2.35 3.50 -42.53
C LEU G 54 1.47 3.68 -43.78
N GLU G 55 2.13 3.72 -44.93
CA GLU G 55 1.53 4.21 -46.16
C GLU G 55 0.29 3.43 -46.57
N ASN G 56 -0.82 4.15 -46.67
CA ASN G 56 -2.03 3.74 -47.40
C ASN G 56 -2.66 2.43 -46.96
N VAL G 57 -2.31 1.94 -45.76
CA VAL G 57 -3.02 0.77 -45.23
C VAL G 57 -4.22 1.24 -44.42
N THR G 58 -5.37 0.63 -44.68
CA THR G 58 -6.60 1.05 -44.04
C THR G 58 -6.71 0.47 -42.63
N GLU G 59 -7.50 1.14 -41.80
CA GLU G 59 -7.78 0.67 -40.44
C GLU G 59 -9.06 1.35 -39.97
N ASN G 60 -10.02 0.55 -39.52
CA ASN G 60 -11.30 1.04 -39.04
C ASN G 60 -11.39 0.78 -37.54
N PHE G 61 -11.79 1.80 -36.79
CA PHE G 61 -11.85 1.69 -35.34
C PHE G 61 -12.82 2.75 -34.81
N ASN G 62 -13.13 2.65 -33.53
CA ASN G 62 -13.99 3.61 -32.86
C ASN G 62 -13.35 4.05 -31.55
N MET G 63 -13.72 5.26 -31.12
CA MET G 63 -13.17 5.88 -29.93
C MET G 63 -13.94 5.53 -28.66
N TRP G 64 -15.12 4.92 -28.79
CA TRP G 64 -16.03 4.81 -27.65
C TRP G 64 -15.81 3.52 -26.88
N LYS G 65 -15.64 2.41 -27.60
CA LYS G 65 -15.17 1.17 -26.99
C LYS G 65 -13.66 1.12 -26.88
N ASN G 66 -13.06 2.15 -26.29
CA ASN G 66 -11.62 2.30 -26.23
C ASN G 66 -11.08 1.81 -24.90
N ASP G 67 -9.76 1.59 -24.87
CA ASP G 67 -9.08 1.11 -23.68
C ASP G 67 -8.34 2.20 -22.93
N MET G 68 -7.80 3.19 -23.65
CA MET G 68 -6.96 4.18 -23.01
C MET G 68 -7.74 4.99 -21.97
N VAL G 69 -8.97 5.38 -22.30
CA VAL G 69 -9.76 6.20 -21.38
C VAL G 69 -10.05 5.43 -20.10
N ASP G 70 -10.51 4.18 -20.24
CA ASP G 70 -10.74 3.36 -19.04
C ASP G 70 -9.42 3.02 -18.37
N GLN G 71 -8.38 2.75 -19.15
CA GLN G 71 -7.05 2.54 -18.59
C GLN G 71 -6.60 3.76 -17.78
N MET G 72 -7.08 4.94 -18.16
CA MET G 72 -6.58 6.16 -17.51
C MET G 72 -7.42 6.55 -16.31
N HIS G 73 -8.75 6.57 -16.46
CA HIS G 73 -9.60 7.07 -15.38
C HIS G 73 -9.46 6.24 -14.11
N GLU G 74 -9.05 4.98 -14.24
CA GLU G 74 -8.74 4.15 -13.08
C GLU G 74 -7.29 4.34 -12.62
N ASP G 75 -6.55 5.28 -13.21
CA ASP G 75 -5.20 5.61 -12.79
C ASP G 75 -5.13 6.97 -12.12
N ILE G 76 -5.70 8.00 -12.74
CA ILE G 76 -5.71 9.33 -12.15
C ILE G 76 -6.45 9.29 -10.81
N ILE G 77 -7.58 8.58 -10.76
CA ILE G 77 -8.30 8.43 -9.50
C ILE G 77 -7.43 7.74 -8.45
N SER G 78 -6.41 6.99 -8.88
CA SER G 78 -5.46 6.37 -7.96
C SER G 78 -4.28 7.29 -7.65
N LEU G 79 -3.85 8.10 -8.62
CA LEU G 79 -2.72 8.99 -8.40
C LEU G 79 -3.02 9.98 -7.28
N TRP G 80 -4.18 10.61 -7.31
CA TRP G 80 -4.55 11.56 -6.26
C TRP G 80 -4.72 10.84 -4.93
N ASP G 81 -5.43 9.71 -4.94
CA ASP G 81 -5.65 8.95 -3.70
C ASP G 81 -4.33 8.51 -3.09
N GLN G 82 -3.35 8.19 -3.93
CA GLN G 82 -2.04 7.77 -3.44
C GLN G 82 -1.23 8.94 -2.89
N SER G 83 -1.59 10.18 -3.24
CA SER G 83 -0.78 11.32 -2.82
C SER G 83 -1.19 11.83 -1.45
N LEU G 84 -2.47 11.67 -1.09
CA LEU G 84 -3.01 12.31 0.12
C LEU G 84 -2.85 11.45 1.37
N LYS G 85 -2.29 10.25 1.26
CA LYS G 85 -2.15 9.39 2.44
C LYS G 85 -1.32 10.00 3.56
N PRO G 86 -0.14 10.58 3.31
CA PRO G 86 0.69 11.05 4.43
C PRO G 86 0.14 12.26 5.16
N CYS G 87 -0.87 12.94 4.61
CA CYS G 87 -1.30 14.24 5.12
C CYS G 87 -2.58 14.11 5.93
N VAL G 88 -2.90 15.18 6.65
CA VAL G 88 -3.89 15.12 7.72
C VAL G 88 -5.27 14.82 7.16
N LYS G 89 -5.99 13.93 7.85
CA LYS G 89 -7.45 13.87 7.70
C LYS G 89 -8.03 15.00 8.54
N LEU G 90 -8.76 15.91 7.91
CA LEU G 90 -9.18 17.16 8.55
C LEU G 90 -10.48 17.03 9.33
N THR G 91 -10.83 15.83 9.80
CA THR G 91 -12.06 15.67 10.56
C THR G 91 -12.16 16.54 11.81
N PRO G 92 -11.10 16.79 12.60
CA PRO G 92 -11.31 17.48 13.89
C PRO G 92 -11.90 18.88 13.73
N LEU G 93 -11.79 19.51 12.57
CA LEU G 93 -12.40 20.81 12.37
C LEU G 93 -13.92 20.74 12.41
N CYS G 94 -14.50 19.54 12.23
CA CYS G 94 -15.94 19.39 12.13
C CYS G 94 -16.55 19.53 13.52
N VAL G 95 -16.85 20.78 13.88
CA VAL G 95 -17.49 21.12 15.15
C VAL G 95 -18.48 22.25 14.89
N THR G 96 -19.26 22.58 15.92
CA THR G 96 -20.28 23.60 15.80
C THR G 96 -19.66 24.97 15.51
N LEU G 97 -19.94 25.53 14.34
CA LEU G 97 -19.45 26.85 13.99
C LEU G 97 -20.49 27.92 14.31
N ASN G 98 -20.02 29.02 14.86
CA ASN G 98 -20.81 30.24 15.02
C ASN G 98 -20.18 31.32 14.16
N CYS G 99 -20.93 31.83 13.20
CA CYS G 99 -20.35 32.60 12.10
C CYS G 99 -20.99 33.98 11.98
N SER G 100 -20.13 34.99 11.88
CA SER G 100 -20.53 36.35 11.53
C SER G 100 -20.14 36.64 10.08
N ASP G 101 -20.65 37.74 9.56
CA ASP G 101 -20.33 38.15 8.20
C ASP G 101 -18.98 38.86 8.17
N ALA G 102 -18.28 38.71 7.04
CA ALA G 102 -16.98 39.35 6.85
C ALA G 102 -17.19 40.84 6.66
N LYS G 103 -17.07 41.60 7.75
CA LYS G 103 -17.31 43.04 7.73
C LYS G 103 -16.16 43.82 7.13
N VAL G 104 -15.87 43.61 5.84
CA VAL G 104 -14.80 44.30 5.15
C VAL G 104 -15.37 45.36 4.22
N GLU G 113 -21.87 38.71 1.33
CA GLU G 113 -22.85 37.65 1.57
C GLU G 113 -22.32 36.29 1.14
N GLU G 114 -21.32 36.30 0.26
CA GLU G 114 -20.72 35.05 -0.22
C GLU G 114 -19.64 34.53 0.70
N ILE G 115 -19.24 35.29 1.72
CA ILE G 115 -18.15 34.91 2.63
C ILE G 115 -18.65 35.07 4.06
N LYS G 116 -18.25 34.15 4.93
CA LYS G 116 -18.62 34.19 6.34
C LYS G 116 -17.39 33.95 7.20
N ASN G 117 -17.42 34.50 8.40
CA ASN G 117 -16.27 34.59 9.30
C ASN G 117 -16.62 33.83 10.58
N CYS G 118 -16.18 32.58 10.64
CA CYS G 118 -16.67 31.64 11.65
C CYS G 118 -15.74 31.56 12.86
N SER G 119 -16.28 31.04 13.95
CA SER G 119 -15.56 30.83 15.19
C SER G 119 -15.88 29.44 15.73
N PHE G 120 -14.87 28.78 16.29
CA PHE G 120 -15.02 27.43 16.81
C PHE G 120 -14.00 27.17 17.90
N ASN G 121 -14.32 26.23 18.78
CA ASN G 121 -13.33 25.67 19.68
C ASN G 121 -12.52 24.60 18.97
N ALA G 122 -11.26 24.46 19.37
CA ALA G 122 -10.37 23.50 18.73
C ALA G 122 -9.36 23.00 19.75
N THR G 123 -8.94 21.75 19.56
CA THR G 123 -7.93 21.16 20.44
C THR G 123 -6.56 21.72 20.10
N THR G 124 -5.87 22.23 21.11
CA THR G 124 -4.55 22.82 20.96
C THR G 124 -3.47 21.75 21.09
N GLU G 125 -2.21 22.16 21.19
CA GLU G 125 -1.06 21.27 21.19
C GLU G 125 -1.12 20.17 22.26
N LEU G 126 -2.08 20.25 23.18
CA LEU G 126 -2.28 19.18 24.15
C LEU G 126 -3.77 18.92 24.32
N ARG G 127 -4.09 17.79 24.96
CA ARG G 127 -5.46 17.28 24.99
C ARG G 127 -6.47 18.29 25.50
N ASP G 128 -6.35 18.68 26.77
CA ASP G 128 -7.44 19.33 27.49
C ASP G 128 -7.51 20.83 27.29
N LYS G 129 -6.39 21.51 27.05
CA LYS G 129 -6.40 22.95 26.86
C LYS G 129 -6.90 23.26 25.45
N LYS G 130 -8.03 23.97 25.36
CA LYS G 130 -8.60 24.33 24.05
C LYS G 130 -8.74 25.83 24.02
N ARG G 131 -8.83 26.40 22.83
CA ARG G 131 -8.92 27.83 22.60
C ARG G 131 -9.99 28.13 21.56
N ARG G 132 -10.49 29.36 21.59
CA ARG G 132 -11.38 29.84 20.54
C ARG G 132 -10.56 30.38 19.38
N GLU G 133 -10.89 29.92 18.18
CA GLU G 133 -10.20 30.35 16.96
C GLU G 133 -11.23 30.78 15.93
N TYR G 134 -10.79 31.66 15.03
CA TYR G 134 -11.65 32.18 13.98
C TYR G 134 -10.96 31.99 12.64
N ALA G 135 -11.75 31.65 11.62
CA ALA G 135 -11.24 31.44 10.28
C ALA G 135 -12.33 31.82 9.28
N LEU G 136 -11.91 32.16 8.06
CA LEU G 136 -12.84 32.56 7.02
C LEU G 136 -13.28 31.37 6.19
N PHE G 137 -14.52 31.42 5.73
CA PHE G 137 -15.07 30.38 4.87
C PHE G 137 -15.98 31.03 3.84
N TYR G 138 -16.25 30.29 2.78
CA TYR G 138 -17.21 30.71 1.77
C TYR G 138 -18.54 30.02 2.02
N ARG G 139 -19.63 30.77 1.87
CA ARG G 139 -20.96 30.26 2.20
C ARG G 139 -21.34 29.06 1.35
N LEU G 140 -20.67 28.83 0.23
CA LEU G 140 -21.05 27.74 -0.67
C LEU G 140 -20.85 26.36 -0.04
N ASP G 141 -20.03 26.24 1.01
CA ASP G 141 -19.72 24.93 1.56
C ASP G 141 -19.82 24.86 3.08
N ILE G 142 -20.59 25.72 3.72
CA ILE G 142 -20.96 25.57 5.11
C ILE G 142 -22.47 25.76 5.22
N VAL G 143 -23.13 24.83 5.91
CA VAL G 143 -24.59 24.80 5.94
C VAL G 143 -25.08 25.15 7.34
N PRO G 144 -26.13 25.97 7.49
CA PRO G 144 -26.67 26.21 8.82
C PRO G 144 -27.20 24.93 9.44
N LEU G 145 -27.05 24.82 10.76
CA LEU G 145 -27.37 23.58 11.47
C LEU G 145 -28.87 23.48 11.75
N SER G 146 -29.63 23.29 10.68
CA SER G 146 -31.07 23.10 10.77
C SER G 146 -31.66 22.71 9.42
N ASN G 151 -33.00 32.20 11.59
CA ASN G 151 -31.67 32.58 11.13
C ASN G 151 -30.63 31.57 11.60
N ASN G 152 -30.81 31.05 12.80
CA ASN G 152 -29.91 30.05 13.37
C ASN G 152 -28.52 30.63 13.60
N SER G 153 -27.80 30.96 12.53
CA SER G 153 -26.49 31.57 12.57
C SER G 153 -25.41 30.62 13.09
N GLU G 154 -25.67 29.32 13.11
CA GLU G 154 -24.69 28.32 13.47
C GLU G 154 -24.55 27.31 12.33
N TYR G 155 -23.30 26.99 12.00
CA TYR G 155 -23.01 26.26 10.77
C TYR G 155 -22.04 25.11 11.07
N ARG G 156 -21.87 24.25 10.07
CA ARG G 156 -20.88 23.19 10.10
C ARG G 156 -20.34 23.01 8.68
N LEU G 157 -19.26 22.25 8.57
CA LEU G 157 -18.71 21.96 7.25
C LEU G 157 -19.69 21.11 6.45
N ILE G 158 -19.72 21.33 5.13
CA ILE G 158 -20.73 20.71 4.29
C ILE G 158 -20.60 19.19 4.34
N ASN G 159 -19.39 18.67 4.24
CA ASN G 159 -19.16 17.24 4.14
C ASN G 159 -18.65 16.73 5.48
N CYS G 160 -19.60 16.45 6.37
CA CYS G 160 -19.34 15.76 7.64
C CYS G 160 -20.22 14.54 7.82
N ASN G 161 -21.47 14.59 7.37
CA ASN G 161 -22.33 13.42 7.43
C ASN G 161 -22.06 12.44 6.30
N THR G 162 -21.27 12.84 5.30
CA THR G 162 -20.97 11.98 4.15
C THR G 162 -19.72 11.13 4.38
N SER G 163 -18.59 11.76 4.67
CA SER G 163 -17.32 11.05 4.75
C SER G 163 -16.25 11.98 5.30
N VAL G 164 -15.07 11.42 5.52
CA VAL G 164 -13.93 12.21 5.96
C VAL G 164 -13.56 13.20 4.85
N ILE G 165 -12.85 14.26 5.26
CA ILE G 165 -12.32 15.25 4.33
C ILE G 165 -10.83 15.40 4.59
N THR G 166 -10.04 15.30 3.52
CA THR G 166 -8.59 15.24 3.60
C THR G 166 -7.98 16.52 3.05
N GLN G 167 -7.11 17.15 3.83
CA GLN G 167 -6.45 18.37 3.41
C GLN G 167 -5.43 18.07 2.32
N ILE G 168 -5.51 18.82 1.22
CA ILE G 168 -4.45 18.77 0.22
C ILE G 168 -3.15 19.23 0.87
N CYS G 169 -2.10 18.45 0.68
CA CYS G 169 -0.85 18.74 1.36
C CYS G 169 -0.36 20.14 0.99
N PRO G 170 0.01 20.98 1.97
CA PRO G 170 0.32 22.37 1.64
C PRO G 170 1.51 22.52 0.69
N LYS G 171 2.45 21.58 0.71
CA LYS G 171 3.67 21.72 -0.07
C LYS G 171 3.51 21.26 -1.51
N VAL G 172 2.66 20.26 -1.78
CA VAL G 172 2.53 19.73 -3.13
C VAL G 172 1.76 20.71 -3.99
N THR G 173 1.85 20.53 -5.31
CA THR G 173 1.12 21.36 -6.26
C THR G 173 0.33 20.44 -7.17
N PHE G 174 -0.83 20.93 -7.63
CA PHE G 174 -1.75 20.09 -8.40
C PHE G 174 -2.23 20.80 -9.67
N ASP G 175 -1.38 21.63 -10.27
CA ASP G 175 -1.66 22.16 -11.60
C ASP G 175 -1.21 21.14 -12.65
N PRO G 176 -1.82 21.13 -13.82
CA PRO G 176 -1.55 20.07 -14.79
C PRO G 176 -0.14 20.11 -15.37
N ILE G 177 0.34 18.93 -15.74
CA ILE G 177 1.62 18.77 -16.43
C ILE G 177 1.38 17.76 -17.56
N PRO G 178 1.87 18.02 -18.78
CA PRO G 178 1.60 17.08 -19.87
C PRO G 178 2.31 15.74 -19.64
N ILE G 179 1.58 14.66 -19.88
CA ILE G 179 2.11 13.30 -19.75
C ILE G 179 1.84 12.56 -21.05
N HIS G 180 2.85 11.89 -21.57
CA HIS G 180 2.70 11.07 -22.76
C HIS G 180 2.45 9.63 -22.36
N TYR G 181 1.44 9.02 -22.97
CA TYR G 181 1.24 7.58 -22.83
C TYR G 181 2.08 6.84 -23.86
N CYS G 182 2.82 5.84 -23.40
CA CYS G 182 3.66 5.03 -24.27
C CYS G 182 3.40 3.56 -23.97
N ALA G 183 3.19 2.78 -25.03
CA ALA G 183 2.89 1.37 -24.88
C ALA G 183 4.17 0.58 -24.61
N PRO G 184 4.11 -0.57 -23.94
CA PRO G 184 5.33 -1.34 -23.70
C PRO G 184 5.95 -1.81 -25.01
N ALA G 185 7.24 -2.12 -24.95
CA ALA G 185 7.93 -2.69 -26.09
C ALA G 185 7.25 -3.99 -26.52
N GLY G 186 7.12 -4.16 -27.84
CA GLY G 186 6.38 -5.27 -28.40
C GLY G 186 4.99 -4.92 -28.89
N TYR G 187 4.51 -3.71 -28.61
CA TYR G 187 3.22 -3.22 -29.07
C TYR G 187 3.43 -1.97 -29.92
N ALA G 188 2.32 -1.36 -30.31
CA ALA G 188 2.35 -0.12 -31.06
C ALA G 188 1.05 0.64 -30.80
N ILE G 189 1.05 1.92 -31.15
CA ILE G 189 -0.11 2.79 -31.00
C ILE G 189 -0.41 3.37 -32.37
N LEU G 190 -1.54 2.99 -32.96
CA LEU G 190 -1.89 3.42 -34.31
C LEU G 190 -2.61 4.75 -34.24
N LYS G 191 -1.83 5.82 -34.40
CA LYS G 191 -2.41 7.16 -34.42
C LYS G 191 -3.10 7.41 -35.76
N CYS G 192 -4.37 7.82 -35.69
CA CYS G 192 -5.11 8.16 -36.89
C CYS G 192 -4.81 9.61 -37.28
N ASN G 193 -4.64 9.84 -38.59
CA ASN G 193 -4.21 11.14 -39.09
C ASN G 193 -5.23 11.80 -40.01
N ASN G 194 -6.41 11.21 -40.17
CA ASN G 194 -7.46 11.83 -40.97
C ASN G 194 -7.98 13.03 -40.18
N LYS G 195 -7.56 14.22 -40.59
CA LYS G 195 -7.84 15.42 -39.80
C LYS G 195 -9.34 15.68 -39.67
N THR G 196 -10.12 15.27 -40.67
CA THR G 196 -11.56 15.44 -40.65
C THR G 196 -12.29 14.23 -40.07
N PHE G 197 -11.64 13.48 -39.19
CA PHE G 197 -12.21 12.24 -38.66
C PHE G 197 -13.04 12.53 -37.42
N ASN G 198 -14.19 11.88 -37.34
CA ASN G 198 -15.12 12.06 -36.23
C ASN G 198 -15.05 10.95 -35.20
N GLY G 199 -14.11 10.01 -35.33
CA GLY G 199 -13.91 8.99 -34.33
C GLY G 199 -14.55 7.65 -34.61
N THR G 200 -15.09 7.45 -35.80
CA THR G 200 -15.67 6.16 -36.17
C THR G 200 -15.66 6.04 -37.68
N GLY G 201 -14.92 5.04 -38.19
CA GLY G 201 -14.84 4.79 -39.61
C GLY G 201 -13.44 4.45 -40.05
N PRO G 202 -13.28 4.08 -41.33
CA PRO G 202 -11.93 3.75 -41.82
C PRO G 202 -11.02 4.97 -41.88
N CYS G 203 -9.99 4.98 -41.03
CA CYS G 203 -9.00 6.05 -41.06
C CYS G 203 -8.05 5.82 -42.23
N ASN G 204 -8.35 6.42 -43.38
CA ASN G 204 -7.60 6.16 -44.61
C ASN G 204 -6.17 6.69 -44.55
N ASN G 205 -5.79 7.51 -43.57
CA ASN G 205 -4.42 7.96 -43.40
C ASN G 205 -4.02 7.63 -41.94
N VAL G 206 -3.51 6.41 -41.75
CA VAL G 206 -3.17 5.91 -40.43
C VAL G 206 -1.68 6.07 -40.18
N SER G 207 -1.28 6.11 -38.92
CA SER G 207 0.13 6.18 -38.55
C SER G 207 0.30 5.49 -37.21
N THR G 208 1.53 5.05 -36.94
CA THR G 208 1.86 4.37 -35.70
C THR G 208 2.94 5.15 -34.97
N VAL G 209 2.83 5.21 -33.64
CA VAL G 209 3.74 5.96 -32.80
C VAL G 209 4.06 5.13 -31.57
N GLN G 210 5.33 5.18 -31.15
CA GLN G 210 5.73 4.47 -29.94
C GLN G 210 5.13 5.12 -28.70
N CYS G 211 5.28 6.43 -28.56
CA CYS G 211 4.78 7.17 -27.40
C CYS G 211 3.88 8.30 -27.88
N THR G 212 2.72 8.43 -27.26
CA THR G 212 1.75 9.42 -27.70
C THR G 212 2.32 10.84 -27.62
N HIS G 213 1.58 11.79 -28.20
CA HIS G 213 2.11 13.14 -28.40
C HIS G 213 2.17 13.91 -27.10
N GLY G 214 1.25 13.64 -26.17
CA GLY G 214 1.17 14.34 -24.91
C GLY G 214 -0.21 14.92 -24.63
N ILE G 215 -0.74 14.67 -23.44
CA ILE G 215 -2.08 15.12 -23.06
C ILE G 215 -2.01 15.77 -21.69
N LYS G 216 -2.85 16.79 -21.49
CA LYS G 216 -2.78 17.63 -20.29
C LYS G 216 -3.87 17.23 -19.29
N PRO G 217 -3.54 16.98 -18.01
CA PRO G 217 -4.59 16.61 -17.06
C PRO G 217 -5.23 17.80 -16.36
N VAL G 218 -6.09 18.52 -17.09
CA VAL G 218 -6.90 19.58 -16.51
C VAL G 218 -8.34 19.10 -16.43
N VAL G 219 -8.95 19.25 -15.25
CA VAL G 219 -10.32 18.79 -15.04
C VAL G 219 -11.28 19.93 -15.35
N SER G 220 -12.44 19.57 -15.90
CA SER G 220 -13.46 20.55 -16.22
C SER G 220 -14.81 19.84 -16.33
N THR G 221 -15.86 20.61 -16.54
CA THR G 221 -17.20 20.06 -16.69
C THR G 221 -18.00 20.65 -17.84
N GLN G 222 -17.65 21.84 -18.36
CA GLN G 222 -18.39 22.41 -19.47
C GLN G 222 -17.49 23.01 -20.54
N LEU G 223 -16.21 23.19 -20.23
CA LEU G 223 -15.25 23.72 -21.20
C LEU G 223 -13.99 22.86 -21.16
N LEU G 224 -13.47 22.53 -22.35
CA LEU G 224 -12.22 21.77 -22.46
C LEU G 224 -11.07 22.77 -22.52
N LEU G 225 -10.44 22.98 -21.36
CA LEU G 225 -9.41 24.00 -21.24
C LEU G 225 -8.04 23.44 -21.60
N ASN G 226 -7.19 24.31 -22.15
CA ASN G 226 -5.80 23.98 -22.46
C ASN G 226 -5.67 22.82 -23.44
N GLY G 227 -6.78 22.41 -24.05
CA GLY G 227 -6.79 21.20 -24.85
C GLY G 227 -6.19 21.40 -26.23
N SER G 228 -5.96 20.28 -26.90
CA SER G 228 -5.44 20.33 -28.27
C SER G 228 -6.47 20.96 -29.20
N LEU G 229 -6.00 21.88 -30.04
CA LEU G 229 -6.90 22.59 -30.95
C LEU G 229 -7.28 21.72 -32.13
N ALA G 230 -8.48 21.97 -32.67
CA ALA G 230 -8.93 21.31 -33.88
C ALA G 230 -8.20 21.89 -35.09
N GLU G 231 -8.24 21.14 -36.19
CA GLU G 231 -7.53 21.50 -37.40
C GLU G 231 -8.50 21.61 -38.57
N GLU G 232 -8.57 22.79 -39.16
CA GLU G 232 -9.36 23.10 -40.37
C GLU G 232 -10.77 22.52 -40.33
N GLU G 233 -11.41 22.47 -39.16
CA GLU G 233 -12.77 21.98 -39.07
C GLU G 233 -13.30 22.20 -37.66
N ILE G 234 -14.62 22.27 -37.56
CA ILE G 234 -15.35 22.03 -36.32
C ILE G 234 -15.91 20.62 -36.40
N ILE G 235 -15.46 19.75 -35.51
CA ILE G 235 -15.82 18.33 -35.55
C ILE G 235 -16.67 18.01 -34.34
N ILE G 236 -17.84 17.42 -34.60
CA ILE G 236 -18.77 17.01 -33.56
C ILE G 236 -18.70 15.49 -33.44
N ARG G 237 -18.51 15.01 -32.23
CA ARG G 237 -18.28 13.58 -31.97
C ARG G 237 -19.29 13.08 -30.95
N SER G 238 -19.85 11.90 -31.22
CA SER G 238 -20.78 11.28 -30.30
C SER G 238 -21.02 9.85 -30.77
N GLU G 239 -21.29 8.97 -29.80
CA GLU G 239 -21.67 7.61 -30.15
C GLU G 239 -23.06 7.56 -30.74
N ASN G 240 -23.93 8.51 -30.38
CA ASN G 240 -25.29 8.56 -30.91
C ASN G 240 -25.78 10.00 -30.83
N LEU G 241 -25.81 10.69 -31.98
CA LEU G 241 -26.43 12.01 -32.02
C LEU G 241 -27.94 11.94 -31.89
N THR G 242 -28.53 10.74 -32.07
CA THR G 242 -29.97 10.55 -31.95
C THR G 242 -30.38 10.05 -30.57
N ASP G 243 -29.64 10.41 -29.52
CA ASP G 243 -29.91 9.99 -28.16
C ASP G 243 -29.96 11.20 -27.26
N ASN G 244 -30.89 11.18 -26.30
CA ASN G 244 -31.15 12.33 -25.44
C ASN G 244 -30.40 12.28 -24.12
N VAL G 245 -29.57 11.27 -23.89
CA VAL G 245 -28.75 11.20 -22.69
C VAL G 245 -27.28 10.99 -22.99
N LYS G 246 -26.89 10.56 -24.18
CA LYS G 246 -25.49 10.44 -24.52
C LYS G 246 -24.88 11.82 -24.75
N THR G 247 -23.62 11.98 -24.36
CA THR G 247 -22.97 13.27 -24.43
C THR G 247 -22.59 13.63 -25.86
N ILE G 248 -22.63 14.93 -26.15
CA ILE G 248 -22.10 15.46 -27.40
C ILE G 248 -20.81 16.23 -27.09
N ILE G 249 -19.78 15.96 -27.87
CA ILE G 249 -18.49 16.64 -27.76
C ILE G 249 -18.22 17.38 -29.05
N VAL G 250 -17.97 18.68 -28.95
CA VAL G 250 -17.62 19.52 -30.08
C VAL G 250 -16.14 19.88 -29.95
N HIS G 251 -15.42 19.83 -31.07
CA HIS G 251 -14.00 20.12 -31.10
C HIS G 251 -13.79 21.34 -31.98
N LEU G 252 -13.12 22.35 -31.45
CA LEU G 252 -13.27 23.72 -31.94
C LEU G 252 -12.13 24.16 -32.84
N ASN G 253 -12.52 24.68 -34.00
CA ASN G 253 -11.71 25.54 -34.87
C ASN G 253 -11.34 26.82 -34.12
N GLU G 254 -10.11 27.32 -34.31
CA GLU G 254 -9.71 28.62 -33.79
C GLU G 254 -10.06 28.78 -32.30
N SER G 255 -9.39 28.00 -31.45
CA SER G 255 -9.65 28.03 -30.01
C SER G 255 -9.73 29.47 -29.48
N VAL G 256 -10.77 29.74 -28.70
CA VAL G 256 -10.91 31.05 -28.05
C VAL G 256 -10.16 31.05 -26.73
N GLU G 257 -9.83 32.25 -26.26
CA GLU G 257 -9.06 32.46 -25.04
C GLU G 257 -9.97 32.96 -23.93
N ILE G 258 -9.79 32.42 -22.73
CA ILE G 258 -10.57 32.80 -21.55
C ILE G 258 -9.61 33.19 -20.43
N THR G 259 -10.00 34.20 -19.66
CA THR G 259 -9.26 34.65 -18.49
C THR G 259 -10.16 34.56 -17.27
N CYS G 260 -9.61 34.03 -16.17
CA CYS G 260 -10.30 33.93 -14.91
C CYS G 260 -9.38 34.46 -13.81
N THR G 261 -9.96 35.08 -12.78
CA THR G 261 -9.16 35.73 -11.78
C THR G 261 -9.87 35.72 -10.43
N ARG G 262 -9.08 35.85 -9.37
CA ARG G 262 -9.56 36.02 -7.99
C ARG G 262 -8.80 37.22 -7.44
N PRO G 263 -9.21 38.45 -7.77
CA PRO G 263 -8.38 39.62 -7.49
C PRO G 263 -8.24 40.02 -6.03
N ASN G 264 -8.85 39.29 -5.10
CA ASN G 264 -8.67 39.60 -3.70
C ASN G 264 -7.23 39.31 -3.28
N ASN G 265 -6.62 40.27 -2.58
CA ASN G 265 -5.27 40.06 -2.04
C ASN G 265 -5.40 39.36 -0.69
N MET G 266 -5.58 38.04 -0.78
CA MET G 266 -5.87 37.24 0.40
C MET G 266 -4.58 36.75 1.04
N THR G 267 -4.66 36.53 2.36
CA THR G 267 -3.56 35.99 3.15
C THR G 267 -4.07 34.78 3.93
N ARG G 268 -3.14 33.89 4.25
CA ARG G 268 -3.46 32.62 4.91
C ARG G 268 -2.88 32.61 6.33
N LYS G 269 -3.64 31.99 7.24
CA LYS G 269 -3.29 31.92 8.65
C LYS G 269 -3.20 30.46 9.05
N SER G 270 -2.27 30.17 9.97
CA SER G 270 -2.00 28.79 10.39
C SER G 270 -2.72 28.52 11.70
N VAL G 271 -4.00 28.16 11.60
CA VAL G 271 -4.75 27.77 12.77
C VAL G 271 -4.34 26.36 13.19
N ARG G 272 -4.11 26.18 14.48
CA ARG G 272 -3.70 24.90 15.04
C ARG G 272 -4.90 24.17 15.62
N ILE G 273 -5.16 22.97 15.12
CA ILE G 273 -6.25 22.11 15.60
C ILE G 273 -5.65 20.76 15.95
N GLY G 274 -6.03 20.22 17.11
CA GLY G 274 -5.53 18.94 17.53
C GLY G 274 -4.03 18.98 17.71
N PRO G 275 -3.42 17.80 17.83
CA PRO G 275 -1.96 17.73 17.96
C PRO G 275 -1.31 17.54 16.59
N GLY G 276 0.01 17.69 16.58
CA GLY G 276 0.77 17.39 15.38
C GLY G 276 0.84 18.52 14.38
N GLN G 277 -0.02 18.46 13.37
CA GLN G 277 0.06 19.34 12.22
C GLN G 277 -1.14 20.28 12.18
N THR G 278 -0.95 21.42 11.53
CA THR G 278 -1.99 22.42 11.38
C THR G 278 -2.71 22.24 10.05
N PHE G 279 -3.71 23.07 9.82
CA PHE G 279 -4.34 23.22 8.51
C PHE G 279 -4.49 24.70 8.22
N TYR G 280 -4.08 25.11 7.02
CA TYR G 280 -4.05 26.52 6.69
C TYR G 280 -5.46 27.02 6.35
N ALA G 281 -5.79 28.22 6.83
CA ALA G 281 -7.12 28.78 6.67
C ALA G 281 -7.01 30.24 6.27
N LEU G 282 -8.11 30.77 5.74
CA LEU G 282 -8.12 32.14 5.25
C LEU G 282 -8.17 33.13 6.40
N GLY G 283 -7.35 34.17 6.31
CA GLY G 283 -7.31 35.22 7.32
C GLY G 283 -8.18 36.41 6.97
N ASP G 284 -7.56 37.59 6.87
CA ASP G 284 -8.31 38.81 6.62
C ASP G 284 -8.45 39.06 5.12
N ILE G 285 -9.65 39.47 4.71
CA ILE G 285 -9.91 39.87 3.33
C ILE G 285 -9.40 41.30 3.16
N ILE G 286 -8.19 41.45 2.61
CA ILE G 286 -7.57 42.77 2.50
C ILE G 286 -8.37 43.62 1.53
N GLY G 287 -8.50 44.90 1.85
CA GLY G 287 -9.22 45.83 1.00
C GLY G 287 -10.72 45.66 1.09
N ASP G 288 -11.35 45.38 -0.05
CA ASP G 288 -12.78 45.17 -0.11
C ASP G 288 -13.08 43.95 -0.96
N ILE G 289 -14.22 43.32 -0.70
CA ILE G 289 -14.59 42.13 -1.45
C ILE G 289 -14.83 42.50 -2.90
N ARG G 290 -14.18 41.75 -3.81
CA ARG G 290 -14.39 41.91 -5.25
C ARG G 290 -14.63 40.50 -5.79
N GLN G 291 -15.86 40.24 -6.24
CA GLN G 291 -16.25 38.90 -6.65
C GLN G 291 -15.39 38.45 -7.84
N PRO G 292 -15.07 37.17 -7.95
CA PRO G 292 -14.27 36.71 -9.09
C PRO G 292 -15.08 36.83 -10.39
N HIS G 293 -14.37 37.01 -11.49
CA HIS G 293 -15.01 37.13 -12.79
C HIS G 293 -14.12 36.50 -13.84
N CYS G 294 -14.76 36.02 -14.91
CA CYS G 294 -14.06 35.45 -16.06
C CYS G 294 -14.55 36.15 -17.32
N ASN G 295 -13.61 36.51 -18.19
CA ASN G 295 -13.88 37.38 -19.32
C ASN G 295 -13.79 36.61 -20.64
N ILE G 296 -14.72 36.93 -21.54
CA ILE G 296 -14.77 36.37 -22.88
C ILE G 296 -15.09 37.49 -23.85
N SER G 297 -14.50 37.42 -25.05
CA SER G 297 -14.85 38.32 -26.13
C SER G 297 -16.12 37.82 -26.80
N GLU G 298 -17.21 38.56 -26.66
CA GLU G 298 -18.51 38.05 -27.10
C GLU G 298 -18.54 37.83 -28.61
N ILE G 299 -17.91 38.71 -29.38
CA ILE G 299 -17.91 38.54 -30.83
C ILE G 299 -17.17 37.26 -31.20
N LYS G 300 -16.04 37.00 -30.54
CA LYS G 300 -15.35 35.73 -30.75
C LYS G 300 -16.26 34.56 -30.38
N TRP G 301 -16.86 34.60 -29.19
CA TRP G 301 -17.72 33.51 -28.76
C TRP G 301 -18.97 33.41 -29.62
N GLU G 302 -19.57 34.57 -29.94
CA GLU G 302 -20.84 34.56 -30.67
C GLU G 302 -20.67 33.92 -32.03
N LYS G 303 -19.64 34.29 -32.77
CA LYS G 303 -19.38 33.70 -34.07
C LYS G 303 -18.64 32.37 -34.00
N THR G 304 -18.06 32.05 -32.84
CA THR G 304 -17.63 30.68 -32.60
C THR G 304 -18.83 29.76 -32.44
N LEU G 305 -19.86 30.23 -31.72
CA LEU G 305 -21.10 29.47 -31.64
C LEU G 305 -21.79 29.40 -33.00
N GLN G 306 -21.63 30.46 -33.81
CA GLN G 306 -22.24 30.45 -35.14
C GLN G 306 -21.68 29.32 -35.99
N ARG G 307 -20.38 29.05 -35.86
CA ARG G 307 -19.76 27.99 -36.66
C ARG G 307 -20.35 26.63 -36.31
N VAL G 308 -20.41 26.31 -35.02
CA VAL G 308 -20.98 25.03 -34.61
C VAL G 308 -22.47 24.98 -34.92
N SER G 309 -23.13 26.14 -34.92
CA SER G 309 -24.56 26.16 -35.23
C SER G 309 -24.85 25.59 -36.62
N GLU G 310 -23.90 25.73 -37.55
CA GLU G 310 -24.09 25.20 -38.89
C GLU G 310 -23.69 23.72 -38.97
N LYS G 311 -22.69 23.32 -38.19
CA LYS G 311 -22.17 21.95 -38.30
C LYS G 311 -23.21 20.94 -37.85
N LEU G 312 -23.81 21.13 -36.67
CA LEU G 312 -24.74 20.15 -36.15
C LEU G 312 -26.10 20.27 -36.83
N ARG G 313 -26.38 21.40 -37.48
CA ARG G 313 -27.65 21.58 -38.17
C ARG G 313 -27.84 20.52 -39.24
N GLU G 314 -26.81 20.31 -40.07
CA GLU G 314 -26.91 19.34 -41.15
C GLU G 314 -27.05 17.91 -40.66
N HIS G 315 -26.75 17.64 -39.39
CA HIS G 315 -26.92 16.32 -38.81
C HIS G 315 -28.32 16.11 -38.24
N PHE G 316 -29.17 17.14 -38.27
CA PHE G 316 -30.54 17.03 -37.77
C PHE G 316 -31.59 17.63 -38.70
N ASN G 317 -31.19 18.46 -39.67
CA ASN G 317 -32.10 19.02 -40.66
C ASN G 317 -33.22 19.84 -40.02
N LYS G 318 -32.94 20.51 -38.91
CA LYS G 318 -33.96 21.29 -38.22
C LYS G 318 -33.27 22.30 -37.31
N THR G 319 -34.01 23.35 -36.94
CA THR G 319 -33.45 24.45 -36.18
C THR G 319 -33.17 24.03 -34.74
N ILE G 320 -32.32 24.81 -34.07
CA ILE G 320 -31.72 24.42 -32.80
C ILE G 320 -31.81 25.58 -31.81
N ILE G 321 -31.62 25.24 -30.52
CA ILE G 321 -31.58 26.22 -29.45
C ILE G 321 -30.58 25.76 -28.39
N PHE G 322 -30.02 26.70 -27.64
CA PHE G 322 -29.19 26.43 -26.48
C PHE G 322 -29.94 26.90 -25.23
N ASN G 323 -29.61 26.32 -24.08
CA ASN G 323 -30.35 26.62 -22.85
C ASN G 323 -29.41 26.58 -21.66
N GLN G 324 -30.00 26.79 -20.47
CA GLN G 324 -29.22 27.05 -19.26
C GLN G 324 -28.50 25.83 -18.73
N SER G 325 -29.15 24.66 -18.72
CA SER G 325 -28.59 23.43 -18.18
C SER G 325 -28.62 23.43 -16.65
N SER G 326 -29.39 24.33 -16.04
CA SER G 326 -29.43 24.41 -14.58
C SER G 326 -30.26 23.26 -14.02
N GLY G 327 -30.46 23.29 -12.70
CA GLY G 327 -31.24 22.26 -12.04
C GLY G 327 -30.41 21.07 -11.61
N GLY G 328 -29.36 21.32 -10.83
CA GLY G 328 -28.49 20.25 -10.37
C GLY G 328 -27.80 20.56 -9.07
N ASP G 329 -26.79 19.77 -8.71
CA ASP G 329 -26.12 19.90 -7.43
C ASP G 329 -24.89 20.80 -7.53
N LEU G 330 -24.89 21.72 -8.51
CA LEU G 330 -23.86 22.75 -8.63
C LEU G 330 -22.48 22.18 -8.97
N GLU G 331 -22.39 20.87 -9.22
CA GLU G 331 -21.14 20.28 -9.67
C GLU G 331 -21.11 20.19 -11.19
N ILE G 332 -22.17 19.64 -11.78
CA ILE G 332 -22.23 19.49 -13.23
C ILE G 332 -22.89 20.68 -13.90
N THR G 333 -23.84 21.32 -13.23
CA THR G 333 -24.56 22.45 -13.84
C THR G 333 -23.66 23.66 -14.03
N THR G 334 -22.78 23.94 -13.06
CA THR G 334 -21.87 25.06 -13.16
C THR G 334 -20.62 24.66 -13.94
N HIS G 335 -19.93 25.67 -14.46
CA HIS G 335 -18.66 25.44 -15.15
C HIS G 335 -17.56 25.23 -14.12
N SER G 336 -17.40 24.00 -13.67
CA SER G 336 -16.45 23.64 -12.62
C SER G 336 -15.11 23.31 -13.27
N PHE G 337 -14.05 23.95 -12.79
CA PHE G 337 -12.71 23.67 -13.30
C PHE G 337 -11.68 24.08 -12.24
N ASN G 338 -10.42 23.84 -12.56
CA ASN G 338 -9.31 24.05 -11.64
C ASN G 338 -8.24 24.89 -12.32
N CYS G 339 -7.58 25.76 -11.54
CA CYS G 339 -6.54 26.61 -12.09
C CYS G 339 -5.74 27.26 -10.96
N GLY G 340 -4.44 27.35 -11.17
CA GLY G 340 -3.56 28.09 -10.28
C GLY G 340 -3.60 27.65 -8.84
N GLY G 341 -3.89 26.38 -8.60
CA GLY G 341 -4.01 25.88 -7.25
C GLY G 341 -5.29 26.27 -6.56
N GLU G 342 -6.26 26.82 -7.28
CA GLU G 342 -7.53 27.24 -6.72
C GLU G 342 -8.65 26.74 -7.62
N PHE G 343 -9.82 26.54 -7.02
CA PHE G 343 -10.97 25.97 -7.70
C PHE G 343 -12.02 27.03 -7.97
N PHE G 344 -12.81 26.80 -9.01
CA PHE G 344 -13.80 27.76 -9.47
C PHE G 344 -15.07 27.04 -9.89
N TYR G 345 -16.21 27.73 -9.73
CA TYR G 345 -17.51 27.20 -10.12
C TYR G 345 -18.35 28.37 -10.61
N CYS G 346 -18.44 28.55 -11.93
CA CYS G 346 -19.09 29.71 -12.51
C CYS G 346 -20.46 29.34 -13.07
N ASN G 347 -21.36 30.31 -13.04
CA ASN G 347 -22.70 30.12 -13.57
C ASN G 347 -22.66 29.71 -15.05
N THR G 348 -21.79 30.34 -15.82
CA THR G 348 -21.49 30.01 -17.22
C THR G 348 -22.70 29.99 -18.14
N SER G 349 -23.87 30.38 -17.65
CA SER G 349 -25.04 30.60 -18.49
C SER G 349 -25.83 31.81 -17.99
N ASP G 350 -25.12 32.73 -17.32
CA ASP G 350 -25.76 33.96 -16.86
C ASP G 350 -26.43 34.67 -18.03
N LEU G 351 -25.69 34.89 -19.10
CA LEU G 351 -26.23 35.09 -20.44
C LEU G 351 -25.42 34.37 -21.50
N PHE G 352 -24.60 33.38 -21.14
CA PHE G 352 -23.57 32.89 -22.03
C PHE G 352 -24.14 32.10 -23.21
N PHE G 353 -24.95 31.08 -22.96
CA PHE G 353 -25.48 30.33 -24.10
C PHE G 353 -26.83 30.86 -24.52
N ASN G 354 -27.89 30.47 -23.79
CA ASN G 354 -29.25 31.04 -23.86
C ASN G 354 -29.56 31.71 -25.19
N LYS G 355 -29.26 31.04 -26.31
CA LYS G 355 -29.46 31.69 -27.59
C LYS G 355 -29.69 30.66 -28.68
N THR G 356 -30.29 31.13 -29.77
CA THR G 356 -30.55 30.33 -30.96
C THR G 356 -30.12 31.13 -32.17
N PHE G 357 -29.81 30.43 -33.25
CA PHE G 357 -29.19 31.03 -34.43
C PHE G 357 -30.11 30.90 -35.64
N ASN G 358 -30.37 32.04 -36.29
CA ASN G 358 -31.02 32.02 -37.60
C ASN G 358 -29.97 31.87 -38.70
N GLU G 359 -28.87 32.60 -38.59
CA GLU G 359 -27.74 32.48 -39.50
C GLU G 359 -26.42 32.71 -38.75
N THR G 368 -18.08 44.12 -32.44
CA THR G 368 -17.49 45.24 -31.71
C THR G 368 -16.43 44.74 -30.74
N ASN G 369 -15.35 45.53 -30.59
CA ASN G 369 -14.31 45.19 -29.63
C ASN G 369 -14.86 45.34 -28.22
N SER G 370 -15.14 44.21 -27.57
CA SER G 370 -15.77 44.22 -26.26
C SER G 370 -15.55 42.87 -25.60
N THR G 371 -16.17 42.68 -24.44
CA THR G 371 -16.05 41.45 -23.69
C THR G 371 -17.32 41.19 -22.90
N ILE G 372 -17.59 39.91 -22.64
CA ILE G 372 -18.65 39.47 -21.75
C ILE G 372 -18.01 38.79 -20.55
N THR G 373 -18.61 39.01 -19.37
CA THR G 373 -18.01 38.59 -18.11
C THR G 373 -18.96 37.62 -17.42
N LEU G 374 -18.39 36.74 -16.59
CA LEU G 374 -19.12 35.69 -15.89
C LEU G 374 -18.95 35.83 -14.39
N PRO G 375 -20.03 35.88 -13.60
CA PRO G 375 -19.85 35.78 -12.15
C PRO G 375 -19.57 34.35 -11.73
N CYS G 376 -18.67 34.19 -10.77
CA CYS G 376 -18.17 32.87 -10.39
C CYS G 376 -18.10 32.75 -8.88
N ARG G 377 -17.99 31.51 -8.39
CA ARG G 377 -17.92 31.22 -6.97
C ARG G 377 -16.71 30.36 -6.67
N ILE G 378 -15.99 30.70 -5.59
CA ILE G 378 -14.95 29.81 -5.09
C ILE G 378 -15.55 28.83 -4.09
N LYS G 379 -14.98 27.63 -4.06
CA LYS G 379 -15.34 26.64 -3.04
C LYS G 379 -14.06 26.11 -2.43
N GLN G 380 -14.06 25.95 -1.10
CA GLN G 380 -12.84 25.56 -0.41
C GLN G 380 -12.64 24.06 -0.41
N ILE G 381 -13.71 23.28 -0.28
CA ILE G 381 -13.64 21.82 -0.27
C ILE G 381 -14.49 21.27 -1.41
N ILE G 382 -14.02 20.17 -1.99
CA ILE G 382 -14.60 19.63 -3.22
C ILE G 382 -14.86 18.14 -3.06
N ASN G 383 -15.63 17.59 -3.99
CA ASN G 383 -15.84 16.14 -4.12
C ASN G 383 -15.76 15.84 -5.61
N MET G 384 -14.54 15.54 -6.07
CA MET G 384 -14.26 15.37 -7.48
C MET G 384 -14.35 13.89 -7.86
N TRP G 385 -14.31 13.60 -9.17
CA TRP G 385 -14.49 12.25 -9.71
C TRP G 385 -15.87 11.71 -9.39
N GLN G 386 -16.85 12.61 -9.24
CA GLN G 386 -18.28 12.29 -9.18
C GLN G 386 -18.62 11.21 -8.15
N GLU G 387 -17.68 10.91 -7.25
CA GLU G 387 -17.85 9.81 -6.30
C GLU G 387 -18.14 10.38 -4.91
N VAL G 388 -18.41 9.50 -3.95
CA VAL G 388 -18.59 9.87 -2.55
C VAL G 388 -17.64 9.03 -1.73
N GLY G 389 -17.29 9.55 -0.55
CA GLY G 389 -16.28 8.93 0.29
C GLY G 389 -14.92 9.55 0.18
N ARG G 390 -14.74 10.57 -0.67
CA ARG G 390 -13.44 11.19 -0.87
C ARG G 390 -13.66 12.67 -1.19
N ALA G 391 -13.59 13.52 -0.17
CA ALA G 391 -13.64 14.96 -0.33
C ALA G 391 -12.35 15.54 0.23
N MET G 392 -11.96 16.71 -0.27
CA MET G 392 -10.65 17.26 0.05
C MET G 392 -10.74 18.77 0.22
N TYR G 393 -9.78 19.30 0.97
CA TYR G 393 -9.69 20.72 1.28
C TYR G 393 -8.48 21.32 0.57
N ALA G 394 -8.70 22.42 -0.15
CA ALA G 394 -7.63 23.09 -0.88
C ALA G 394 -7.23 24.36 -0.13
N PRO G 395 -6.04 24.43 0.45
CA PRO G 395 -5.63 25.67 1.13
C PRO G 395 -5.63 26.85 0.17
N PRO G 396 -5.91 28.06 0.66
CA PRO G 396 -6.00 29.21 -0.24
C PRO G 396 -4.64 29.56 -0.83
N ILE G 397 -4.68 30.15 -2.03
CA ILE G 397 -3.48 30.67 -2.65
C ILE G 397 -3.32 32.15 -2.26
N ALA G 398 -2.25 32.46 -1.54
CA ALA G 398 -2.00 33.83 -1.14
C ALA G 398 -1.75 34.71 -2.36
N GLY G 399 -2.32 35.90 -2.34
CA GLY G 399 -2.19 36.83 -3.45
C GLY G 399 -3.24 36.59 -4.53
N ASN G 400 -3.22 37.46 -5.52
CA ASN G 400 -4.18 37.39 -6.60
C ASN G 400 -3.69 36.44 -7.69
N ILE G 401 -4.64 35.86 -8.42
CA ILE G 401 -4.35 34.98 -9.56
C ILE G 401 -5.20 35.41 -10.74
N THR G 402 -4.69 35.14 -11.94
CA THR G 402 -5.29 35.61 -13.19
C THR G 402 -5.31 34.47 -14.20
N CYS G 403 -5.85 33.32 -13.78
CA CYS G 403 -5.92 32.14 -14.63
C CYS G 403 -6.32 32.49 -16.06
N LYS G 404 -5.50 32.04 -17.01
CA LYS G 404 -5.76 32.23 -18.43
C LYS G 404 -5.57 30.91 -19.14
N SER G 405 -6.50 30.57 -20.03
CA SER G 405 -6.48 29.27 -20.69
C SER G 405 -7.16 29.38 -22.05
N ASN G 406 -6.85 28.43 -22.92
CA ASN G 406 -7.55 28.27 -24.18
C ASN G 406 -8.78 27.39 -23.99
N ILE G 407 -9.73 27.53 -24.92
CA ILE G 407 -10.94 26.72 -24.93
C ILE G 407 -11.04 26.03 -26.29
N THR G 408 -11.29 24.71 -26.26
CA THR G 408 -11.29 23.92 -27.47
C THR G 408 -12.50 23.01 -27.65
N GLY G 409 -13.35 22.85 -26.65
CA GLY G 409 -14.47 21.94 -26.80
C GLY G 409 -15.60 22.26 -25.85
N LEU G 410 -16.79 21.75 -26.20
CA LEU G 410 -18.00 21.93 -25.43
C LEU G 410 -18.58 20.56 -25.12
N LEU G 411 -18.93 20.32 -23.85
CA LEU G 411 -19.66 19.11 -23.46
C LEU G 411 -21.17 19.37 -23.56
N LEU G 412 -21.61 19.59 -24.79
CA LEU G 412 -23.03 19.83 -25.03
C LEU G 412 -23.84 18.56 -24.81
N THR G 413 -25.11 18.74 -24.47
CA THR G 413 -26.05 17.64 -24.23
C THR G 413 -27.27 17.82 -25.13
N ARG G 414 -27.60 16.78 -25.88
CA ARG G 414 -28.85 16.75 -26.63
C ARG G 414 -29.99 16.47 -25.64
N ASP G 415 -30.78 17.50 -25.37
CA ASP G 415 -31.86 17.39 -24.40
C ASP G 415 -33.01 16.56 -24.98
N THR G 422 -40.16 19.62 -34.02
CA THR G 422 -40.30 21.06 -33.93
C THR G 422 -38.92 21.72 -33.99
N LYS G 423 -38.14 21.55 -32.91
CA LYS G 423 -36.77 22.04 -32.88
C LYS G 423 -36.02 21.28 -31.80
N GLU G 424 -34.70 21.26 -31.93
CA GLU G 424 -33.82 20.49 -31.06
C GLU G 424 -33.23 21.39 -29.99
N THR G 425 -33.22 20.90 -28.75
CA THR G 425 -32.76 21.67 -27.60
C THR G 425 -31.39 21.16 -27.16
N PHE G 426 -30.45 22.08 -26.98
CA PHE G 426 -29.11 21.76 -26.52
C PHE G 426 -28.87 22.42 -25.17
N ARG G 427 -28.05 21.77 -24.35
CA ARG G 427 -27.70 22.28 -23.03
C ARG G 427 -26.28 21.85 -22.69
N PRO G 428 -25.44 22.77 -22.24
CA PRO G 428 -24.06 22.38 -21.89
C PRO G 428 -24.04 21.49 -20.66
N GLY G 429 -22.99 20.68 -20.58
CA GLY G 429 -22.79 19.78 -19.45
C GLY G 429 -22.65 18.34 -19.87
N GLY G 430 -21.61 17.68 -19.36
CA GLY G 430 -21.39 16.28 -19.66
C GLY G 430 -22.19 15.36 -18.75
N GLY G 431 -21.98 14.06 -18.96
CA GLY G 431 -22.62 13.04 -18.15
C GLY G 431 -21.69 12.50 -17.09
N ASN G 432 -20.39 12.53 -17.39
CA ASN G 432 -19.35 12.12 -16.45
C ASN G 432 -18.12 12.96 -16.74
N MET G 433 -16.99 12.59 -16.14
CA MET G 433 -15.73 13.30 -16.36
C MET G 433 -14.75 12.53 -17.23
N ARG G 434 -15.01 11.26 -17.54
CA ARG G 434 -14.19 10.57 -18.53
C ARG G 434 -14.34 11.22 -19.91
N ASP G 435 -15.42 11.97 -20.12
CA ASP G 435 -15.65 12.60 -21.42
C ASP G 435 -14.52 13.57 -21.76
N ASN G 436 -13.93 14.22 -20.76
CA ASN G 436 -12.81 15.12 -21.00
C ASN G 436 -11.65 14.37 -21.64
N TRP G 437 -11.28 13.24 -21.04
CA TRP G 437 -10.17 12.45 -21.58
C TRP G 437 -10.52 11.85 -22.93
N ARG G 438 -11.77 11.43 -23.11
CA ARG G 438 -12.20 10.86 -24.38
C ARG G 438 -12.05 11.84 -25.53
N SER G 439 -11.96 13.13 -25.23
CA SER G 439 -11.79 14.14 -26.28
C SER G 439 -10.36 14.16 -26.81
N GLU G 440 -9.38 13.78 -26.00
CA GLU G 440 -7.97 13.90 -26.37
C GLU G 440 -7.40 12.61 -26.95
N LEU G 441 -7.82 11.46 -26.42
CA LEU G 441 -7.24 10.18 -26.80
C LEU G 441 -8.01 9.48 -27.92
N TYR G 442 -8.91 10.18 -28.62
CA TYR G 442 -9.69 9.55 -29.69
C TYR G 442 -8.81 9.12 -30.86
N LYS G 443 -7.74 9.86 -31.14
CA LYS G 443 -6.86 9.54 -32.26
C LYS G 443 -5.79 8.51 -31.91
N TYR G 444 -6.03 7.66 -30.91
CA TYR G 444 -5.10 6.59 -30.58
C TYR G 444 -5.87 5.33 -30.26
N LYS G 445 -5.25 4.18 -30.55
CA LYS G 445 -5.77 2.89 -30.13
C LYS G 445 -4.60 1.95 -29.91
N VAL G 446 -4.53 1.36 -28.71
CA VAL G 446 -3.46 0.44 -28.41
C VAL G 446 -3.65 -0.83 -29.23
N VAL G 447 -2.54 -1.37 -29.74
CA VAL G 447 -2.59 -2.56 -30.58
C VAL G 447 -1.35 -3.40 -30.32
N GLU G 448 -1.51 -4.72 -30.41
CA GLU G 448 -0.41 -5.65 -30.29
C GLU G 448 0.06 -6.07 -31.68
N VAL G 449 1.36 -6.30 -31.81
CA VAL G 449 1.97 -6.73 -33.06
C VAL G 449 2.36 -8.20 -32.92
N LYS G 450 1.98 -9.01 -33.90
CA LYS G 450 2.24 -10.44 -33.92
C LYS G 450 3.25 -10.73 -35.01
N PRO G 451 4.54 -10.91 -34.68
CA PRO G 451 5.56 -11.04 -35.73
C PRO G 451 5.69 -12.44 -36.31
N LEU G 452 4.72 -13.31 -36.05
CA LEU G 452 4.72 -14.68 -36.57
C LEU G 452 3.65 -14.83 -37.65
N GLY G 453 4.08 -15.28 -38.83
CA GLY G 453 3.14 -15.60 -39.90
C GLY G 453 3.65 -16.71 -40.79
N ILE G 454 2.81 -17.71 -41.03
CA ILE G 454 3.18 -18.83 -41.89
C ILE G 454 2.68 -18.57 -43.30
N ALA G 455 3.49 -18.94 -44.30
CA ALA G 455 3.12 -18.77 -45.69
C ALA G 455 3.83 -19.82 -46.52
N PRO G 456 3.17 -20.41 -47.52
CA PRO G 456 3.83 -21.43 -48.33
C PRO G 456 4.97 -20.85 -49.17
N THR G 457 5.99 -21.68 -49.42
CA THR G 457 7.11 -21.28 -50.25
C THR G 457 7.68 -22.54 -50.90
N GLU G 458 8.41 -22.33 -52.00
CA GLU G 458 8.83 -23.45 -52.84
C GLU G 458 9.94 -24.30 -52.23
N CYS G 459 10.69 -23.77 -51.27
CA CYS G 459 11.92 -24.43 -50.85
C CYS G 459 11.65 -25.47 -49.76
N ASN G 460 12.69 -26.25 -49.47
CA ASN G 460 12.76 -27.12 -48.30
C ASN G 460 14.19 -27.08 -47.77
N ARG G 461 14.35 -27.48 -46.51
CA ARG G 461 15.65 -27.39 -45.87
C ARG G 461 16.71 -28.18 -46.64
N THR G 462 17.88 -27.57 -46.79
CA THR G 462 18.98 -28.19 -47.51
C THR G 462 19.58 -29.35 -46.71
N VAL H 2 12.16 -0.99 -22.82
CA VAL H 2 11.64 0.35 -23.21
C VAL H 2 11.87 0.57 -24.71
N VAL H 3 13.10 0.37 -25.14
CA VAL H 3 13.52 0.63 -26.53
C VAL H 3 14.09 -0.62 -27.18
N GLY H 4 14.94 -1.35 -26.46
CA GLY H 4 15.69 -2.44 -27.09
C GLY H 4 14.79 -3.50 -27.71
N LEU H 5 13.77 -3.94 -26.98
CA LEU H 5 12.88 -4.98 -27.46
C LEU H 5 11.71 -4.46 -28.26
N GLY H 6 11.62 -3.15 -28.49
CA GLY H 6 10.50 -2.57 -29.21
C GLY H 6 10.91 -1.89 -30.50
N ALA H 7 12.20 -1.63 -30.68
CA ALA H 7 12.67 -0.97 -31.89
C ALA H 7 12.40 -1.83 -33.12
N VAL H 8 12.73 -3.12 -33.04
CA VAL H 8 12.52 -4.00 -34.19
C VAL H 8 11.04 -4.19 -34.47
N PHE H 9 10.21 -4.22 -33.43
CA PHE H 9 8.77 -4.43 -33.64
C PHE H 9 8.16 -3.30 -34.45
N LEU H 10 8.57 -2.06 -34.19
CA LEU H 10 8.06 -0.94 -34.98
C LEU H 10 8.45 -1.07 -36.44
N GLY H 11 9.70 -1.46 -36.71
CA GLY H 11 10.13 -1.62 -38.09
C GLY H 11 9.33 -2.68 -38.81
N PHE H 12 8.98 -3.76 -38.11
CA PHE H 12 8.15 -4.80 -38.72
C PHE H 12 6.79 -4.25 -39.15
N LEU H 13 6.19 -3.43 -38.31
CA LEU H 13 4.89 -2.82 -38.63
C LEU H 13 4.97 -1.91 -39.84
N GLY H 14 6.14 -1.39 -40.17
CA GLY H 14 6.25 -0.49 -41.29
C GLY H 14 6.00 -1.19 -42.61
N ALA H 15 5.51 -0.42 -43.58
CA ALA H 15 5.23 -0.91 -44.93
C ALA H 15 4.24 -2.07 -44.91
N ALA H 16 3.34 -2.08 -43.93
CA ALA H 16 2.33 -3.14 -43.87
C ALA H 16 1.36 -3.06 -45.04
N GLY H 17 1.15 -1.86 -45.59
CA GLY H 17 0.21 -1.69 -46.68
C GLY H 17 0.67 -2.27 -48.01
N SER H 18 1.95 -2.60 -48.13
CA SER H 18 2.44 -3.24 -49.34
C SER H 18 2.10 -4.72 -49.33
N THR H 19 1.95 -5.28 -50.53
CA THR H 19 1.77 -6.71 -50.66
C THR H 19 3.10 -7.40 -50.34
N MET H 20 3.02 -8.72 -50.15
CA MET H 20 4.19 -9.47 -49.71
C MET H 20 5.34 -9.36 -50.72
N GLY H 21 5.03 -9.35 -52.01
CA GLY H 21 6.08 -9.30 -53.01
C GLY H 21 6.93 -8.05 -52.90
N ALA H 22 6.30 -6.90 -52.77
CA ALA H 22 7.02 -5.65 -52.53
C ALA H 22 7.62 -5.63 -51.13
N ALA H 23 6.99 -6.34 -50.20
CA ALA H 23 7.39 -6.26 -48.80
C ALA H 23 8.76 -6.89 -48.57
N SER H 24 9.11 -7.89 -49.39
CA SER H 24 10.38 -8.59 -49.20
C SER H 24 11.56 -7.65 -49.31
N ASN H 25 11.75 -7.06 -50.49
CA ASN H 25 12.85 -6.13 -50.70
C ASN H 25 12.58 -4.77 -50.05
N THR H 26 11.31 -4.42 -49.84
CA THR H 26 11.00 -3.11 -49.26
C THR H 26 11.55 -2.98 -47.84
N LEU H 27 11.70 -4.10 -47.13
CA LEU H 27 12.19 -4.04 -45.76
C LEU H 27 13.60 -3.44 -45.67
N THR H 28 14.40 -3.58 -46.73
CA THR H 28 15.73 -2.99 -46.74
C THR H 28 15.69 -1.47 -46.89
N VAL H 29 14.55 -0.91 -47.29
CA VAL H 29 14.43 0.54 -47.43
C VAL H 29 14.52 1.27 -46.09
N GLN H 30 14.42 0.55 -44.98
CA GLN H 30 14.59 1.17 -43.67
C GLN H 30 15.93 1.89 -43.56
N ALA H 31 16.96 1.39 -44.25
CA ALA H 31 18.27 2.03 -44.27
C ALA H 31 18.83 2.25 -45.68
N ARG H 32 18.49 1.43 -46.66
CA ARG H 32 18.98 1.60 -48.01
C ARG H 32 18.38 2.84 -48.66
N LEU H 58 8.85 2.24 -5.36
CA LEU H 58 7.42 1.96 -5.23
C LEU H 58 6.60 3.12 -5.78
N GLY H 59 5.29 3.07 -5.54
CA GLY H 59 4.38 4.07 -6.06
C GLY H 59 3.59 3.58 -7.26
N VAL H 60 2.51 4.30 -7.55
CA VAL H 60 1.61 3.88 -8.62
C VAL H 60 2.34 3.87 -9.97
N TRP H 61 3.03 4.97 -10.28
CA TRP H 61 3.69 5.08 -11.57
C TRP H 61 5.06 4.44 -11.60
N GLY H 62 5.46 3.78 -10.50
CA GLY H 62 6.61 2.91 -10.51
C GLY H 62 6.20 1.47 -10.68
N PHE H 63 5.17 1.05 -9.94
CA PHE H 63 4.64 -0.30 -10.07
C PHE H 63 4.05 -0.53 -11.45
N LYS H 64 3.32 0.45 -11.97
CA LYS H 64 2.76 0.33 -13.31
C LYS H 64 3.87 0.17 -14.34
N GLN H 65 4.96 0.91 -14.17
CA GLN H 65 6.10 0.77 -15.08
C GLN H 65 6.73 -0.61 -14.97
N LEU H 66 6.68 -1.23 -13.80
CA LEU H 66 7.23 -2.57 -13.63
C LEU H 66 6.44 -3.59 -14.45
N GLN H 67 5.11 -3.51 -14.40
CA GLN H 67 4.29 -4.43 -15.16
C GLN H 67 4.53 -4.30 -16.65
N ALA H 68 4.77 -3.07 -17.13
CA ALA H 68 5.06 -2.87 -18.54
C ALA H 68 6.38 -3.53 -18.92
N ARG H 69 7.41 -3.35 -18.09
CA ARG H 69 8.72 -3.89 -18.41
C ARG H 69 8.71 -5.42 -18.40
N VAL H 70 8.01 -6.01 -17.44
CA VAL H 70 7.91 -7.47 -17.37
C VAL H 70 7.11 -8.01 -18.55
N LEU H 71 5.97 -7.37 -18.84
CA LEU H 71 5.11 -7.87 -19.90
C LEU H 71 5.80 -7.79 -21.25
N ALA H 72 6.60 -6.75 -21.47
CA ALA H 72 7.29 -6.61 -22.75
C ALA H 72 8.20 -7.80 -23.02
N ILE H 73 8.87 -8.31 -21.97
CA ILE H 73 9.71 -9.48 -22.13
C ILE H 73 8.87 -10.69 -22.55
N GLU H 74 7.70 -10.85 -21.94
CA GLU H 74 6.85 -11.99 -22.26
C GLU H 74 6.38 -11.99 -23.71
N ARG H 75 6.37 -10.85 -24.38
CA ARG H 75 6.05 -10.80 -25.81
C ARG H 75 7.22 -11.23 -26.67
N TYR H 76 8.43 -10.71 -26.41
CA TYR H 76 9.59 -11.15 -27.16
C TYR H 76 9.90 -12.62 -26.90
N LEU H 77 9.81 -13.03 -25.64
CA LEU H 77 10.19 -14.40 -25.29
C LEU H 77 9.27 -15.41 -25.95
N GLU H 78 7.99 -15.09 -26.10
CA GLU H 78 7.07 -15.99 -26.78
C GLU H 78 7.48 -16.15 -28.24
N VAL H 79 7.53 -15.04 -28.98
CA VAL H 79 7.78 -15.13 -30.42
C VAL H 79 9.13 -15.76 -30.71
N GLN H 80 10.12 -15.60 -29.83
CA GLN H 80 11.40 -16.27 -30.02
C GLN H 80 11.32 -17.73 -29.60
N GLN H 81 10.59 -18.03 -28.53
CA GLN H 81 10.53 -19.41 -28.03
C GLN H 81 9.82 -20.33 -29.01
N LEU H 82 8.83 -19.82 -29.75
CA LEU H 82 8.17 -20.63 -30.76
C LEU H 82 9.15 -21.11 -31.82
N LEU H 83 10.07 -20.22 -32.23
CA LEU H 83 11.05 -20.60 -33.24
C LEU H 83 11.90 -21.78 -32.79
N GLY H 84 12.30 -21.80 -31.52
CA GLY H 84 13.06 -22.94 -31.02
C GLY H 84 12.30 -24.24 -31.16
N MET H 85 10.99 -24.21 -30.91
CA MET H 85 10.18 -25.41 -31.09
C MET H 85 10.09 -25.81 -32.55
N TRP H 86 10.17 -24.84 -33.47
CA TRP H 86 10.06 -25.09 -34.89
C TRP H 86 11.41 -25.23 -35.58
N GLY H 87 12.50 -25.17 -34.83
CA GLY H 87 13.82 -25.20 -35.45
C GLY H 87 14.07 -24.04 -36.38
N CYS H 88 13.56 -22.85 -36.05
CA CYS H 88 13.67 -21.65 -36.86
C CYS H 88 14.42 -20.56 -36.12
N SER H 89 15.48 -20.94 -35.41
CA SER H 89 16.12 -20.03 -34.49
C SER H 89 17.02 -19.03 -35.20
N GLY H 90 17.07 -17.82 -34.66
CA GLY H 90 18.07 -16.84 -35.03
C GLY H 90 17.74 -15.99 -36.25
N LYS H 91 17.82 -16.59 -37.44
CA LYS H 91 17.66 -15.81 -38.66
C LYS H 91 16.19 -15.45 -38.87
N LEU H 92 15.99 -14.36 -39.63
CA LEU H 92 14.65 -13.84 -39.90
C LEU H 92 13.80 -14.88 -40.62
N ILE H 93 14.18 -15.23 -41.85
CA ILE H 93 13.45 -16.24 -42.61
C ILE H 93 14.15 -17.58 -42.46
N CYS H 94 13.36 -18.65 -42.49
CA CYS H 94 13.89 -20.00 -42.40
C CYS H 94 13.06 -20.93 -43.27
N CYS H 95 13.74 -21.67 -44.13
CA CYS H 95 13.08 -22.73 -44.89
C CYS H 95 12.81 -23.92 -43.97
N THR H 96 11.72 -24.63 -44.25
CA THR H 96 11.24 -25.67 -43.36
C THR H 96 10.90 -26.91 -44.18
N ASN H 97 10.61 -28.00 -43.46
CA ASN H 97 10.26 -29.29 -44.05
C ASN H 97 8.95 -29.77 -43.45
N VAL H 98 7.84 -29.52 -44.15
CA VAL H 98 6.54 -30.01 -43.73
C VAL H 98 5.59 -29.83 -44.92
N PRO H 99 4.77 -30.82 -45.28
CA PRO H 99 3.94 -30.68 -46.48
C PRO H 99 2.91 -29.57 -46.32
N TRP H 100 2.62 -28.89 -47.44
CA TRP H 100 1.59 -27.86 -47.47
C TRP H 100 0.22 -28.51 -47.56
N ASN H 101 -0.57 -28.41 -46.49
CA ASN H 101 -1.92 -28.97 -46.45
C ASN H 101 -2.80 -28.09 -47.34
N SER H 102 -2.71 -28.35 -48.65
CA SER H 102 -3.29 -27.46 -49.65
C SER H 102 -4.79 -27.29 -49.52
N SER H 103 -5.45 -28.09 -48.68
CA SER H 103 -6.87 -27.88 -48.40
C SER H 103 -7.13 -26.54 -47.72
N TRP H 104 -6.10 -25.90 -47.17
CA TRP H 104 -6.30 -24.60 -46.54
C TRP H 104 -6.76 -23.55 -47.54
N SER H 105 -6.28 -23.62 -48.78
CA SER H 105 -6.56 -22.59 -49.76
C SER H 105 -6.32 -23.08 -51.19
N ASN H 106 -7.24 -22.78 -52.10
CA ASN H 106 -6.99 -23.04 -53.51
C ASN H 106 -5.78 -22.25 -53.99
N LYS H 107 -5.70 -20.98 -53.59
CA LYS H 107 -4.63 -20.11 -54.06
C LYS H 107 -3.28 -20.60 -53.54
N THR H 108 -2.26 -20.50 -54.39
CA THR H 108 -0.89 -20.85 -54.05
C THR H 108 0.01 -19.62 -54.21
N TYR H 109 1.32 -19.86 -54.10
CA TYR H 109 2.30 -18.78 -54.12
C TYR H 109 2.11 -17.82 -55.30
N ASN H 110 1.83 -18.38 -56.48
CA ASN H 110 1.83 -17.58 -57.70
C ASN H 110 0.66 -16.61 -57.80
N GLU H 111 -0.34 -16.69 -56.92
CA GLU H 111 -1.48 -15.77 -56.97
C GLU H 111 -1.79 -15.11 -55.64
N ILE H 112 -1.31 -15.62 -54.51
CA ILE H 112 -1.55 -14.98 -53.23
C ILE H 112 -0.46 -13.97 -52.92
N TRP H 113 0.71 -14.15 -53.53
CA TRP H 113 1.92 -13.47 -53.09
C TRP H 113 1.97 -12.02 -53.56
N ASP H 114 1.39 -11.71 -54.72
CA ASP H 114 1.39 -10.36 -55.26
C ASP H 114 0.02 -9.70 -55.28
N ASN H 115 -1.00 -10.33 -54.67
CA ASN H 115 -2.37 -9.81 -54.69
C ASN H 115 -2.93 -9.51 -53.32
N MET H 116 -2.21 -9.82 -52.24
CA MET H 116 -2.78 -9.76 -50.90
C MET H 116 -1.76 -9.22 -49.92
N THR H 117 -2.28 -8.67 -48.82
CA THR H 117 -1.46 -8.16 -47.73
C THR H 117 -1.54 -9.12 -46.55
N TRP H 118 -0.64 -8.94 -45.58
CA TRP H 118 -0.55 -9.86 -44.46
C TRP H 118 -1.83 -9.87 -43.62
N MET H 119 -2.42 -8.69 -43.40
CA MET H 119 -3.64 -8.63 -42.60
C MET H 119 -4.75 -9.44 -43.24
N GLN H 120 -4.92 -9.33 -44.56
CA GLN H 120 -5.88 -10.16 -45.27
C GLN H 120 -5.51 -11.63 -45.17
N TRP H 121 -4.22 -11.95 -45.29
CA TRP H 121 -3.78 -13.34 -45.19
C TRP H 121 -4.10 -13.93 -43.83
N ASP H 122 -3.88 -13.16 -42.77
CA ASP H 122 -4.13 -13.67 -41.41
C ASP H 122 -5.60 -13.95 -41.19
N ARG H 123 -6.48 -13.09 -41.73
CA ARG H 123 -7.90 -13.21 -41.41
C ARG H 123 -8.49 -14.53 -41.89
N GLU H 124 -8.11 -14.98 -43.09
CA GLU H 124 -8.63 -16.22 -43.63
C GLU H 124 -7.78 -17.44 -43.29
N ILE H 125 -6.61 -17.25 -42.69
CA ILE H 125 -5.75 -18.36 -42.33
C ILE H 125 -5.70 -18.58 -40.81
N GLY H 126 -6.16 -17.61 -40.03
CA GLY H 126 -6.06 -17.73 -38.58
C GLY H 126 -6.81 -18.92 -38.02
N ASN H 127 -7.80 -19.43 -38.78
CA ASN H 127 -8.58 -20.56 -38.31
C ASN H 127 -7.71 -21.80 -38.12
N TYR H 128 -6.77 -22.02 -39.05
CA TYR H 128 -5.99 -23.26 -39.04
C TYR H 128 -4.73 -23.16 -38.19
N THR H 129 -4.35 -21.94 -37.78
CA THR H 129 -2.98 -21.68 -37.35
C THR H 129 -2.52 -22.65 -36.25
N ASP H 130 -3.38 -22.90 -35.25
CA ASP H 130 -2.94 -23.72 -34.13
C ASP H 130 -2.58 -25.14 -34.57
N THR H 131 -3.27 -25.67 -35.58
CA THR H 131 -2.96 -27.01 -36.06
C THR H 131 -1.57 -27.07 -36.70
N ILE H 132 -1.21 -26.04 -37.47
CA ILE H 132 0.08 -26.03 -38.13
C ILE H 132 1.20 -26.01 -37.10
N TYR H 133 1.03 -25.27 -36.01
CA TYR H 133 2.07 -25.20 -34.99
C TYR H 133 2.35 -26.58 -34.41
N LYS H 134 1.30 -27.35 -34.12
CA LYS H 134 1.48 -28.71 -33.65
C LYS H 134 2.08 -29.60 -34.74
N LEU H 135 1.59 -29.46 -35.97
CA LEU H 135 2.17 -30.20 -37.08
C LEU H 135 3.62 -29.79 -37.31
N LEU H 136 3.91 -28.49 -37.21
CA LEU H 136 5.28 -28.03 -37.37
C LEU H 136 6.13 -28.45 -36.18
N GLU H 137 5.51 -28.61 -35.00
CA GLU H 137 6.24 -29.06 -33.84
C GLU H 137 6.75 -30.48 -34.04
N VAL H 138 5.85 -31.40 -34.41
CA VAL H 138 6.25 -32.79 -34.60
C VAL H 138 7.21 -32.92 -35.78
N SER H 139 6.98 -32.13 -36.84
CA SER H 139 7.87 -32.18 -37.99
C SER H 139 9.29 -31.79 -37.60
N GLN H 140 9.45 -30.75 -36.78
CA GLN H 140 10.76 -30.38 -36.30
C GLN H 140 11.35 -31.46 -35.42
N PHE H 141 10.53 -32.06 -34.54
CA PHE H 141 11.03 -33.09 -33.63
C PHE H 141 11.55 -34.29 -34.42
N GLN H 142 10.72 -34.84 -35.31
CA GLN H 142 11.14 -36.01 -36.07
C GLN H 142 12.34 -35.70 -36.95
N GLN H 143 12.42 -34.47 -37.47
CA GLN H 143 13.56 -34.12 -38.31
C GLN H 143 14.87 -34.21 -37.55
N GLU H 144 14.90 -33.67 -36.32
CA GLU H 144 16.13 -33.70 -35.55
C GLU H 144 16.43 -35.10 -35.00
N ILE H 145 15.39 -35.87 -34.70
CA ILE H 145 15.61 -37.22 -34.21
C ILE H 145 15.86 -38.19 -35.36
N ASN H 146 15.20 -37.97 -36.51
CA ASN H 146 15.60 -38.72 -37.70
C ASN H 146 17.01 -38.36 -38.12
N GLU H 147 17.43 -37.11 -37.87
CA GLU H 147 18.84 -36.79 -37.99
C GLU H 147 19.66 -37.57 -36.97
N LYS H 148 19.15 -37.69 -35.74
CA LYS H 148 19.81 -38.55 -34.77
C LYS H 148 19.81 -40.00 -35.23
N ASP H 149 18.77 -40.44 -35.96
CA ASP H 149 18.80 -41.74 -36.59
C ASP H 149 19.87 -41.83 -37.67
N ASN H 150 20.31 -40.70 -38.23
CA ASN H 150 21.46 -40.70 -39.13
C ASN H 150 22.76 -40.68 -38.34
N LEU H 151 22.78 -40.01 -37.19
CA LEU H 151 23.97 -40.04 -36.34
C LEU H 151 24.17 -41.41 -35.70
N THR H 152 23.08 -42.13 -35.43
CA THR H 152 23.14 -43.42 -34.76
C THR H 152 23.17 -44.59 -35.73
N LEU H 153 23.23 -44.35 -37.04
CA LEU H 153 23.26 -45.44 -38.01
C LEU H 153 24.53 -46.28 -37.82
#